data_5E6Y
#
_entry.id   5E6Y
#
_cell.length_a   92.024
_cell.length_b   103.808
_cell.length_c   186.080
_cell.angle_alpha   90.00
_cell.angle_beta   91.97
_cell.angle_gamma   90.00
#
_symmetry.space_group_name_H-M   'P 1 21 1'
#
loop_
_entity.id
_entity.type
_entity.pdbx_description
1 polymer '1,4-alpha-glucan branching enzyme GlgB'
2 branched Cyclohexakis-(1-4)-(alpha-D-glucopyranose)
3 non-polymer GLYCEROL
4 water water
#
_entity_poly.entity_id   1
_entity_poly.type   'polypeptide(L)'
_entity_poly.pdbx_seq_one_letter_code
;THLRPYETLGAHADTMDGVTGTRFSVWAPNARRVSVVGQFNYWDGRRHPMRLRKESGIWELFIPGAHNGQLYKYEMIDAN
GNLRLKSDPYAFEAQMRPETASLICGLPEKVVQTEERKKANQFDAPISIYEVHLGSWRRHTDNNFWLSYRELADQLVPYA
KWMGFTHLELLPINEHPFDGSWGYQPTGLYAPTRRFGTRDDFRYFIDAAHAAGLNVILDWVPGHFPTDDFALAEFDGTNL
YEHSDPREGYHQDWNTLIYNYGRREVSNFLVGNALYWIERFGIDALRVDAVASMIYRDYSRKEGEWIPNEFGGRENLEAI
EFLRNTNRILGEQVSGAVTMAEESTDFPGVSRPQDMGGLGFWYKWNLGWMHDTLDYMKLDPVYRQYHHDKLTFGILYNYT
ENFVLPLSHDEVVHGKKSILDRMPGDAWQKFANLRAYYGWMWAFPGKKLLFMGNEFAQGREWNHDASLDWHLLEGGDNWH
HGVQRLVRDLNLTYRHHKAMHELDFDPYGFEWLVVDDKERSVLIFVRRDKEGNEIIVASNFTPVPRHDYRFGINQPGKWR
EILNTDSMHYHGSNAGNGGTVHSDEIASHGRQHSLSLTLPPLATIWLVREAE
;
_entity_poly.pdbx_strand_id   A,B,C,D
#
# COMPACT_ATOMS: atom_id res chain seq x y z
N THR A 1 -40.42 -15.61 -13.76
CA THR A 1 -41.55 -15.49 -12.86
C THR A 1 -41.72 -14.06 -12.38
N HIS A 2 -42.94 -13.69 -11.99
CA HIS A 2 -43.21 -12.38 -11.42
C HIS A 2 -43.14 -12.47 -9.90
N LEU A 3 -41.93 -12.26 -9.37
CA LEU A 3 -41.60 -12.68 -8.02
C LEU A 3 -40.63 -11.71 -7.34
N ARG A 4 -39.66 -11.21 -8.10
CA ARG A 4 -38.66 -10.30 -7.56
C ARG A 4 -38.71 -8.94 -8.25
N PRO A 5 -39.68 -8.09 -7.84
CA PRO A 5 -39.87 -6.76 -8.44
C PRO A 5 -38.74 -5.79 -8.16
N TYR A 6 -37.79 -6.16 -7.33
CA TYR A 6 -36.62 -5.31 -7.07
C TYR A 6 -35.54 -5.50 -8.13
N GLU A 7 -35.60 -6.62 -8.85
CA GLU A 7 -34.64 -6.92 -9.92
C GLU A 7 -34.91 -6.14 -11.21
N THR A 8 -36.12 -5.58 -11.33
CA THR A 8 -36.53 -4.90 -12.56
C THR A 8 -36.99 -3.44 -12.36
N LEU A 9 -37.74 -3.16 -11.30
CA LEU A 9 -38.16 -1.79 -10.99
C LEU A 9 -37.00 -0.96 -10.45
N GLY A 10 -37.31 -0.02 -9.56
CA GLY A 10 -36.28 0.74 -8.86
C GLY A 10 -35.50 1.74 -9.70
N ALA A 11 -34.19 1.53 -9.78
CA ALA A 11 -33.30 2.47 -10.46
C ALA A 11 -31.98 1.82 -10.85
N HIS A 12 -32.02 0.93 -11.84
CA HIS A 12 -30.88 0.10 -12.21
C HIS A 12 -29.94 0.77 -13.19
N ALA A 13 -28.88 0.06 -13.57
CA ALA A 13 -27.94 0.54 -14.55
C ALA A 13 -28.00 -0.35 -15.79
N ASP A 14 -28.39 0.22 -16.92
CA ASP A 14 -28.50 -0.53 -18.17
C ASP A 14 -27.70 0.17 -19.26
N THR A 15 -27.50 -0.53 -20.38
CA THR A 15 -26.86 0.06 -21.55
C THR A 15 -27.83 0.08 -22.75
N MET A 16 -27.69 1.10 -23.59
CA MET A 16 -28.48 1.18 -24.82
C MET A 16 -27.54 1.40 -26.01
N ASP A 17 -26.75 0.37 -26.31
CA ASP A 17 -25.73 0.40 -27.37
C ASP A 17 -24.67 1.45 -27.13
N GLY A 18 -23.56 1.05 -26.52
CA GLY A 18 -22.43 1.94 -26.31
C GLY A 18 -22.70 3.03 -25.29
N VAL A 19 -23.69 3.86 -25.56
CA VAL A 19 -24.09 4.88 -24.61
C VAL A 19 -24.68 4.25 -23.35
N THR A 20 -24.08 4.60 -22.19
CA THR A 20 -24.46 3.99 -20.92
C THR A 20 -25.36 4.90 -20.10
N GLY A 21 -26.09 4.33 -19.15
CA GLY A 21 -27.01 5.11 -18.34
C GLY A 21 -27.80 4.33 -17.31
N THR A 22 -28.97 4.87 -16.96
CA THR A 22 -29.73 4.43 -15.80
C THR A 22 -31.22 4.15 -16.13
N ARG A 23 -31.57 2.86 -16.25
CA ARG A 23 -32.93 2.48 -16.64
C ARG A 23 -33.94 2.54 -15.49
N PHE A 24 -34.60 3.69 -15.35
CA PHE A 24 -35.59 3.90 -14.30
C PHE A 24 -36.90 3.13 -14.50
N SER A 25 -37.61 2.86 -13.41
CA SER A 25 -38.92 2.22 -13.44
C SER A 25 -39.71 2.49 -12.15
N VAL A 26 -40.86 3.14 -12.29
CA VAL A 26 -41.76 3.41 -11.17
C VAL A 26 -43.05 2.61 -11.33
N TRP A 27 -44.04 2.86 -10.49
CA TRP A 27 -45.32 2.15 -10.60
C TRP A 27 -46.51 3.02 -10.20
N ALA A 28 -47.34 3.33 -11.18
CA ALA A 28 -48.59 4.06 -10.97
C ALA A 28 -49.59 3.67 -12.06
N PRO A 29 -50.77 3.19 -11.64
CA PRO A 29 -51.81 2.76 -12.59
C PRO A 29 -52.63 3.94 -13.12
N ASN A 30 -52.78 4.98 -12.31
CA ASN A 30 -53.50 6.20 -12.72
C ASN A 30 -52.54 7.33 -13.07
N ALA A 31 -52.23 8.17 -12.08
CA ALA A 31 -51.20 9.20 -12.21
C ALA A 31 -51.44 10.26 -13.28
N ARG A 32 -51.22 9.90 -14.54
CA ARG A 32 -51.15 10.86 -15.64
C ARG A 32 -49.96 11.82 -15.48
N ARG A 33 -48.88 11.52 -16.20
CA ARG A 33 -47.62 12.27 -16.21
C ARG A 33 -46.78 12.14 -14.94
N VAL A 34 -45.77 11.28 -14.99
CA VAL A 34 -44.74 11.19 -13.95
C VAL A 34 -43.36 11.31 -14.60
N SER A 35 -42.46 12.04 -13.96
CA SER A 35 -41.12 12.23 -14.50
C SER A 35 -40.03 12.22 -13.42
N VAL A 36 -38.80 12.49 -13.84
CA VAL A 36 -37.63 12.28 -13.00
C VAL A 36 -36.81 13.54 -12.75
N VAL A 37 -36.58 13.86 -11.48
CA VAL A 37 -35.74 15.00 -11.11
C VAL A 37 -34.39 14.55 -10.55
N GLY A 38 -33.58 15.51 -10.11
CA GLY A 38 -32.28 15.19 -9.53
C GLY A 38 -31.15 16.11 -9.96
N GLN A 39 -29.92 15.66 -9.75
CA GLN A 39 -28.73 16.47 -10.01
C GLN A 39 -28.28 16.38 -11.47
N PHE A 40 -28.69 15.30 -12.12
CA PHE A 40 -28.44 15.08 -13.55
C PHE A 40 -29.52 15.78 -14.36
N ASN A 41 -30.48 16.37 -13.65
CA ASN A 41 -31.70 16.87 -14.26
C ASN A 41 -32.15 18.20 -13.66
N TYR A 42 -31.25 18.84 -12.92
CA TYR A 42 -31.52 20.17 -12.36
C TYR A 42 -32.79 20.25 -11.49
N TRP A 43 -33.33 19.10 -11.09
CA TRP A 43 -34.55 19.02 -10.27
C TRP A 43 -35.80 19.63 -10.93
N ASP A 44 -35.85 19.56 -12.27
CA ASP A 44 -36.97 20.11 -13.04
C ASP A 44 -37.57 19.03 -13.93
N GLY A 45 -38.89 18.89 -13.90
CA GLY A 45 -39.58 17.81 -14.59
C GLY A 45 -39.70 17.91 -16.10
N ARG A 46 -39.39 19.10 -16.64
CA ARG A 46 -39.52 19.31 -18.08
C ARG A 46 -38.18 19.16 -18.81
N ARG A 47 -37.27 18.40 -18.23
CA ARG A 47 -36.01 18.08 -18.89
C ARG A 47 -35.97 16.60 -19.25
N HIS A 48 -36.51 15.77 -18.35
CA HIS A 48 -36.68 14.36 -18.60
C HIS A 48 -38.06 13.85 -18.16
N PRO A 49 -39.07 13.98 -19.04
CA PRO A 49 -40.37 13.34 -18.80
C PRO A 49 -40.29 11.82 -19.02
N MET A 50 -41.09 11.04 -18.28
CA MET A 50 -41.02 9.58 -18.37
C MET A 50 -42.21 8.96 -19.09
N ARG A 51 -41.96 7.92 -19.89
CA ARG A 51 -42.99 7.27 -20.69
C ARG A 51 -43.62 6.06 -20.01
N LEU A 52 -44.95 5.97 -20.09
CA LEU A 52 -45.72 4.88 -19.48
C LEU A 52 -45.70 3.60 -20.32
N ARG A 53 -45.96 2.47 -19.66
CA ARG A 53 -46.41 1.26 -20.34
C ARG A 53 -47.82 1.01 -19.79
N LYS A 54 -48.78 0.80 -20.68
CA LYS A 54 -50.18 0.74 -20.26
C LYS A 54 -50.62 -0.62 -19.69
N GLU A 55 -50.04 -1.70 -20.22
CA GLU A 55 -50.42 -3.05 -19.78
C GLU A 55 -50.08 -3.31 -18.32
N SER A 56 -48.78 -3.31 -17.98
CA SER A 56 -48.33 -3.56 -16.61
C SER A 56 -48.66 -2.40 -15.65
N GLY A 57 -48.03 -1.25 -15.87
CA GLY A 57 -48.34 -0.05 -15.10
C GLY A 57 -47.13 0.82 -14.83
N ILE A 58 -45.97 0.42 -15.35
CA ILE A 58 -44.71 1.04 -14.97
C ILE A 58 -44.28 2.20 -15.89
N TRP A 59 -44.31 3.42 -15.35
CA TRP A 59 -43.71 4.57 -16.03
C TRP A 59 -42.20 4.41 -16.03
N GLU A 60 -41.56 4.64 -17.18
CA GLU A 60 -40.13 4.43 -17.27
C GLU A 60 -39.42 5.38 -18.23
N LEU A 61 -38.09 5.27 -18.26
CA LEU A 61 -37.22 6.04 -19.16
C LEU A 61 -35.76 5.72 -18.86
N PHE A 62 -35.04 5.17 -19.83
CA PHE A 62 -33.61 5.10 -19.74
C PHE A 62 -33.10 6.55 -19.73
N ILE A 63 -32.00 6.80 -19.02
CA ILE A 63 -31.38 8.12 -19.05
C ILE A 63 -29.88 7.98 -19.22
N PRO A 64 -29.36 8.48 -20.34
CA PRO A 64 -27.93 8.44 -20.65
C PRO A 64 -27.14 9.60 -20.02
N GLY A 65 -26.70 9.44 -18.78
CA GLY A 65 -25.91 10.47 -18.13
C GLY A 65 -25.94 10.44 -16.61
N ALA A 66 -27.08 10.04 -16.05
CA ALA A 66 -27.22 9.89 -14.61
C ALA A 66 -26.50 8.62 -14.17
N HIS A 67 -25.56 8.76 -13.25
CA HIS A 67 -24.73 7.63 -12.83
C HIS A 67 -25.14 7.14 -11.44
N ASN A 68 -24.61 5.98 -11.06
CA ASN A 68 -24.71 5.53 -9.67
C ASN A 68 -23.95 6.51 -8.78
N GLY A 69 -24.69 7.29 -7.99
CA GLY A 69 -24.06 8.24 -7.07
C GLY A 69 -24.70 9.62 -7.02
N GLN A 70 -25.76 9.82 -7.78
CA GLN A 70 -26.47 11.10 -7.79
C GLN A 70 -27.85 11.01 -7.13
N LEU A 71 -28.27 12.08 -6.46
CA LEU A 71 -29.57 12.09 -5.78
C LEU A 71 -30.70 12.27 -6.78
N TYR A 72 -31.92 11.90 -6.37
CA TYR A 72 -33.10 12.09 -7.20
C TYR A 72 -34.37 11.92 -6.38
N LYS A 73 -35.47 12.44 -6.92
CA LYS A 73 -36.81 12.10 -6.44
C LYS A 73 -37.65 11.83 -7.68
N TYR A 74 -38.95 11.66 -7.50
CA TYR A 74 -39.88 11.59 -8.62
C TYR A 74 -40.81 12.80 -8.61
N GLU A 75 -41.60 12.95 -9.67
CA GLU A 75 -42.50 14.08 -9.78
C GLU A 75 -43.73 13.67 -10.58
N MET A 76 -44.90 13.70 -9.95
CA MET A 76 -46.10 13.19 -10.59
C MET A 76 -47.31 14.11 -10.46
N ILE A 77 -48.23 13.97 -11.41
CA ILE A 77 -49.60 14.42 -11.24
C ILE A 77 -50.36 13.14 -10.93
N ASP A 78 -51.47 13.23 -10.21
CA ASP A 78 -52.13 12.02 -9.72
C ASP A 78 -53.50 11.77 -10.34
N ALA A 79 -54.32 10.97 -9.65
CA ALA A 79 -55.65 10.57 -10.17
C ALA A 79 -56.47 11.72 -10.74
N ASN A 80 -56.23 12.94 -10.24
CA ASN A 80 -56.79 14.15 -10.85
C ASN A 80 -55.81 15.04 -11.65
N GLY A 81 -54.78 15.62 -11.02
CA GLY A 81 -54.44 15.49 -9.61
C GLY A 81 -53.52 16.63 -9.19
N ASN A 82 -52.90 16.50 -8.02
CA ASN A 82 -51.98 17.53 -7.51
C ASN A 82 -50.55 17.36 -8.04
N LEU A 83 -49.61 18.06 -7.40
CA LEU A 83 -48.19 17.90 -7.69
C LEU A 83 -47.49 17.30 -6.49
N ARG A 84 -46.90 16.12 -6.69
CA ARG A 84 -46.21 15.42 -5.61
C ARG A 84 -44.79 14.99 -6.00
N LEU A 85 -43.82 15.28 -5.14
CA LEU A 85 -42.44 14.87 -5.34
C LEU A 85 -42.17 13.54 -4.64
N LYS A 86 -42.74 12.46 -5.18
CA LYS A 86 -42.69 11.15 -4.55
C LYS A 86 -41.29 10.52 -4.50
N SER A 87 -41.01 9.79 -3.41
CA SER A 87 -39.76 9.04 -3.27
C SER A 87 -39.89 7.67 -3.93
N ASP A 88 -38.80 7.19 -4.52
CA ASP A 88 -38.81 5.86 -5.10
C ASP A 88 -39.05 4.88 -3.97
N PRO A 89 -40.07 4.02 -4.11
CA PRO A 89 -40.28 2.98 -3.09
C PRO A 89 -39.23 1.85 -3.14
N TYR A 90 -38.60 1.66 -4.29
CA TYR A 90 -37.53 0.67 -4.41
C TYR A 90 -36.16 1.31 -4.33
N ALA A 91 -36.07 2.38 -3.55
CA ALA A 91 -34.81 3.04 -3.27
C ALA A 91 -33.93 2.09 -2.46
N PHE A 92 -32.87 1.60 -3.07
CA PHE A 92 -31.96 0.66 -2.40
C PHE A 92 -31.00 1.38 -1.45
N GLU A 93 -31.02 2.71 -1.51
CA GLU A 93 -30.38 3.56 -0.51
C GLU A 93 -31.10 4.90 -0.51
N ALA A 94 -31.03 5.62 0.61
CA ALA A 94 -31.72 6.90 0.75
C ALA A 94 -30.77 7.98 1.25
N GLN A 95 -31.03 9.23 0.88
CA GLN A 95 -30.20 10.34 1.32
C GLN A 95 -30.32 10.53 2.83
N MET A 96 -29.38 11.29 3.40
CA MET A 96 -29.45 11.66 4.81
C MET A 96 -30.70 12.51 5.02
N ARG A 97 -31.07 12.74 6.27
CA ARG A 97 -32.35 13.39 6.56
C ARG A 97 -32.49 14.92 6.42
N PRO A 98 -31.60 15.61 5.65
CA PRO A 98 -32.04 16.92 5.14
C PRO A 98 -33.41 16.89 4.44
N GLU A 99 -33.47 16.35 3.23
CA GLU A 99 -34.74 16.29 2.50
C GLU A 99 -35.29 14.86 2.36
N THR A 100 -34.46 13.88 2.72
CA THR A 100 -34.80 12.47 2.53
C THR A 100 -35.17 12.19 1.07
N ALA A 101 -34.20 12.44 0.19
CA ALA A 101 -34.30 12.08 -1.22
C ALA A 101 -33.77 10.66 -1.39
N SER A 102 -33.87 10.11 -2.59
CA SER A 102 -33.35 8.77 -2.83
C SER A 102 -31.93 8.86 -3.37
N LEU A 103 -31.36 7.71 -3.72
CA LEU A 103 -30.02 7.68 -4.30
C LEU A 103 -29.95 6.59 -5.37
N ILE A 104 -29.28 6.90 -6.47
CA ILE A 104 -29.12 5.93 -7.55
C ILE A 104 -28.05 4.91 -7.19
N CYS A 105 -28.48 3.71 -6.81
CA CYS A 105 -27.56 2.59 -6.60
C CYS A 105 -28.18 1.31 -7.14
N GLY A 106 -27.34 0.36 -7.51
CA GLY A 106 -27.85 -0.85 -8.14
C GLY A 106 -28.30 -1.85 -7.12
N LEU A 107 -28.51 -3.07 -7.58
CA LEU A 107 -28.61 -4.20 -6.68
C LEU A 107 -27.19 -4.47 -6.15
N PRO A 108 -27.05 -4.72 -4.83
CA PRO A 108 -25.76 -5.24 -4.36
C PRO A 108 -25.61 -6.66 -4.90
N GLU A 109 -24.41 -7.24 -4.89
CA GLU A 109 -24.16 -8.47 -5.65
C GLU A 109 -25.16 -9.60 -5.44
N LYS A 110 -24.79 -10.59 -4.63
CA LYS A 110 -25.66 -11.73 -4.37
C LYS A 110 -24.92 -12.70 -3.48
N VAL A 111 -25.64 -13.24 -2.50
CA VAL A 111 -25.04 -14.11 -1.50
C VAL A 111 -25.68 -15.48 -1.61
N VAL A 112 -24.84 -16.51 -1.70
CA VAL A 112 -25.31 -17.88 -1.63
C VAL A 112 -25.25 -18.37 -0.19
N GLN A 113 -26.41 -18.65 0.40
CA GLN A 113 -26.42 -19.19 1.76
C GLN A 113 -25.58 -20.47 1.82
N THR A 114 -24.64 -20.54 2.76
CA THR A 114 -23.80 -21.73 2.89
C THR A 114 -24.60 -22.90 3.46
N GLU A 115 -23.98 -24.07 3.56
CA GLU A 115 -24.68 -25.21 4.14
C GLU A 115 -24.52 -25.18 5.66
N GLU A 116 -23.50 -24.47 6.14
CA GLU A 116 -23.32 -24.34 7.59
C GLU A 116 -24.27 -23.31 8.18
N ARG A 117 -24.56 -22.26 7.42
CA ARG A 117 -25.55 -21.28 7.84
C ARG A 117 -27.00 -21.80 7.77
N LYS A 118 -27.25 -22.74 6.87
CA LYS A 118 -28.53 -23.45 6.85
C LYS A 118 -28.62 -24.42 8.03
N LYS A 119 -27.48 -25.03 8.38
CA LYS A 119 -27.43 -26.04 9.43
C LYS A 119 -27.64 -25.40 10.81
N ALA A 120 -27.37 -24.10 10.91
CA ALA A 120 -27.49 -23.39 12.18
C ALA A 120 -28.91 -22.89 12.37
N ASN A 121 -29.69 -22.99 11.30
CA ASN A 121 -31.07 -22.53 11.29
C ASN A 121 -32.09 -23.62 11.64
N GLN A 122 -31.68 -24.89 11.61
CA GLN A 122 -32.61 -26.03 11.72
C GLN A 122 -32.98 -26.46 13.15
N PHE A 123 -34.15 -27.10 13.29
CA PHE A 123 -34.74 -27.44 14.59
C PHE A 123 -33.83 -28.17 15.57
N ASP A 124 -32.88 -28.94 15.06
CA ASP A 124 -31.97 -29.68 15.94
C ASP A 124 -30.72 -28.90 16.36
N ALA A 125 -30.63 -27.64 15.93
CA ALA A 125 -29.45 -26.81 16.19
C ALA A 125 -29.49 -26.07 17.54
N PRO A 126 -28.31 -25.74 18.10
CA PRO A 126 -28.30 -24.82 19.24
C PRO A 126 -28.59 -23.43 18.68
N ILE A 127 -29.58 -22.72 19.24
CA ILE A 127 -29.87 -21.37 18.75
C ILE A 127 -29.96 -20.37 19.92
N SER A 128 -28.88 -19.61 20.09
CA SER A 128 -28.89 -18.55 21.07
C SER A 128 -28.81 -17.21 20.37
N ILE A 129 -29.81 -16.38 20.59
CA ILE A 129 -29.95 -15.14 19.86
C ILE A 129 -29.65 -13.92 20.71
N TYR A 130 -28.66 -13.16 20.28
CA TYR A 130 -28.40 -11.84 20.83
C TYR A 130 -29.21 -10.81 20.01
N GLU A 131 -30.20 -10.18 20.65
CA GLU A 131 -31.06 -9.20 19.98
C GLU A 131 -30.58 -7.77 20.23
N VAL A 132 -30.34 -7.02 19.14
CA VAL A 132 -29.71 -5.70 19.26
C VAL A 132 -30.34 -4.58 18.45
N HIS A 133 -30.50 -3.45 19.13
CA HIS A 133 -30.82 -2.17 18.50
C HIS A 133 -29.52 -1.47 18.12
N LEU A 134 -29.19 -1.51 16.84
CA LEU A 134 -27.93 -0.95 16.33
C LEU A 134 -27.67 0.50 16.74
N GLY A 135 -28.72 1.20 17.17
CA GLY A 135 -28.58 2.62 17.47
C GLY A 135 -28.21 2.89 18.91
N SER A 136 -28.28 1.86 19.74
CA SER A 136 -28.07 2.07 21.17
C SER A 136 -27.38 0.90 21.84
N TRP A 137 -26.75 0.03 21.05
CA TRP A 137 -25.91 -1.02 21.62
C TRP A 137 -24.76 -0.35 22.33
N ARG A 138 -24.01 0.42 21.55
CA ARG A 138 -22.88 1.17 22.06
C ARG A 138 -22.84 2.53 21.33
N ARG A 139 -22.20 3.52 21.95
CA ARG A 139 -22.00 4.84 21.36
C ARG A 139 -20.60 5.32 21.66
N HIS A 140 -20.07 6.19 20.81
CA HIS A 140 -18.76 6.76 21.04
C HIS A 140 -18.75 7.58 22.33
N THR A 141 -17.72 7.39 23.13
CA THR A 141 -17.71 7.95 24.47
C THR A 141 -17.66 9.49 24.54
N ASP A 142 -16.82 10.10 23.71
CA ASP A 142 -16.63 11.55 23.78
C ASP A 142 -17.82 12.37 23.32
N ASN A 143 -18.52 11.92 22.29
CA ASN A 143 -19.60 12.70 21.68
C ASN A 143 -20.99 12.03 21.66
N ASN A 144 -21.05 10.79 22.11
CA ASN A 144 -22.30 10.02 22.16
C ASN A 144 -22.82 9.65 20.76
N PHE A 145 -21.92 9.70 19.79
CA PHE A 145 -22.22 9.35 18.41
C PHE A 145 -22.44 7.87 18.20
N TRP A 146 -23.33 7.53 17.28
CA TRP A 146 -23.50 6.15 16.86
C TRP A 146 -22.17 5.55 16.37
N LEU A 147 -22.00 4.25 16.62
CA LEU A 147 -20.98 3.49 15.92
C LEU A 147 -21.51 3.28 14.51
N SER A 148 -20.61 3.18 13.53
CA SER A 148 -21.01 2.89 12.16
C SER A 148 -21.24 1.40 11.94
N TYR A 149 -21.64 1.02 10.72
CA TYR A 149 -21.80 -0.41 10.40
C TYR A 149 -20.46 -1.12 10.50
N ARG A 150 -19.41 -0.44 10.07
CA ARG A 150 -18.08 -1.03 10.08
C ARG A 150 -17.47 -1.13 11.48
N GLU A 151 -17.79 -0.16 12.32
CA GLU A 151 -17.40 -0.19 13.73
C GLU A 151 -18.16 -1.30 14.46
N LEU A 152 -19.37 -1.59 14.02
CA LEU A 152 -20.16 -2.62 14.65
C LEU A 152 -19.65 -3.96 14.17
N ALA A 153 -19.13 -3.96 12.94
CA ALA A 153 -18.49 -5.16 12.42
C ALA A 153 -17.27 -5.51 13.27
N ASP A 154 -16.62 -4.50 13.83
CA ASP A 154 -15.42 -4.76 14.61
C ASP A 154 -15.70 -5.01 16.09
N GLN A 155 -16.82 -4.51 16.59
CA GLN A 155 -17.07 -4.58 18.04
C GLN A 155 -18.26 -5.42 18.45
N LEU A 156 -19.36 -5.33 17.72
CA LEU A 156 -20.53 -6.10 18.07
C LEU A 156 -20.36 -7.54 17.65
N VAL A 157 -19.81 -7.74 16.46
CA VAL A 157 -19.64 -9.09 15.94
C VAL A 157 -18.71 -9.96 16.81
N PRO A 158 -17.52 -9.44 17.16
CA PRO A 158 -16.66 -10.31 17.99
C PRO A 158 -17.22 -10.51 19.40
N TYR A 159 -17.95 -9.53 19.90
CA TYR A 159 -18.48 -9.60 21.24
C TYR A 159 -19.56 -10.67 21.27
N ALA A 160 -20.37 -10.71 20.22
CA ALA A 160 -21.43 -11.71 20.15
C ALA A 160 -20.86 -13.11 20.01
N LYS A 161 -19.82 -13.24 19.17
CA LYS A 161 -19.15 -14.53 19.00
C LYS A 161 -18.57 -15.02 20.33
N TRP A 162 -17.77 -14.17 20.97
CA TRP A 162 -17.12 -14.52 22.25
C TRP A 162 -18.13 -14.86 23.34
N MET A 163 -19.25 -14.15 23.35
CA MET A 163 -20.31 -14.43 24.30
C MET A 163 -21.02 -15.75 24.03
N GLY A 164 -20.86 -16.29 22.82
CA GLY A 164 -21.32 -17.64 22.55
C GLY A 164 -22.66 -17.74 21.84
N PHE A 165 -23.18 -16.61 21.38
CA PHE A 165 -24.44 -16.64 20.64
C PHE A 165 -24.20 -17.28 19.28
N THR A 166 -25.24 -17.87 18.72
CA THR A 166 -25.16 -18.43 17.37
C THR A 166 -25.78 -17.45 16.37
N HIS A 167 -26.68 -16.60 16.87
CA HIS A 167 -27.44 -15.69 16.02
C HIS A 167 -27.39 -14.26 16.55
N LEU A 168 -27.34 -13.34 15.61
CA LEU A 168 -27.50 -11.94 15.88
C LEU A 168 -28.88 -11.50 15.33
N GLU A 169 -29.69 -10.83 16.14
CA GLU A 169 -31.00 -10.37 15.67
C GLU A 169 -31.12 -8.85 15.75
N LEU A 170 -31.27 -8.26 14.59
CA LEU A 170 -31.33 -6.81 14.46
C LEU A 170 -32.77 -6.32 14.45
N LEU A 171 -33.05 -5.33 15.27
CA LEU A 171 -34.28 -4.55 15.14
C LEU A 171 -34.30 -3.94 13.72
N PRO A 172 -35.49 -3.51 13.25
CA PRO A 172 -35.59 -3.17 11.82
C PRO A 172 -34.56 -2.16 11.37
N ILE A 173 -33.89 -2.48 10.26
CA ILE A 173 -32.93 -1.55 9.70
C ILE A 173 -33.46 -0.91 8.42
N ASN A 174 -34.79 -0.93 8.26
CA ASN A 174 -35.45 -0.09 7.29
C ASN A 174 -35.07 1.35 7.56
N GLU A 175 -34.93 2.15 6.51
CA GLU A 175 -34.80 3.57 6.75
C GLU A 175 -36.09 4.03 7.40
N HIS A 176 -35.96 4.95 8.35
CA HIS A 176 -37.09 5.47 9.08
C HIS A 176 -36.72 6.83 9.68
N PRO A 177 -37.69 7.75 9.71
CA PRO A 177 -37.40 9.12 10.14
C PRO A 177 -37.21 9.28 11.65
N PHE A 178 -37.85 8.43 12.45
CA PHE A 178 -37.85 8.62 13.92
C PHE A 178 -37.21 7.50 14.73
N ASP A 179 -36.11 7.84 15.40
CA ASP A 179 -35.41 6.91 16.30
C ASP A 179 -36.39 6.15 17.19
N GLY A 180 -37.18 6.88 17.97
CA GLY A 180 -38.11 6.31 18.94
C GLY A 180 -39.12 5.31 18.43
N SER A 181 -39.12 5.04 17.12
CA SER A 181 -39.93 3.94 16.59
C SER A 181 -39.09 2.67 16.60
N TRP A 182 -37.78 2.84 16.86
CA TRP A 182 -36.81 1.75 16.90
C TRP A 182 -36.60 1.05 15.55
N GLY A 183 -37.38 1.44 14.55
CA GLY A 183 -37.34 0.85 13.23
C GLY A 183 -38.68 0.29 12.80
N TYR A 184 -39.65 0.32 13.71
CA TYR A 184 -40.97 -0.27 13.44
C TYR A 184 -41.96 0.67 12.71
N GLN A 185 -41.54 1.91 12.44
CA GLN A 185 -42.29 2.84 11.58
C GLN A 185 -41.39 3.36 10.42
N PRO A 186 -41.27 2.54 9.35
CA PRO A 186 -40.33 2.73 8.24
C PRO A 186 -40.81 3.63 7.09
N THR A 187 -39.87 4.18 6.32
CA THR A 187 -40.17 4.86 5.06
C THR A 187 -39.55 4.10 3.90
N GLY A 188 -38.24 3.85 3.98
CA GLY A 188 -37.52 3.14 2.95
C GLY A 188 -37.35 1.66 3.26
N LEU A 189 -38.31 0.85 2.82
CA LEU A 189 -38.31 -0.58 3.08
C LEU A 189 -37.16 -1.32 2.43
N TYR A 190 -36.59 -0.76 1.37
CA TYR A 190 -35.52 -1.45 0.64
C TYR A 190 -34.15 -0.87 0.95
N ALA A 191 -34.12 0.11 1.85
CA ALA A 191 -32.89 0.85 2.13
C ALA A 191 -32.36 0.63 3.55
N PRO A 192 -31.13 0.12 3.67
CA PRO A 192 -30.44 0.04 4.96
C PRO A 192 -30.20 1.44 5.51
N THR A 193 -30.82 1.75 6.66
CA THR A 193 -30.76 3.07 7.29
C THR A 193 -29.37 3.72 7.28
N ARG A 194 -29.32 4.97 6.84
CA ARG A 194 -28.05 5.68 6.62
C ARG A 194 -27.47 6.18 7.95
N ARG A 195 -28.18 5.92 9.04
CA ARG A 195 -27.73 6.28 10.38
C ARG A 195 -26.33 5.73 10.66
N PHE A 196 -26.05 4.55 10.09
CA PHE A 196 -24.83 3.82 10.40
C PHE A 196 -23.88 3.70 9.21
N GLY A 197 -24.22 4.36 8.10
CA GLY A 197 -23.37 4.32 6.92
C GLY A 197 -24.10 3.89 5.65
N THR A 198 -23.33 3.58 4.62
CA THR A 198 -23.93 3.28 3.32
C THR A 198 -24.54 1.91 3.34
N ARG A 199 -25.11 1.49 2.22
CA ARG A 199 -25.74 0.19 2.13
C ARG A 199 -24.66 -0.89 2.05
N ASP A 200 -23.52 -0.54 1.47
CA ASP A 200 -22.42 -1.49 1.34
C ASP A 200 -21.70 -1.67 2.67
N ASP A 201 -21.71 -0.63 3.50
CA ASP A 201 -21.24 -0.73 4.87
C ASP A 201 -22.06 -1.79 5.63
N PHE A 202 -23.37 -1.80 5.40
CA PHE A 202 -24.25 -2.76 6.06
C PHE A 202 -24.07 -4.16 5.52
N ARG A 203 -23.85 -4.27 4.22
CA ARG A 203 -23.55 -5.57 3.58
C ARG A 203 -22.22 -6.11 4.11
N TYR A 204 -21.24 -5.23 4.27
CA TYR A 204 -19.94 -5.56 4.87
C TYR A 204 -20.11 -6.13 6.28
N PHE A 205 -20.97 -5.49 7.06
CA PHE A 205 -21.30 -5.90 8.42
C PHE A 205 -21.89 -7.32 8.51
N ILE A 206 -22.67 -7.72 7.50
CA ILE A 206 -23.30 -9.04 7.48
C ILE A 206 -22.31 -10.13 7.11
N ASP A 207 -21.45 -9.84 6.13
CA ASP A 207 -20.35 -10.73 5.79
C ASP A 207 -19.43 -10.94 6.98
N ALA A 208 -19.27 -9.90 7.80
CA ALA A 208 -18.42 -10.00 9.00
C ALA A 208 -19.05 -10.90 10.06
N ALA A 209 -20.37 -10.81 10.22
CA ALA A 209 -21.05 -11.66 11.17
C ALA A 209 -20.94 -13.08 10.67
N HIS A 210 -21.10 -13.23 9.35
CA HIS A 210 -20.94 -14.51 8.68
C HIS A 210 -19.52 -15.06 8.83
N ALA A 211 -18.54 -14.19 8.71
CA ALA A 211 -17.16 -14.61 8.81
C ALA A 211 -16.90 -15.15 10.21
N ALA A 212 -17.59 -14.60 11.20
CA ALA A 212 -17.42 -14.99 12.59
C ALA A 212 -18.24 -16.22 12.98
N GLY A 213 -18.98 -16.77 12.03
CA GLY A 213 -19.87 -17.87 12.34
C GLY A 213 -21.15 -17.46 13.07
N LEU A 214 -21.71 -16.31 12.70
CA LEU A 214 -23.02 -15.91 13.20
C LEU A 214 -24.09 -15.89 12.08
N ASN A 215 -25.29 -16.38 12.36
CA ASN A 215 -26.40 -16.07 11.47
C ASN A 215 -27.00 -14.74 11.89
N VAL A 216 -27.61 -14.04 10.93
CA VAL A 216 -28.21 -12.75 11.21
C VAL A 216 -29.71 -12.86 11.01
N ILE A 217 -30.46 -12.61 12.07
CA ILE A 217 -31.90 -12.56 11.96
C ILE A 217 -32.26 -11.11 11.79
N LEU A 218 -33.11 -10.81 10.82
CA LEU A 218 -33.54 -9.44 10.61
C LEU A 218 -35.01 -9.28 11.06
N ASP A 219 -35.29 -8.23 11.81
CA ASP A 219 -36.68 -7.91 12.11
C ASP A 219 -37.29 -7.33 10.86
N TRP A 220 -38.40 -7.91 10.44
CA TRP A 220 -39.01 -7.56 9.19
C TRP A 220 -40.44 -7.08 9.45
N VAL A 221 -40.78 -5.92 8.91
CA VAL A 221 -42.07 -5.32 9.19
C VAL A 221 -42.96 -5.19 7.98
N PRO A 222 -43.47 -6.32 7.46
CA PRO A 222 -44.39 -6.17 6.33
C PRO A 222 -45.76 -5.72 6.82
N GLY A 223 -45.98 -5.77 8.13
CA GLY A 223 -47.28 -5.46 8.72
C GLY A 223 -47.44 -4.08 9.34
N HIS A 224 -46.42 -3.24 9.18
CA HIS A 224 -46.51 -1.84 9.59
C HIS A 224 -46.47 -0.98 8.33
N PHE A 225 -47.43 -0.07 8.18
CA PHE A 225 -47.49 0.77 6.99
C PHE A 225 -46.81 2.11 7.23
N PRO A 226 -46.06 2.59 6.22
CA PRO A 226 -45.42 3.91 6.25
C PRO A 226 -46.44 5.03 6.50
N THR A 227 -46.42 5.61 7.69
CA THR A 227 -47.39 6.66 8.04
C THR A 227 -46.74 8.05 8.05
N ASP A 228 -45.41 8.08 7.98
CA ASP A 228 -44.66 9.32 8.06
C ASP A 228 -44.23 9.79 6.68
N ASP A 229 -43.91 11.07 6.58
CA ASP A 229 -43.31 11.64 5.38
C ASP A 229 -44.03 11.34 4.06
N PHE A 230 -45.34 11.09 4.14
CA PHE A 230 -46.20 11.00 2.95
C PHE A 230 -45.68 10.02 1.90
N ALA A 231 -44.84 9.09 2.35
CA ALA A 231 -43.97 8.34 1.46
C ALA A 231 -44.69 7.30 0.59
N LEU A 232 -45.66 6.60 1.18
CA LEU A 232 -46.30 5.50 0.47
C LEU A 232 -47.82 5.59 0.46
N ALA A 233 -48.36 6.62 1.12
CA ALA A 233 -49.79 6.83 1.20
C ALA A 233 -50.30 7.80 0.11
N GLU A 234 -51.48 7.51 -0.42
CA GLU A 234 -52.05 8.25 -1.56
C GLU A 234 -50.99 8.46 -2.64
N PHE A 235 -50.50 7.35 -3.17
CA PHE A 235 -49.35 7.32 -4.06
C PHE A 235 -49.78 6.88 -5.46
N ASP A 236 -49.77 7.84 -6.38
CA ASP A 236 -50.43 7.82 -7.71
C ASP A 236 -51.75 8.60 -7.62
N GLY A 237 -52.11 8.99 -6.40
CA GLY A 237 -53.34 9.72 -6.14
C GLY A 237 -54.47 8.85 -5.65
N THR A 238 -54.37 7.55 -5.93
CA THR A 238 -55.36 6.59 -5.47
C THR A 238 -54.85 5.81 -4.27
N ASN A 239 -55.53 4.71 -3.94
CA ASN A 239 -55.12 3.86 -2.83
C ASN A 239 -54.54 2.52 -3.31
N LEU A 240 -53.23 2.51 -3.57
CA LEU A 240 -52.55 1.33 -4.08
C LEU A 240 -52.21 0.33 -2.99
N TYR A 241 -51.17 0.64 -2.22
CA TYR A 241 -50.76 -0.18 -1.09
C TYR A 241 -51.70 0.04 0.11
N GLU A 242 -52.22 1.25 0.22
CA GLU A 242 -53.13 1.64 1.29
C GLU A 242 -54.57 1.19 0.97
N HIS A 243 -55.42 1.08 1.99
CA HIS A 243 -56.76 0.51 1.80
C HIS A 243 -57.89 1.54 1.96
N SER A 244 -59.08 1.04 2.32
CA SER A 244 -60.25 1.88 2.57
C SER A 244 -61.34 1.07 3.26
N THR A 256 -56.05 3.87 11.95
CA THR A 256 -56.04 2.49 11.45
C THR A 256 -55.64 2.48 9.97
N LEU A 257 -54.43 2.96 9.70
CA LEU A 257 -53.96 3.27 8.36
C LEU A 257 -53.24 2.10 7.67
N ILE A 258 -53.81 0.90 7.78
CA ILE A 258 -53.14 -0.34 7.42
C ILE A 258 -52.79 -0.55 5.93
N TYR A 259 -52.15 -1.69 5.66
CA TYR A 259 -51.78 -2.11 4.31
C TYR A 259 -52.97 -2.73 3.59
N ASN A 260 -52.91 -2.73 2.26
CA ASN A 260 -53.80 -3.51 1.41
C ASN A 260 -53.01 -4.59 0.70
N TYR A 261 -53.00 -5.79 1.26
CA TYR A 261 -52.24 -6.90 0.69
C TYR A 261 -53.02 -7.51 -0.45
N GLY A 262 -53.94 -6.73 -1.02
CA GLY A 262 -54.81 -7.19 -2.08
C GLY A 262 -54.08 -7.48 -3.36
N ARG A 263 -53.82 -6.44 -4.14
CA ARG A 263 -53.20 -6.57 -5.46
C ARG A 263 -51.96 -7.46 -5.43
N ARG A 264 -51.67 -8.12 -6.55
CA ARG A 264 -50.51 -8.99 -6.65
C ARG A 264 -49.21 -8.18 -6.64
N GLU A 265 -49.33 -6.86 -6.80
CA GLU A 265 -48.17 -5.98 -6.79
C GLU A 265 -47.96 -5.22 -5.47
N VAL A 266 -48.79 -5.50 -4.47
CA VAL A 266 -48.47 -5.11 -3.10
C VAL A 266 -47.86 -6.36 -2.46
N SER A 267 -48.41 -7.51 -2.81
CA SER A 267 -47.83 -8.80 -2.47
C SER A 267 -46.38 -8.86 -2.95
N ASN A 268 -46.18 -8.72 -4.26
CA ASN A 268 -44.86 -8.78 -4.87
C ASN A 268 -43.84 -7.85 -4.21
N PHE A 269 -44.28 -6.62 -3.95
CA PHE A 269 -43.49 -5.63 -3.23
C PHE A 269 -42.96 -6.22 -1.92
N LEU A 270 -43.84 -6.89 -1.18
CA LEU A 270 -43.46 -7.46 0.11
C LEU A 270 -42.67 -8.76 -0.02
N VAL A 271 -43.20 -9.74 -0.74
CA VAL A 271 -42.48 -10.98 -1.04
C VAL A 271 -41.06 -10.73 -1.56
N GLY A 272 -40.93 -9.73 -2.43
CA GLY A 272 -39.63 -9.33 -2.93
C GLY A 272 -38.73 -8.86 -1.81
N ASN A 273 -39.25 -7.99 -0.95
CA ASN A 273 -38.50 -7.43 0.18
C ASN A 273 -37.94 -8.50 1.12
N ALA A 274 -38.68 -9.59 1.30
CA ALA A 274 -38.16 -10.70 2.08
C ALA A 274 -37.04 -11.35 1.29
N LEU A 275 -37.29 -11.60 0.01
CA LEU A 275 -36.31 -12.22 -0.85
C LEU A 275 -35.07 -11.31 -0.98
N TYR A 276 -35.31 -10.01 -1.07
CA TYR A 276 -34.26 -9.00 -1.22
C TYR A 276 -33.18 -9.05 -0.17
N TRP A 277 -33.56 -9.14 1.10
CA TRP A 277 -32.58 -9.18 2.18
C TRP A 277 -31.86 -10.52 2.20
N ILE A 278 -32.60 -11.61 2.10
CA ILE A 278 -32.02 -12.94 2.12
C ILE A 278 -31.03 -13.17 0.99
N GLU A 279 -31.43 -12.74 -0.22
CA GLU A 279 -30.62 -13.01 -1.41
C GLU A 279 -29.50 -11.98 -1.65
N ARG A 280 -29.78 -10.71 -1.36
CA ARG A 280 -28.88 -9.63 -1.74
C ARG A 280 -28.09 -9.03 -0.57
N PHE A 281 -28.22 -9.64 0.60
CA PHE A 281 -27.38 -9.23 1.72
C PHE A 281 -26.84 -10.46 2.44
N GLY A 282 -27.62 -11.54 2.42
CA GLY A 282 -27.17 -12.78 3.02
C GLY A 282 -27.87 -13.09 4.32
N ILE A 283 -28.91 -12.30 4.63
CA ILE A 283 -29.72 -12.46 5.84
C ILE A 283 -30.26 -13.90 5.99
N ASP A 284 -30.13 -14.48 7.18
CA ASP A 284 -30.44 -15.90 7.34
C ASP A 284 -31.84 -16.18 7.88
N ALA A 285 -32.47 -15.17 8.49
CA ALA A 285 -33.78 -15.36 9.07
C ALA A 285 -34.52 -14.04 9.18
N LEU A 286 -35.85 -14.09 9.03
CA LEU A 286 -36.67 -12.90 9.20
C LEU A 286 -37.63 -13.09 10.39
N ARG A 287 -37.84 -12.03 11.16
CA ARG A 287 -38.76 -12.13 12.28
C ARG A 287 -39.86 -11.10 12.12
N VAL A 288 -41.10 -11.57 12.05
CA VAL A 288 -42.24 -10.67 11.93
C VAL A 288 -42.89 -10.44 13.30
N ASP A 289 -43.05 -9.17 13.69
CA ASP A 289 -43.67 -8.87 14.98
C ASP A 289 -45.14 -8.52 14.79
N ALA A 290 -45.93 -8.75 15.83
CA ALA A 290 -47.34 -8.38 15.82
C ALA A 290 -48.06 -8.98 14.60
N VAL A 291 -48.28 -10.28 14.64
CA VAL A 291 -49.07 -10.95 13.63
C VAL A 291 -50.53 -10.81 14.02
N ALA A 292 -50.76 -10.73 15.34
CA ALA A 292 -52.08 -10.51 15.91
C ALA A 292 -52.70 -9.18 15.46
N SER A 293 -51.88 -8.13 15.36
CA SER A 293 -52.39 -6.85 14.87
C SER A 293 -52.51 -6.87 13.36
N MET A 294 -51.78 -7.77 12.71
CA MET A 294 -51.83 -7.90 11.26
C MET A 294 -53.13 -8.61 10.86
N ILE A 295 -53.43 -9.72 11.51
CA ILE A 295 -54.58 -10.55 11.10
C ILE A 295 -55.89 -10.34 11.91
N TYR A 296 -55.92 -9.33 12.77
CA TYR A 296 -57.15 -9.00 13.50
C TYR A 296 -57.46 -7.50 13.46
N ARG A 297 -58.27 -7.04 14.40
CA ARG A 297 -58.73 -5.65 14.47
C ARG A 297 -59.39 -5.22 13.15
N GLY A 312 -66.97 -12.58 6.66
CA GLY A 312 -65.72 -12.02 7.18
C GLY A 312 -65.17 -12.69 8.42
N GLY A 313 -65.73 -12.35 9.58
CA GLY A 313 -65.24 -12.83 10.86
C GLY A 313 -64.43 -11.76 11.57
N ARG A 314 -63.89 -12.08 12.75
CA ARG A 314 -63.05 -11.14 13.50
C ARG A 314 -61.72 -10.90 12.76
N GLU A 315 -61.31 -11.91 11.99
CA GLU A 315 -60.01 -11.94 11.31
C GLU A 315 -59.87 -10.94 10.17
N ASN A 316 -58.75 -11.04 9.47
CA ASN A 316 -58.47 -10.27 8.26
C ASN A 316 -57.92 -11.26 7.24
N LEU A 317 -58.82 -11.99 6.58
CA LEU A 317 -58.43 -13.13 5.76
C LEU A 317 -57.41 -12.79 4.67
N GLU A 318 -57.32 -11.51 4.35
CA GLU A 318 -56.38 -11.03 3.34
C GLU A 318 -54.93 -11.18 3.84
N ALA A 319 -54.73 -10.91 5.12
CA ALA A 319 -53.40 -10.97 5.72
C ALA A 319 -52.99 -12.39 6.12
N ILE A 320 -53.96 -13.22 6.47
CA ILE A 320 -53.69 -14.62 6.76
C ILE A 320 -53.14 -15.32 5.52
N GLU A 321 -53.72 -15.01 4.36
CA GLU A 321 -53.28 -15.58 3.09
C GLU A 321 -51.87 -15.14 2.73
N PHE A 322 -51.58 -13.87 2.99
CA PHE A 322 -50.28 -13.26 2.68
C PHE A 322 -49.10 -13.88 3.45
N LEU A 323 -49.27 -14.12 4.75
CA LEU A 323 -48.25 -14.80 5.52
C LEU A 323 -48.12 -16.24 5.02
N ARG A 324 -49.25 -16.95 4.99
CA ARG A 324 -49.29 -18.34 4.55
C ARG A 324 -48.57 -18.49 3.22
N ASN A 325 -48.84 -17.56 2.32
CA ASN A 325 -48.20 -17.54 1.01
C ASN A 325 -46.70 -17.38 1.13
N THR A 326 -46.27 -16.30 1.77
CA THR A 326 -44.85 -15.94 1.84
C THR A 326 -44.00 -17.08 2.40
N ASN A 327 -44.42 -17.63 3.53
CA ASN A 327 -43.67 -18.69 4.18
C ASN A 327 -43.53 -19.97 3.34
N ARG A 328 -44.38 -20.11 2.32
CA ARG A 328 -44.26 -21.24 1.39
C ARG A 328 -43.35 -20.86 0.22
N ILE A 329 -43.48 -19.61 -0.21
CA ILE A 329 -42.62 -19.07 -1.26
C ILE A 329 -41.18 -19.04 -0.78
N LEU A 330 -40.99 -18.56 0.45
CA LEU A 330 -39.68 -18.48 1.06
C LEU A 330 -39.06 -19.86 1.27
N GLY A 331 -39.91 -20.84 1.52
CA GLY A 331 -39.47 -22.20 1.79
C GLY A 331 -38.97 -22.95 0.57
N GLU A 332 -39.22 -22.42 -0.61
CA GLU A 332 -38.80 -23.09 -1.84
C GLU A 332 -37.78 -22.28 -2.63
N GLN A 333 -37.87 -20.96 -2.55
CA GLN A 333 -36.84 -20.11 -3.14
C GLN A 333 -35.55 -20.23 -2.33
N VAL A 334 -35.55 -19.60 -1.17
CA VAL A 334 -34.37 -19.52 -0.30
C VAL A 334 -34.30 -20.66 0.73
N SER A 335 -34.47 -21.89 0.24
CA SER A 335 -34.55 -23.07 1.10
C SER A 335 -33.37 -23.25 2.05
N GLY A 336 -33.38 -22.47 3.13
CA GLY A 336 -32.39 -22.57 4.18
C GLY A 336 -32.60 -21.45 5.19
N ALA A 337 -33.28 -20.41 4.75
CA ALA A 337 -33.56 -19.24 5.57
C ALA A 337 -34.95 -19.30 6.18
N VAL A 338 -35.02 -19.13 7.51
CA VAL A 338 -36.26 -19.37 8.23
C VAL A 338 -36.94 -18.09 8.67
N THR A 339 -38.21 -18.22 9.05
CA THR A 339 -38.97 -17.09 9.55
C THR A 339 -39.43 -17.36 10.97
N MET A 340 -39.64 -16.27 11.71
CA MET A 340 -40.09 -16.37 13.10
C MET A 340 -41.16 -15.32 13.35
N ALA A 341 -42.10 -15.64 14.23
CA ALA A 341 -43.19 -14.71 14.49
C ALA A 341 -43.56 -14.55 15.95
N GLU A 342 -44.01 -13.35 16.28
CA GLU A 342 -44.58 -13.05 17.58
C GLU A 342 -46.07 -12.83 17.39
N GLU A 343 -46.89 -13.69 17.97
CA GLU A 343 -48.34 -13.56 17.87
C GLU A 343 -48.95 -13.52 19.27
N SER A 344 -49.60 -12.40 19.59
CA SER A 344 -49.94 -12.10 20.98
C SER A 344 -51.30 -12.62 21.45
N THR A 345 -52.01 -13.32 20.57
CA THR A 345 -53.15 -14.12 21.03
C THR A 345 -52.69 -15.55 21.08
N ASP A 346 -53.58 -16.48 20.77
CA ASP A 346 -53.16 -17.84 20.54
C ASP A 346 -53.78 -18.37 19.28
N PHE A 347 -53.43 -17.74 18.17
CA PHE A 347 -53.74 -18.30 16.86
C PHE A 347 -52.95 -19.60 16.80
N PRO A 348 -53.66 -20.71 16.53
CA PRO A 348 -53.09 -22.05 16.59
C PRO A 348 -52.23 -22.34 15.36
N GLY A 349 -51.15 -23.08 15.58
CA GLY A 349 -50.24 -23.45 14.51
C GLY A 349 -49.69 -22.28 13.72
N VAL A 350 -49.01 -21.35 14.40
CA VAL A 350 -48.31 -20.29 13.69
C VAL A 350 -47.06 -20.91 13.08
N SER A 351 -46.50 -21.88 13.79
CA SER A 351 -45.30 -22.57 13.36
C SER A 351 -45.62 -23.97 12.87
N ARG A 352 -46.79 -24.11 12.26
CA ARG A 352 -47.22 -25.38 11.69
C ARG A 352 -47.51 -25.18 10.20
N PRO A 353 -47.29 -26.23 9.38
CA PRO A 353 -47.37 -26.11 7.91
C PRO A 353 -48.71 -25.60 7.39
N GLN A 354 -48.67 -24.83 6.31
CA GLN A 354 -49.82 -24.06 5.85
C GLN A 354 -51.02 -24.89 5.39
N ASP A 355 -50.76 -26.08 4.85
CA ASP A 355 -51.80 -26.92 4.27
C ASP A 355 -53.08 -27.05 5.12
N MET A 356 -52.90 -27.21 6.44
CA MET A 356 -54.02 -27.17 7.36
C MET A 356 -54.04 -25.91 8.24
N GLY A 357 -53.47 -26.00 9.44
CA GLY A 357 -53.41 -24.89 10.39
C GLY A 357 -53.05 -23.53 9.82
N GLY A 358 -51.88 -23.42 9.19
CA GLY A 358 -51.54 -22.20 8.48
C GLY A 358 -50.36 -21.40 9.02
N LEU A 359 -50.33 -20.12 8.68
CA LEU A 359 -49.18 -19.23 8.97
C LEU A 359 -47.82 -19.74 8.45
N GLY A 360 -47.42 -20.94 8.87
CA GLY A 360 -46.27 -21.61 8.26
C GLY A 360 -44.88 -21.09 8.59
N PHE A 361 -44.77 -20.36 9.70
CA PHE A 361 -43.47 -19.96 10.22
C PHE A 361 -42.70 -21.19 10.71
N TRP A 362 -41.41 -21.02 10.93
CA TRP A 362 -40.63 -22.08 11.54
C TRP A 362 -40.70 -21.97 13.06
N TYR A 363 -40.54 -20.75 13.58
CA TYR A 363 -40.55 -20.52 15.03
C TYR A 363 -41.57 -19.47 15.46
N LYS A 364 -41.90 -19.51 16.74
CA LYS A 364 -42.80 -18.55 17.37
C LYS A 364 -42.23 -18.17 18.74
N TRP A 365 -42.33 -16.90 19.09
CA TRP A 365 -41.89 -16.46 20.40
C TRP A 365 -42.85 -16.97 21.47
N ASN A 366 -42.31 -17.62 22.50
CA ASN A 366 -43.12 -18.09 23.63
C ASN A 366 -43.33 -17.00 24.69
N LEU A 367 -44.17 -16.01 24.37
CA LEU A 367 -44.50 -14.92 25.30
C LEU A 367 -45.17 -15.43 26.59
N GLY A 368 -46.01 -16.45 26.46
CA GLY A 368 -46.65 -17.09 27.59
C GLY A 368 -45.63 -17.55 28.62
N TRP A 369 -44.55 -18.15 28.13
CA TRP A 369 -43.46 -18.59 29.00
C TRP A 369 -42.77 -17.41 29.67
N MET A 370 -42.53 -16.36 28.88
CA MET A 370 -41.88 -15.17 29.40
C MET A 370 -42.72 -14.59 30.54
N HIS A 371 -44.01 -14.35 30.27
CA HIS A 371 -44.92 -13.85 31.31
C HIS A 371 -45.03 -14.76 32.53
N ASP A 372 -45.14 -16.07 32.31
CA ASP A 372 -45.27 -17.00 33.43
C ASP A 372 -44.02 -17.04 34.32
N THR A 373 -42.85 -17.08 33.71
CA THR A 373 -41.62 -17.29 34.48
C THR A 373 -41.17 -16.01 35.17
N LEU A 374 -41.35 -14.88 34.50
CA LEU A 374 -41.06 -13.60 35.11
C LEU A 374 -41.95 -13.38 36.34
N ASP A 375 -43.26 -13.65 36.19
CA ASP A 375 -44.22 -13.60 37.31
C ASP A 375 -43.73 -14.44 38.49
N TYR A 376 -43.23 -15.62 38.15
CA TYR A 376 -42.65 -16.51 39.14
C TYR A 376 -41.42 -15.88 39.78
N MET A 377 -40.51 -15.35 38.96
CA MET A 377 -39.30 -14.72 39.48
C MET A 377 -39.60 -13.48 40.32
N LYS A 378 -40.61 -12.72 39.92
CA LYS A 378 -41.01 -11.51 40.67
C LYS A 378 -41.53 -11.84 42.08
N LEU A 379 -42.13 -13.01 42.26
CA LEU A 379 -42.58 -13.42 43.58
C LEU A 379 -41.45 -13.47 44.61
N ASP A 380 -41.71 -12.90 45.78
CA ASP A 380 -40.95 -13.16 46.99
C ASP A 380 -40.80 -14.69 47.12
N PRO A 381 -39.55 -15.20 47.19
CA PRO A 381 -39.26 -16.64 47.22
C PRO A 381 -40.13 -17.43 48.20
N VAL A 382 -40.55 -16.80 49.27
CA VAL A 382 -41.33 -17.47 50.30
C VAL A 382 -42.76 -17.74 49.84
N TYR A 383 -43.15 -17.12 48.73
CA TYR A 383 -44.50 -17.26 48.23
C TYR A 383 -44.49 -18.13 46.98
N ARG A 384 -43.32 -18.69 46.66
CA ARG A 384 -43.18 -19.42 45.40
C ARG A 384 -43.94 -20.74 45.42
N GLN A 385 -43.98 -21.38 46.59
CA GLN A 385 -44.70 -22.64 46.78
C GLN A 385 -46.16 -22.65 46.31
N TYR A 386 -46.74 -21.47 46.11
CA TYR A 386 -48.13 -21.37 45.71
C TYR A 386 -48.24 -21.10 44.22
N HIS A 387 -47.10 -20.93 43.56
CA HIS A 387 -47.14 -20.58 42.15
C HIS A 387 -46.19 -21.41 41.30
N HIS A 388 -45.96 -22.65 41.77
CA HIS A 388 -45.26 -23.72 41.05
C HIS A 388 -45.77 -23.92 39.62
N ASP A 389 -47.07 -23.74 39.44
CA ASP A 389 -47.73 -23.91 38.14
C ASP A 389 -47.11 -23.02 37.06
N LYS A 390 -46.53 -21.90 37.47
CA LYS A 390 -45.96 -20.98 36.49
C LYS A 390 -44.70 -21.54 35.81
N LEU A 391 -44.06 -22.51 36.45
CA LEU A 391 -42.85 -23.12 35.89
C LEU A 391 -43.12 -24.43 35.16
N THR A 392 -44.22 -25.10 35.50
CA THR A 392 -44.46 -26.43 34.98
C THR A 392 -45.46 -26.43 33.82
N PHE A 393 -46.13 -25.32 33.64
CA PHE A 393 -47.18 -25.21 32.65
C PHE A 393 -46.61 -25.27 31.24
N GLY A 394 -45.39 -24.74 31.08
CA GLY A 394 -44.76 -24.59 29.78
C GLY A 394 -44.60 -25.88 28.99
N ILE A 395 -44.56 -27.03 29.66
CA ILE A 395 -44.41 -28.30 28.95
C ILE A 395 -45.69 -28.65 28.22
N LEU A 396 -46.83 -28.37 28.84
CA LEU A 396 -48.12 -28.70 28.26
C LEU A 396 -48.23 -28.26 26.80
N TYR A 397 -47.98 -26.98 26.55
CA TYR A 397 -48.16 -26.46 25.21
C TYR A 397 -46.86 -26.34 24.42
N ASN A 398 -45.79 -27.00 24.91
CA ASN A 398 -44.48 -26.96 24.24
C ASN A 398 -44.47 -27.50 22.82
N TYR A 399 -45.31 -28.50 22.55
CA TYR A 399 -45.30 -29.19 21.27
C TYR A 399 -46.45 -28.75 20.37
N THR A 400 -47.05 -27.61 20.70
CA THR A 400 -48.03 -26.98 19.83
C THR A 400 -47.35 -25.96 18.92
N GLU A 401 -46.19 -25.47 19.36
CA GLU A 401 -45.40 -24.55 18.55
C GLU A 401 -43.92 -24.91 18.66
N ASN A 402 -43.12 -24.43 17.71
CA ASN A 402 -41.66 -24.51 17.82
C ASN A 402 -41.15 -23.22 18.45
N PHE A 403 -40.79 -23.31 19.71
CA PHE A 403 -40.71 -22.13 20.57
C PHE A 403 -39.34 -21.49 20.70
N VAL A 404 -39.35 -20.17 20.73
CA VAL A 404 -38.20 -19.36 21.11
C VAL A 404 -38.53 -18.75 22.47
N LEU A 405 -37.75 -19.07 23.51
CA LEU A 405 -37.87 -18.39 24.81
C LEU A 405 -37.25 -17.00 24.70
N PRO A 406 -38.07 -15.95 24.63
CA PRO A 406 -37.44 -14.65 24.40
C PRO A 406 -37.34 -13.81 25.68
N LEU A 407 -36.27 -13.04 25.80
CA LEU A 407 -36.19 -12.05 26.86
C LEU A 407 -35.89 -10.75 26.16
N SER A 408 -36.92 -10.20 25.52
CA SER A 408 -36.75 -9.19 24.48
C SER A 408 -36.70 -7.73 24.93
N HIS A 409 -36.48 -6.84 23.96
CA HIS A 409 -36.50 -5.40 24.18
C HIS A 409 -37.87 -4.93 24.66
N ASP A 410 -38.92 -5.55 24.12
CA ASP A 410 -40.29 -5.22 24.48
C ASP A 410 -40.52 -5.38 25.98
N GLU A 411 -39.65 -6.14 26.64
CA GLU A 411 -39.84 -6.46 28.05
C GLU A 411 -39.14 -5.50 29.01
N VAL A 412 -38.34 -4.59 28.48
CA VAL A 412 -37.53 -3.73 29.35
C VAL A 412 -37.60 -2.22 29.01
N VAL A 413 -38.79 -1.77 28.60
CA VAL A 413 -39.07 -0.36 28.38
C VAL A 413 -40.43 0.00 28.98
N HIS A 414 -40.78 1.29 28.93
CA HIS A 414 -42.12 1.77 29.29
C HIS A 414 -42.50 1.53 30.74
N GLY A 415 -41.52 1.62 31.65
CA GLY A 415 -41.79 1.43 33.06
C GLY A 415 -41.86 -0.01 33.54
N LYS A 416 -41.63 -0.96 32.62
CA LYS A 416 -41.69 -2.38 32.96
C LYS A 416 -40.49 -2.88 33.77
N LYS A 417 -39.48 -2.01 33.87
CA LYS A 417 -38.20 -2.29 34.55
C LYS A 417 -37.26 -3.19 33.74
N SER A 418 -35.99 -3.20 34.16
CA SER A 418 -34.98 -4.12 33.68
C SER A 418 -35.31 -5.52 34.19
N ILE A 419 -34.73 -6.56 33.59
CA ILE A 419 -34.96 -7.91 34.10
C ILE A 419 -34.39 -8.06 35.49
N LEU A 420 -33.25 -7.43 35.71
CA LEU A 420 -32.61 -7.46 37.03
C LEU A 420 -33.52 -6.87 38.12
N ASP A 421 -34.17 -5.74 37.83
CA ASP A 421 -34.93 -5.05 38.89
C ASP A 421 -36.23 -5.72 39.31
N ARG A 422 -36.73 -6.62 38.46
CA ARG A 422 -37.89 -7.47 38.77
C ARG A 422 -37.64 -8.43 39.94
N MET A 423 -36.37 -8.76 40.18
CA MET A 423 -36.05 -9.75 41.22
C MET A 423 -36.32 -9.20 42.63
N PRO A 424 -36.83 -10.05 43.52
CA PRO A 424 -36.96 -9.69 44.94
C PRO A 424 -35.63 -9.79 45.68
N GLY A 425 -35.58 -9.27 46.90
CA GLY A 425 -34.40 -9.38 47.73
C GLY A 425 -33.54 -8.14 47.59
N ASP A 426 -32.54 -8.03 48.46
CA ASP A 426 -31.50 -7.04 48.27
C ASP A 426 -30.58 -7.46 47.13
N ALA A 427 -29.46 -6.74 47.02
CA ALA A 427 -28.61 -6.77 45.83
C ALA A 427 -28.13 -8.18 45.49
N TRP A 428 -27.41 -8.81 46.40
CA TRP A 428 -26.95 -10.17 46.18
C TRP A 428 -28.08 -11.16 45.85
N GLN A 429 -29.24 -11.03 46.50
CA GLN A 429 -30.38 -11.91 46.25
C GLN A 429 -30.99 -11.74 44.87
N LYS A 430 -31.05 -10.48 44.42
CA LYS A 430 -31.48 -10.15 43.06
C LYS A 430 -30.60 -10.83 42.02
N PHE A 431 -29.30 -10.78 42.25
CA PHE A 431 -28.36 -11.30 41.28
C PHE A 431 -28.41 -12.83 41.26
N ALA A 432 -28.46 -13.43 42.44
CA ALA A 432 -28.57 -14.88 42.50
C ALA A 432 -29.88 -15.33 41.85
N ASN A 433 -30.96 -14.60 42.11
CA ASN A 433 -32.23 -14.89 41.46
C ASN A 433 -32.10 -14.90 39.96
N LEU A 434 -31.54 -13.82 39.44
CA LEU A 434 -31.32 -13.66 38.02
C LEU A 434 -30.48 -14.80 37.41
N ARG A 435 -29.43 -15.21 38.10
CA ARG A 435 -28.56 -16.30 37.63
C ARG A 435 -29.32 -17.63 37.55
N ALA A 436 -30.11 -17.93 38.57
CA ALA A 436 -30.92 -19.13 38.58
C ALA A 436 -31.92 -19.10 37.42
N TYR A 437 -32.56 -17.97 37.20
CA TYR A 437 -33.51 -17.89 36.10
C TYR A 437 -32.86 -18.17 34.73
N TYR A 438 -31.64 -17.66 34.54
CA TYR A 438 -30.89 -17.93 33.32
C TYR A 438 -30.52 -19.41 33.25
N GLY A 439 -30.04 -19.94 34.37
CA GLY A 439 -29.75 -21.36 34.49
C GLY A 439 -30.91 -22.24 34.05
N TRP A 440 -32.10 -21.87 34.53
CA TRP A 440 -33.33 -22.58 34.20
C TRP A 440 -33.72 -22.35 32.75
N MET A 441 -33.65 -21.10 32.30
CA MET A 441 -34.09 -20.76 30.96
C MET A 441 -33.30 -21.50 29.90
N TRP A 442 -31.99 -21.60 30.11
CA TRP A 442 -31.12 -22.22 29.11
C TRP A 442 -31.32 -23.73 29.06
N ALA A 443 -31.80 -24.30 30.17
CA ALA A 443 -32.15 -25.72 30.22
C ALA A 443 -33.52 -26.03 29.60
N PHE A 444 -34.44 -25.07 29.64
CA PHE A 444 -35.82 -25.34 29.32
C PHE A 444 -36.03 -25.52 27.81
N PRO A 445 -36.92 -26.44 27.40
CA PRO A 445 -37.11 -26.71 25.96
C PRO A 445 -37.49 -25.48 25.16
N GLY A 446 -36.82 -25.28 24.02
CA GLY A 446 -37.04 -24.11 23.18
C GLY A 446 -35.75 -23.35 22.89
N LYS A 447 -35.67 -22.71 21.72
CA LYS A 447 -34.51 -21.87 21.40
C LYS A 447 -34.41 -20.66 22.34
N LYS A 448 -33.29 -19.95 22.30
CA LYS A 448 -33.04 -18.87 23.28
C LYS A 448 -32.87 -17.50 22.63
N LEU A 449 -33.33 -16.47 23.32
CA LEU A 449 -33.19 -15.09 22.84
C LEU A 449 -33.04 -14.12 24.00
N LEU A 450 -31.91 -13.44 24.04
CA LEU A 450 -31.62 -12.48 25.10
C LEU A 450 -31.39 -11.11 24.51
N PHE A 451 -32.06 -10.09 25.04
CA PHE A 451 -31.83 -8.71 24.58
C PHE A 451 -30.60 -8.07 25.19
N MET A 452 -29.86 -7.32 24.38
CA MET A 452 -28.65 -6.61 24.82
C MET A 452 -28.79 -5.90 26.18
N GLY A 453 -27.79 -6.09 27.04
CA GLY A 453 -27.79 -5.52 28.38
C GLY A 453 -28.36 -6.46 29.44
N ASN A 454 -29.20 -7.41 29.03
CA ASN A 454 -29.60 -8.48 29.92
C ASN A 454 -28.38 -9.29 30.41
N GLU A 455 -27.37 -9.45 29.55
CA GLU A 455 -26.28 -10.36 29.84
C GLU A 455 -25.33 -9.84 30.89
N PHE A 456 -25.33 -8.54 31.12
CA PHE A 456 -24.55 -8.04 32.26
C PHE A 456 -25.43 -7.45 33.36
N ALA A 457 -26.68 -7.91 33.37
CA ALA A 457 -27.71 -7.41 34.27
C ALA A 457 -27.74 -5.89 34.33
N GLN A 458 -28.08 -5.24 33.21
CA GLN A 458 -28.19 -3.78 33.26
C GLN A 458 -29.26 -3.41 34.30
N GLY A 459 -28.98 -2.37 35.11
CA GLY A 459 -29.89 -1.94 36.14
C GLY A 459 -31.09 -1.16 35.60
N ARG A 460 -30.84 -0.30 34.62
CA ARG A 460 -31.89 0.56 34.07
C ARG A 460 -32.65 -0.11 32.92
N GLU A 461 -33.83 0.41 32.63
CA GLU A 461 -34.58 0.02 31.45
C GLU A 461 -33.78 0.37 30.21
N TRP A 462 -34.13 -0.21 29.06
CA TRP A 462 -33.41 0.09 27.83
C TRP A 462 -33.77 1.48 27.31
N ASN A 463 -32.73 2.28 27.06
CA ASN A 463 -32.88 3.63 26.56
C ASN A 463 -32.34 3.72 25.14
N HIS A 464 -33.24 3.65 24.15
CA HIS A 464 -32.91 3.74 22.72
C HIS A 464 -32.13 5.00 22.31
N ASP A 465 -31.99 5.94 23.24
CA ASP A 465 -31.43 7.24 22.95
C ASP A 465 -30.04 7.39 23.57
N ALA A 466 -29.56 6.30 24.19
CA ALA A 466 -28.24 6.28 24.80
C ALA A 466 -27.62 4.91 24.62
N SER A 467 -26.34 4.80 24.93
CA SER A 467 -25.70 3.50 24.93
C SER A 467 -26.23 2.69 26.10
N LEU A 468 -25.97 1.38 26.10
CA LEU A 468 -26.23 0.56 27.28
C LEU A 468 -25.28 0.93 28.42
N ASP A 469 -25.58 0.45 29.62
CA ASP A 469 -24.77 0.86 30.78
C ASP A 469 -23.44 0.11 30.99
N TRP A 470 -22.60 0.15 29.95
CA TRP A 470 -21.28 -0.49 29.97
C TRP A 470 -20.41 0.02 31.10
N HIS A 471 -20.71 1.22 31.60
CA HIS A 471 -20.02 1.72 32.77
C HIS A 471 -20.09 0.73 33.95
N LEU A 472 -21.17 -0.03 34.04
CA LEU A 472 -21.27 -1.07 35.08
C LEU A 472 -20.09 -2.03 35.05
N LEU A 473 -19.56 -2.31 33.86
CA LEU A 473 -18.46 -3.26 33.73
C LEU A 473 -17.06 -2.65 33.90
N GLU A 474 -16.99 -1.38 34.27
CA GLU A 474 -15.68 -0.76 34.47
C GLU A 474 -15.22 -1.03 35.87
N GLY A 475 -13.92 -0.93 36.10
CA GLY A 475 -13.39 -1.11 37.44
C GLY A 475 -13.22 -2.56 37.87
N GLY A 476 -13.15 -2.76 39.19
CA GLY A 476 -12.91 -4.08 39.76
C GLY A 476 -13.94 -5.10 39.32
N ASP A 477 -13.60 -6.37 39.41
CA ASP A 477 -14.54 -7.42 39.05
C ASP A 477 -15.79 -7.38 39.97
N ASN A 478 -16.97 -7.34 39.37
CA ASN A 478 -18.20 -7.21 40.16
C ASN A 478 -19.33 -8.17 39.73
N TRP A 479 -20.52 -7.99 40.33
CA TRP A 479 -21.62 -8.92 40.10
C TRP A 479 -22.09 -8.95 38.65
N HIS A 480 -21.93 -7.85 37.94
CA HIS A 480 -22.29 -7.79 36.53
C HIS A 480 -21.29 -8.58 35.68
N HIS A 481 -20.02 -8.53 36.04
CA HIS A 481 -19.05 -9.40 35.40
C HIS A 481 -19.49 -10.86 35.58
N GLY A 482 -19.96 -11.19 36.78
CA GLY A 482 -20.43 -12.53 37.09
C GLY A 482 -21.57 -13.04 36.20
N VAL A 483 -22.54 -12.17 35.92
CA VAL A 483 -23.66 -12.56 35.09
C VAL A 483 -23.21 -12.72 33.64
N GLN A 484 -22.32 -11.83 33.19
CA GLN A 484 -21.86 -11.87 31.81
C GLN A 484 -21.08 -13.17 31.55
N ARG A 485 -20.25 -13.54 32.52
CA ARG A 485 -19.52 -14.80 32.49
C ARG A 485 -20.50 -15.96 32.42
N LEU A 486 -21.55 -15.88 33.22
CA LEU A 486 -22.51 -16.96 33.28
C LEU A 486 -23.25 -17.13 31.95
N VAL A 487 -23.55 -16.03 31.28
CA VAL A 487 -24.28 -16.13 30.04
C VAL A 487 -23.41 -16.82 29.00
N ARG A 488 -22.13 -16.48 28.98
CA ARG A 488 -21.20 -17.05 28.02
C ARG A 488 -21.02 -18.55 28.29
N ASP A 489 -20.89 -18.95 29.56
CA ASP A 489 -20.78 -20.37 29.94
C ASP A 489 -22.05 -21.15 29.63
N LEU A 490 -23.18 -20.51 29.86
CA LEU A 490 -24.47 -21.09 29.53
C LEU A 490 -24.54 -21.31 28.02
N ASN A 491 -24.21 -20.29 27.24
CA ASN A 491 -24.16 -20.44 25.79
C ASN A 491 -23.22 -21.56 25.31
N LEU A 492 -22.02 -21.62 25.89
CA LEU A 492 -21.05 -22.64 25.49
C LEU A 492 -21.43 -24.03 25.96
N THR A 493 -22.08 -24.13 27.12
CA THR A 493 -22.51 -25.44 27.63
C THR A 493 -23.75 -25.98 26.89
N TYR A 494 -24.59 -25.07 26.42
CA TYR A 494 -25.82 -25.37 25.71
C TYR A 494 -25.56 -25.83 24.31
N ARG A 495 -24.70 -25.09 23.60
CA ARG A 495 -24.00 -25.62 22.44
C ARG A 495 -23.10 -26.65 23.09
N HIS A 496 -22.50 -27.55 22.32
CA HIS A 496 -21.67 -28.65 22.88
C HIS A 496 -22.52 -29.88 23.19
N HIS A 497 -23.27 -29.86 24.30
CA HIS A 497 -24.09 -31.01 24.69
C HIS A 497 -25.41 -31.05 23.90
N LYS A 498 -25.57 -32.02 23.01
CA LYS A 498 -26.78 -32.12 22.16
C LYS A 498 -28.07 -32.32 22.97
N ALA A 499 -27.94 -32.89 24.17
CA ALA A 499 -29.09 -33.08 25.04
C ALA A 499 -29.81 -31.77 25.31
N MET A 500 -29.04 -30.67 25.32
CA MET A 500 -29.59 -29.36 25.64
C MET A 500 -30.38 -28.73 24.50
N HIS A 501 -30.29 -29.28 23.30
CA HIS A 501 -30.83 -28.57 22.13
C HIS A 501 -31.35 -29.42 20.96
N GLU A 502 -31.07 -30.72 20.97
CA GLU A 502 -31.42 -31.55 19.81
C GLU A 502 -32.94 -31.79 19.69
N LEU A 503 -33.55 -32.13 20.81
CA LEU A 503 -34.92 -32.59 20.85
C LEU A 503 -35.81 -31.61 21.60
N ASP A 504 -35.77 -30.35 21.19
CA ASP A 504 -36.61 -29.34 21.84
C ASP A 504 -38.10 -29.62 21.58
N PHE A 505 -38.39 -30.25 20.45
CA PHE A 505 -39.76 -30.35 19.96
C PHE A 505 -40.26 -31.78 19.86
N ASP A 506 -39.62 -32.64 20.63
CA ASP A 506 -40.00 -34.04 20.68
C ASP A 506 -40.05 -34.39 22.17
N PRO A 507 -41.21 -34.83 22.65
CA PRO A 507 -41.40 -35.19 24.06
C PRO A 507 -40.28 -36.07 24.63
N TYR A 508 -39.57 -36.77 23.77
CA TYR A 508 -38.44 -37.59 24.20
C TYR A 508 -37.32 -36.77 24.84
N GLY A 509 -37.17 -35.52 24.38
CA GLY A 509 -36.12 -34.63 24.84
C GLY A 509 -36.27 -34.00 26.21
N PHE A 510 -37.41 -34.26 26.88
CA PHE A 510 -37.72 -33.71 28.21
C PHE A 510 -38.51 -34.68 29.12
N GLU A 511 -38.04 -34.87 30.35
CA GLU A 511 -38.76 -35.69 31.33
C GLU A 511 -38.55 -35.20 32.76
N TRP A 512 -39.65 -34.95 33.47
CA TRP A 512 -39.58 -34.50 34.86
C TRP A 512 -39.00 -35.57 35.76
N LEU A 513 -38.17 -35.15 36.72
CA LEU A 513 -37.67 -36.03 37.76
C LEU A 513 -38.31 -35.69 39.11
N VAL A 514 -38.59 -34.41 39.29
CA VAL A 514 -39.28 -33.89 40.45
C VAL A 514 -40.09 -32.68 39.99
N VAL A 515 -41.37 -32.93 39.71
CA VAL A 515 -42.32 -31.92 39.25
C VAL A 515 -43.11 -31.34 40.43
N ASP A 516 -43.19 -32.08 41.52
CA ASP A 516 -44.16 -31.77 42.56
C ASP A 516 -43.57 -31.38 43.92
N ASP A 517 -42.30 -30.99 43.97
CA ASP A 517 -41.81 -30.41 45.22
C ASP A 517 -42.17 -28.91 45.25
N LYS A 518 -43.44 -28.64 45.52
CA LYS A 518 -43.92 -27.27 45.69
C LYS A 518 -43.42 -26.61 46.98
N GLU A 519 -43.45 -27.36 48.07
CA GLU A 519 -43.10 -26.83 49.38
C GLU A 519 -41.74 -26.14 49.37
N ARG A 520 -40.72 -26.82 48.83
CA ARG A 520 -39.35 -26.33 48.83
C ARG A 520 -38.93 -25.55 47.58
N SER A 521 -39.85 -25.47 46.60
CA SER A 521 -39.61 -24.83 45.30
C SER A 521 -38.35 -25.37 44.61
N VAL A 522 -38.24 -26.69 44.62
CA VAL A 522 -37.16 -27.40 43.96
C VAL A 522 -37.72 -28.15 42.75
N LEU A 523 -37.24 -27.80 41.56
CA LEU A 523 -37.72 -28.46 40.35
C LEU A 523 -36.59 -29.15 39.59
N ILE A 524 -36.72 -30.47 39.41
CA ILE A 524 -35.72 -31.20 38.64
C ILE A 524 -36.32 -31.88 37.41
N PHE A 525 -35.58 -31.82 36.32
CA PHE A 525 -35.99 -32.51 35.11
C PHE A 525 -34.77 -32.96 34.32
N VAL A 526 -35.03 -33.74 33.28
CA VAL A 526 -33.95 -34.29 32.49
C VAL A 526 -34.06 -33.79 31.07
N ARG A 527 -32.92 -33.58 30.43
CA ARG A 527 -32.88 -33.33 29.00
C ARG A 527 -32.17 -34.49 28.29
N ARG A 528 -32.62 -34.78 27.08
CA ARG A 528 -32.24 -36.01 26.40
C ARG A 528 -31.91 -35.75 24.94
N ASP A 529 -30.81 -36.32 24.45
CA ASP A 529 -30.48 -36.30 23.00
C ASP A 529 -30.98 -37.58 22.30
N LYS A 530 -30.86 -37.66 20.97
CA LYS A 530 -31.29 -38.83 20.20
C LYS A 530 -30.58 -40.12 20.57
N GLU A 531 -29.33 -40.01 20.98
CA GLU A 531 -28.58 -41.18 21.45
C GLU A 531 -29.09 -41.62 22.82
N GLY A 532 -29.91 -40.76 23.43
CA GLY A 532 -30.47 -41.02 24.75
C GLY A 532 -29.61 -40.64 25.95
N ASN A 533 -28.58 -39.82 25.73
CA ASN A 533 -27.81 -39.31 26.88
C ASN A 533 -28.65 -38.32 27.63
N GLU A 534 -28.44 -38.26 28.95
CA GLU A 534 -29.30 -37.43 29.77
C GLU A 534 -28.49 -36.43 30.58
N ILE A 535 -29.02 -35.21 30.62
CA ILE A 535 -28.45 -34.16 31.44
C ILE A 535 -29.51 -33.76 32.46
N ILE A 536 -29.14 -33.78 33.72
CA ILE A 536 -30.08 -33.45 34.80
C ILE A 536 -29.95 -31.98 35.18
N VAL A 537 -31.09 -31.29 35.18
CA VAL A 537 -31.16 -29.89 35.58
C VAL A 537 -31.93 -29.78 36.88
N ALA A 538 -31.30 -29.25 37.92
CA ALA A 538 -31.96 -29.01 39.20
C ALA A 538 -31.95 -27.52 39.62
N SER A 539 -33.13 -26.92 39.75
CA SER A 539 -33.27 -25.57 40.27
C SER A 539 -33.79 -25.53 41.71
N ASN A 540 -33.09 -24.82 42.59
CA ASN A 540 -33.62 -24.50 43.92
C ASN A 540 -33.99 -22.99 44.00
N PHE A 541 -35.29 -22.70 44.05
CA PHE A 541 -35.77 -21.32 43.92
C PHE A 541 -36.10 -20.60 45.24
N THR A 542 -35.44 -21.02 46.32
CA THR A 542 -35.53 -20.37 47.62
C THR A 542 -34.12 -20.31 48.14
N PRO A 543 -33.82 -19.36 49.06
CA PRO A 543 -32.43 -19.18 49.52
C PRO A 543 -32.08 -20.14 50.65
N VAL A 544 -32.90 -21.17 50.83
CA VAL A 544 -32.60 -22.29 51.74
C VAL A 544 -31.71 -23.35 51.06
N PRO A 545 -30.48 -23.52 51.54
CA PRO A 545 -29.63 -24.56 50.94
C PRO A 545 -30.23 -25.93 51.20
N ARG A 546 -30.23 -26.79 50.19
CA ARG A 546 -30.78 -28.12 50.32
C ARG A 546 -29.66 -29.14 50.33
N HIS A 547 -29.43 -29.78 51.47
CA HIS A 547 -28.41 -30.81 51.57
C HIS A 547 -29.07 -32.17 51.57
N ASP A 548 -28.40 -33.14 50.96
CA ASP A 548 -28.86 -34.52 50.89
C ASP A 548 -30.25 -34.60 50.31
N TYR A 549 -30.47 -33.82 49.26
CA TYR A 549 -31.74 -33.87 48.57
C TYR A 549 -31.76 -35.07 47.64
N ARG A 550 -32.36 -36.16 48.09
CA ARG A 550 -32.46 -37.37 47.28
C ARG A 550 -33.62 -37.34 46.29
N PHE A 551 -33.31 -37.61 45.03
CA PHE A 551 -34.34 -37.73 44.01
C PHE A 551 -34.02 -38.91 43.06
N GLY A 552 -35.04 -39.41 42.39
CA GLY A 552 -34.88 -40.56 41.52
C GLY A 552 -34.28 -40.17 40.19
N ILE A 553 -33.50 -41.08 39.60
CA ILE A 553 -32.89 -40.85 38.29
C ILE A 553 -33.10 -42.05 37.37
N ASN A 554 -32.92 -41.85 36.06
CA ASN A 554 -33.05 -42.96 35.10
C ASN A 554 -31.75 -43.76 34.82
N GLN A 555 -30.61 -43.08 34.84
CA GLN A 555 -29.35 -43.67 34.39
C GLN A 555 -28.30 -43.68 35.48
N PRO A 556 -28.28 -44.72 36.30
CA PRO A 556 -27.36 -44.78 37.46
C PRO A 556 -25.91 -44.68 37.03
N GLY A 557 -25.01 -44.39 37.96
CA GLY A 557 -23.63 -44.20 37.65
C GLY A 557 -23.03 -42.95 38.30
N LYS A 558 -21.83 -42.56 37.84
CA LYS A 558 -21.13 -41.39 38.35
C LYS A 558 -21.71 -40.12 37.74
N TRP A 559 -21.95 -39.11 38.57
CA TRP A 559 -22.57 -37.87 38.09
C TRP A 559 -21.78 -36.66 38.54
N ARG A 560 -21.75 -35.63 37.70
CA ARG A 560 -20.86 -34.50 37.91
C ARG A 560 -21.46 -33.17 37.39
N GLU A 561 -21.27 -32.10 38.17
CA GLU A 561 -21.73 -30.76 37.80
C GLU A 561 -20.96 -30.20 36.60
N ILE A 562 -21.68 -29.76 35.57
CA ILE A 562 -21.07 -29.03 34.44
C ILE A 562 -21.51 -27.57 34.41
N LEU A 563 -22.32 -27.18 35.38
CA LEU A 563 -22.86 -25.83 35.45
C LEU A 563 -23.43 -25.58 36.85
N ASN A 564 -23.11 -24.42 37.42
CA ASN A 564 -23.59 -24.09 38.76
C ASN A 564 -23.72 -22.58 38.94
N THR A 565 -24.93 -22.05 38.76
CA THR A 565 -25.15 -20.61 38.96
C THR A 565 -24.66 -20.01 40.31
N ASP A 566 -24.43 -20.85 41.33
CA ASP A 566 -23.86 -20.35 42.60
C ASP A 566 -22.31 -20.37 42.67
N SER A 567 -21.67 -20.76 41.58
CA SER A 567 -20.21 -20.80 41.57
C SER A 567 -19.67 -19.41 41.90
N MET A 568 -18.65 -19.35 42.74
CA MET A 568 -17.95 -18.08 42.98
C MET A 568 -17.41 -17.46 41.67
N HIS A 569 -17.34 -18.24 40.60
CA HIS A 569 -16.93 -17.66 39.33
C HIS A 569 -17.92 -16.56 38.87
N TYR A 570 -19.17 -16.63 39.31
CA TYR A 570 -20.14 -15.59 38.99
C TYR A 570 -20.58 -14.81 40.24
N HIS A 571 -19.79 -14.92 41.29
CA HIS A 571 -20.04 -14.31 42.61
C HIS A 571 -21.21 -14.92 43.39
N GLY A 572 -21.33 -16.25 43.33
CA GLY A 572 -22.21 -16.99 44.19
C GLY A 572 -21.39 -17.47 45.36
N SER A 573 -21.99 -18.24 46.25
CA SER A 573 -21.30 -18.67 47.48
C SER A 573 -20.43 -19.92 47.32
N ASN A 574 -20.29 -20.40 46.09
CA ASN A 574 -19.52 -21.60 45.80
C ASN A 574 -20.09 -22.86 46.47
N ALA A 575 -21.37 -22.86 46.78
CA ALA A 575 -22.01 -24.07 47.30
C ALA A 575 -22.18 -25.04 46.16
N GLY A 576 -21.99 -26.31 46.43
CA GLY A 576 -22.16 -27.29 45.38
C GLY A 576 -21.81 -28.70 45.78
N ASN A 577 -21.83 -29.59 44.81
CA ASN A 577 -21.54 -30.98 45.13
C ASN A 577 -20.06 -31.30 45.31
N GLY A 578 -19.21 -30.45 44.75
CA GLY A 578 -17.77 -30.51 44.95
C GLY A 578 -17.12 -31.83 44.59
N GLY A 579 -17.31 -32.26 43.35
CA GLY A 579 -16.70 -33.48 42.84
C GLY A 579 -17.68 -34.43 42.19
N THR A 580 -17.18 -35.59 41.80
CA THR A 580 -18.03 -36.67 41.32
C THR A 580 -18.97 -37.12 42.43
N VAL A 581 -20.23 -37.41 42.05
CA VAL A 581 -21.25 -37.93 42.97
C VAL A 581 -21.91 -39.18 42.39
N HIS A 582 -21.75 -40.31 43.07
CA HIS A 582 -22.30 -41.58 42.62
C HIS A 582 -23.66 -41.88 43.24
N SER A 583 -24.56 -42.39 42.43
CA SER A 583 -25.95 -42.64 42.82
C SER A 583 -26.13 -43.90 43.70
N ASP A 584 -27.37 -44.14 44.11
CA ASP A 584 -27.68 -45.22 45.05
C ASP A 584 -28.87 -46.03 44.56
N GLU A 585 -28.88 -47.33 44.82
CA GLU A 585 -30.09 -48.11 44.55
C GLU A 585 -31.02 -47.97 45.75
N ILE A 586 -31.76 -46.87 45.74
CA ILE A 586 -32.64 -46.51 46.83
C ILE A 586 -33.78 -45.85 46.09
N ALA A 587 -34.98 -46.40 46.18
CA ALA A 587 -36.07 -45.86 45.35
C ALA A 587 -36.41 -44.41 45.72
N SER A 588 -36.80 -43.65 44.71
CA SER A 588 -37.27 -42.29 44.93
C SER A 588 -38.13 -41.87 43.76
N HIS A 589 -39.32 -41.38 44.06
CA HIS A 589 -40.28 -40.92 43.06
C HIS A 589 -40.61 -42.03 42.07
N GLY A 590 -40.82 -43.23 42.60
CA GLY A 590 -41.17 -44.37 41.78
C GLY A 590 -40.08 -44.76 40.77
N ARG A 591 -38.83 -44.67 41.19
CA ARG A 591 -37.70 -45.00 40.34
C ARG A 591 -36.74 -45.81 41.17
N GLN A 592 -36.03 -46.70 40.51
CA GLN A 592 -35.21 -47.69 41.19
C GLN A 592 -33.93 -47.12 41.78
N HIS A 593 -33.31 -46.16 41.10
CA HIS A 593 -32.05 -45.56 41.58
C HIS A 593 -32.16 -44.05 41.87
N SER A 594 -31.34 -43.59 42.80
CA SER A 594 -31.46 -42.22 43.27
C SER A 594 -30.13 -41.47 43.39
N LEU A 595 -30.17 -40.19 43.07
CA LEU A 595 -29.09 -39.29 43.41
C LEU A 595 -29.43 -38.54 44.69
N SER A 596 -28.41 -38.31 45.52
CA SER A 596 -28.57 -37.49 46.72
C SER A 596 -27.59 -36.30 46.65
N LEU A 597 -28.12 -35.10 46.39
CA LEU A 597 -27.27 -33.94 46.06
C LEU A 597 -27.44 -32.70 46.95
N THR A 598 -26.39 -31.88 47.02
CA THR A 598 -26.50 -30.51 47.53
C THR A 598 -27.11 -29.60 46.47
N LEU A 599 -28.27 -29.01 46.75
CA LEU A 599 -28.85 -27.98 45.90
C LEU A 599 -28.56 -26.60 46.48
N PRO A 600 -27.70 -25.83 45.80
CA PRO A 600 -27.38 -24.46 46.26
C PRO A 600 -28.61 -23.51 46.29
N PRO A 601 -28.56 -22.52 47.18
CA PRO A 601 -29.67 -21.56 47.37
C PRO A 601 -29.83 -20.62 46.18
N LEU A 602 -31.08 -20.42 45.75
CA LEU A 602 -31.42 -19.59 44.59
C LEU A 602 -30.51 -19.91 43.41
N ALA A 603 -30.60 -21.14 42.91
CA ALA A 603 -29.58 -21.63 41.98
C ALA A 603 -30.02 -22.83 41.18
N THR A 604 -29.57 -22.88 39.92
CA THR A 604 -29.71 -24.10 39.15
C THR A 604 -28.34 -24.70 38.80
N ILE A 605 -28.30 -26.02 38.71
CA ILE A 605 -27.09 -26.72 38.36
C ILE A 605 -27.39 -27.77 37.30
N TRP A 606 -26.42 -28.01 36.41
CA TRP A 606 -26.57 -29.01 35.36
C TRP A 606 -25.60 -30.13 35.67
N LEU A 607 -26.11 -31.35 35.71
CA LEU A 607 -25.28 -32.51 35.95
C LEU A 607 -25.11 -33.37 34.68
N VAL A 608 -23.95 -33.99 34.53
CA VAL A 608 -23.73 -34.91 33.41
C VAL A 608 -23.32 -36.30 33.92
N ARG A 609 -23.60 -37.32 33.11
CA ARG A 609 -23.11 -38.67 33.43
C ARG A 609 -21.71 -38.94 32.86
N GLU A 610 -20.76 -39.21 33.74
CA GLU A 610 -19.41 -39.59 33.36
C GLU A 610 -19.41 -41.03 32.88
N ALA A 611 -18.75 -41.27 31.76
CA ALA A 611 -18.65 -42.61 31.20
C ALA A 611 -17.82 -43.53 32.08
N GLU A 612 -18.19 -44.81 32.06
CA GLU A 612 -17.46 -45.83 32.80
C GLU A 612 -16.51 -46.57 31.87
N THR B 1 -3.11 -44.63 -10.33
CA THR B 1 -2.14 -45.25 -11.25
C THR B 1 -0.95 -45.84 -10.51
N HIS B 2 0.22 -45.20 -10.66
CA HIS B 2 1.43 -45.63 -9.97
C HIS B 2 1.57 -44.86 -8.65
N LEU B 3 0.73 -43.83 -8.49
CA LEU B 3 0.71 -43.01 -7.28
C LEU B 3 -0.23 -43.54 -6.20
N ARG B 4 -1.18 -44.39 -6.58
CA ARG B 4 -2.08 -45.02 -5.62
C ARG B 4 -2.11 -46.55 -5.76
N PRO B 5 -0.97 -47.20 -5.54
CA PRO B 5 -0.84 -48.66 -5.68
C PRO B 5 -1.78 -49.44 -4.75
N TYR B 6 -2.30 -48.77 -3.72
CA TYR B 6 -3.20 -49.40 -2.77
C TYR B 6 -4.55 -49.68 -3.40
N GLU B 7 -4.81 -49.04 -4.53
CA GLU B 7 -6.06 -49.25 -5.26
C GLU B 7 -6.01 -50.45 -6.22
N THR B 8 -4.91 -51.20 -6.18
CA THR B 8 -4.77 -52.41 -7.00
C THR B 8 -4.21 -53.58 -6.18
N LEU B 9 -3.08 -53.37 -5.53
CA LEU B 9 -2.46 -54.39 -4.69
C LEU B 9 -3.28 -54.60 -3.42
N GLY B 10 -3.07 -55.73 -2.75
CA GLY B 10 -3.91 -56.15 -1.62
C GLY B 10 -5.14 -56.90 -2.12
N ALA B 11 -6.09 -57.18 -1.25
CA ALA B 11 -7.31 -57.90 -1.71
C ALA B 11 -8.48 -56.96 -2.01
N HIS B 12 -9.06 -57.10 -3.20
CA HIS B 12 -10.20 -56.28 -3.62
C HIS B 12 -11.30 -57.12 -4.25
N ALA B 13 -12.54 -56.76 -3.98
CA ALA B 13 -13.67 -57.44 -4.62
C ALA B 13 -13.61 -57.26 -6.13
N ASP B 14 -14.09 -58.25 -6.86
CA ASP B 14 -14.17 -58.14 -8.31
C ASP B 14 -15.24 -59.07 -8.88
N THR B 15 -15.76 -58.71 -10.05
CA THR B 15 -16.71 -59.54 -10.77
C THR B 15 -16.09 -59.98 -12.09
N MET B 16 -15.87 -61.29 -12.23
CA MET B 16 -15.21 -61.85 -13.41
C MET B 16 -16.15 -62.80 -14.19
N ASP B 17 -16.76 -62.24 -15.25
CA ASP B 17 -17.82 -62.88 -16.02
C ASP B 17 -19.03 -63.21 -15.15
N GLY B 18 -19.57 -62.17 -14.49
CA GLY B 18 -20.71 -62.34 -13.59
C GLY B 18 -20.39 -62.94 -12.23
N VAL B 19 -19.26 -63.64 -12.11
CA VAL B 19 -18.97 -64.34 -10.87
C VAL B 19 -18.25 -63.45 -9.88
N THR B 20 -18.76 -63.38 -8.66
CA THR B 20 -18.17 -62.53 -7.64
C THR B 20 -17.09 -63.28 -6.87
N GLY B 21 -16.10 -62.53 -6.39
CA GLY B 21 -14.99 -63.06 -5.62
C GLY B 21 -14.06 -61.91 -5.32
N THR B 22 -12.93 -62.17 -4.68
CA THR B 22 -11.92 -61.12 -4.51
C THR B 22 -10.67 -61.43 -5.35
N ARG B 23 -9.92 -60.40 -5.71
CA ARG B 23 -8.71 -60.56 -6.51
C ARG B 23 -7.50 -60.15 -5.70
N PHE B 24 -6.47 -60.98 -5.72
CA PHE B 24 -5.28 -60.70 -4.93
C PHE B 24 -4.15 -60.23 -5.81
N SER B 25 -3.19 -59.53 -5.21
CA SER B 25 -2.12 -58.90 -5.96
C SER B 25 -0.99 -58.59 -5.00
N VAL B 26 0.10 -59.34 -5.08
CA VAL B 26 1.28 -58.99 -4.30
C VAL B 26 2.47 -58.79 -5.21
N TRP B 27 3.25 -57.75 -4.93
CA TRP B 27 4.51 -57.52 -5.63
C TRP B 27 5.56 -58.40 -4.96
N ALA B 28 6.11 -59.34 -5.72
CA ALA B 28 7.22 -60.19 -5.27
C ALA B 28 7.93 -60.79 -6.47
N PRO B 29 8.90 -60.05 -7.04
CA PRO B 29 9.47 -60.38 -8.34
C PRO B 29 10.32 -61.66 -8.35
N ASN B 30 11.19 -61.80 -7.36
CA ASN B 30 12.14 -62.91 -7.35
C ASN B 30 11.59 -64.11 -6.60
N ALA B 31 10.32 -64.42 -6.83
CA ALA B 31 9.59 -65.28 -5.90
C ALA B 31 9.41 -66.77 -6.24
N ARG B 32 9.61 -67.16 -7.50
CA ARG B 32 9.38 -68.57 -7.91
C ARG B 32 7.91 -68.99 -7.79
N ARG B 33 7.36 -68.96 -6.58
CA ARG B 33 6.03 -69.51 -6.32
C ARG B 33 5.26 -68.75 -5.22
N VAL B 34 4.04 -68.29 -5.55
CA VAL B 34 3.18 -67.60 -4.57
C VAL B 34 1.72 -68.11 -4.58
N SER B 35 1.25 -68.61 -3.45
CA SER B 35 -0.16 -69.03 -3.30
C SER B 35 -1.01 -68.18 -2.33
N VAL B 36 -2.29 -68.02 -2.65
CA VAL B 36 -3.25 -67.47 -1.72
C VAL B 36 -3.81 -68.52 -0.77
N VAL B 37 -3.42 -68.46 0.49
CA VAL B 37 -3.98 -69.34 1.53
C VAL B 37 -4.99 -68.59 2.39
N GLY B 38 -6.02 -69.30 2.86
CA GLY B 38 -7.03 -68.66 3.71
C GLY B 38 -8.19 -69.56 4.07
N GLN B 39 -9.28 -68.95 4.52
CA GLN B 39 -10.43 -69.70 5.01
C GLN B 39 -11.25 -70.28 3.85
N PHE B 40 -11.26 -69.57 2.72
CA PHE B 40 -11.86 -70.09 1.47
C PHE B 40 -11.04 -71.27 0.91
N ASN B 41 -9.91 -71.56 1.56
CA ASN B 41 -8.99 -72.61 1.11
C ASN B 41 -8.74 -73.67 2.17
N TYR B 42 -9.03 -73.33 3.42
CA TYR B 42 -8.59 -74.11 4.58
C TYR B 42 -7.06 -74.15 4.63
N TRP B 43 -6.47 -73.13 4.03
CA TRP B 43 -5.03 -72.89 4.08
C TRP B 43 -4.25 -73.95 3.32
N ASP B 44 -4.84 -74.37 2.19
CA ASP B 44 -4.14 -75.22 1.24
C ASP B 44 -3.43 -74.37 0.20
N GLY B 45 -2.10 -74.37 0.26
CA GLY B 45 -1.30 -73.67 -0.72
C GLY B 45 -1.29 -74.39 -2.05
N ARG B 46 -1.94 -75.56 -2.09
CA ARG B 46 -1.99 -76.36 -3.29
C ARG B 46 -3.20 -76.01 -4.13
N ARG B 47 -4.25 -75.46 -3.51
CA ARG B 47 -5.48 -75.22 -4.26
C ARG B 47 -5.53 -73.89 -5.03
N HIS B 48 -4.96 -72.83 -4.47
CA HIS B 48 -5.00 -71.53 -5.15
C HIS B 48 -3.62 -70.90 -5.38
N PRO B 49 -3.04 -71.12 -6.58
CA PRO B 49 -1.73 -70.56 -6.95
C PRO B 49 -1.87 -69.34 -7.86
N MET B 50 -1.00 -68.35 -7.67
CA MET B 50 -1.10 -67.07 -8.37
C MET B 50 -0.24 -67.04 -9.64
N ARG B 51 -0.64 -66.22 -10.61
CA ARG B 51 0.13 -66.03 -11.84
C ARG B 51 1.02 -64.79 -11.74
N LEU B 52 2.32 -64.98 -11.98
CA LEU B 52 3.29 -63.88 -11.98
C LEU B 52 3.17 -63.14 -13.29
N ARG B 53 3.32 -61.82 -13.23
CA ARG B 53 3.42 -61.04 -14.45
C ARG B 53 4.82 -60.48 -14.45
N LYS B 54 5.62 -60.86 -15.45
CA LYS B 54 7.04 -60.50 -15.44
C LYS B 54 7.26 -59.04 -15.85
N GLU B 55 6.21 -58.40 -16.33
CA GLU B 55 6.30 -56.98 -16.66
C GLU B 55 6.55 -56.16 -15.41
N SER B 56 5.89 -56.53 -14.32
CA SER B 56 5.82 -55.67 -13.15
C SER B 56 6.31 -56.33 -11.86
N GLY B 57 6.33 -57.65 -11.83
CA GLY B 57 6.80 -58.40 -10.67
C GLY B 57 5.64 -58.77 -9.76
N ILE B 58 4.44 -58.59 -10.29
CA ILE B 58 3.22 -58.74 -9.53
C ILE B 58 2.48 -60.06 -9.80
N TRP B 59 2.19 -60.78 -8.71
CA TRP B 59 1.39 -61.99 -8.74
C TRP B 59 -0.10 -61.64 -8.60
N GLU B 60 -0.92 -62.20 -9.49
CA GLU B 60 -2.35 -61.88 -9.49
C GLU B 60 -3.19 -63.15 -9.55
N LEU B 61 -4.32 -63.13 -8.85
CA LEU B 61 -5.29 -64.23 -8.90
C LEU B 61 -6.70 -63.80 -8.48
N PHE B 62 -7.68 -64.11 -9.31
CA PHE B 62 -9.07 -63.91 -8.90
C PHE B 62 -9.59 -65.20 -8.28
N ILE B 63 -9.99 -65.13 -7.02
CA ILE B 63 -10.62 -66.28 -6.39
C ILE B 63 -12.13 -66.03 -6.27
N PRO B 64 -12.94 -66.70 -7.11
CA PRO B 64 -14.39 -66.60 -6.94
C PRO B 64 -14.80 -67.14 -5.57
N GLY B 65 -15.85 -66.59 -4.97
CA GLY B 65 -16.36 -67.11 -3.71
C GLY B 65 -15.73 -66.53 -2.46
N ALA B 66 -14.41 -66.29 -2.51
CA ALA B 66 -13.73 -65.55 -1.45
C ALA B 66 -14.42 -64.19 -1.29
N HIS B 67 -14.57 -63.73 -0.05
CA HIS B 67 -15.39 -62.54 0.24
C HIS B 67 -14.92 -61.73 1.45
N ASN B 68 -15.36 -60.47 1.52
CA ASN B 68 -15.11 -59.59 2.68
C ASN B 68 -15.30 -60.34 3.99
N GLY B 69 -14.28 -60.31 4.85
CA GLY B 69 -14.38 -60.91 6.18
C GLY B 69 -13.47 -62.09 6.41
N GLN B 70 -13.14 -62.80 5.33
CA GLN B 70 -12.29 -63.99 5.46
C GLN B 70 -10.84 -63.62 5.65
N LEU B 71 -10.12 -64.50 6.34
CA LEU B 71 -8.73 -64.29 6.69
C LEU B 71 -7.80 -64.98 5.69
N TYR B 72 -6.81 -64.24 5.19
CA TYR B 72 -5.93 -64.77 4.17
C TYR B 72 -4.46 -64.49 4.45
N LYS B 73 -3.59 -65.26 3.81
CA LYS B 73 -2.15 -65.01 3.77
C LYS B 73 -1.61 -65.37 2.41
N TYR B 74 -0.35 -65.04 2.18
CA TYR B 74 0.30 -65.44 0.94
C TYR B 74 1.33 -66.50 1.29
N GLU B 75 1.14 -67.70 0.77
CA GLU B 75 2.16 -68.74 0.86
C GLU B 75 3.13 -68.59 -0.31
N MET B 76 4.40 -68.39 0.00
CA MET B 76 5.40 -68.30 -1.04
C MET B 76 6.58 -69.25 -0.78
N ILE B 77 7.22 -69.67 -1.86
CA ILE B 77 8.51 -70.32 -1.78
C ILE B 77 9.53 -69.24 -2.12
N ASP B 78 10.59 -69.11 -1.33
CA ASP B 78 11.53 -67.98 -1.43
C ASP B 78 12.19 -67.74 -2.78
N ALA B 79 13.22 -66.89 -2.76
CA ALA B 79 14.17 -66.80 -3.85
C ALA B 79 15.32 -67.73 -3.52
N ASN B 80 15.10 -68.52 -2.47
CA ASN B 80 16.07 -69.46 -1.95
C ASN B 80 15.41 -70.81 -1.77
N GLY B 81 14.15 -70.91 -2.20
CA GLY B 81 13.38 -72.13 -2.00
C GLY B 81 12.77 -72.26 -0.62
N ASN B 82 13.13 -71.36 0.29
CA ASN B 82 12.55 -71.36 1.64
C ASN B 82 11.04 -71.08 1.64
N LEU B 83 10.31 -71.87 2.44
CA LEU B 83 8.86 -71.78 2.52
C LEU B 83 8.40 -70.76 3.57
N ARG B 84 7.69 -69.72 3.12
CA ARG B 84 7.28 -68.63 4.01
C ARG B 84 5.79 -68.26 3.85
N LEU B 85 5.12 -68.08 4.98
CA LEU B 85 3.77 -67.49 4.99
C LEU B 85 3.88 -65.98 5.25
N LYS B 86 3.60 -65.19 4.22
CA LYS B 86 3.70 -63.74 4.32
C LYS B 86 2.37 -63.08 4.69
N SER B 87 2.45 -62.06 5.55
CA SER B 87 1.33 -61.16 5.79
C SER B 87 1.33 -60.10 4.69
N ASP B 88 0.17 -59.85 4.06
CA ASP B 88 0.08 -58.86 2.97
C ASP B 88 0.55 -57.46 3.44
N PRO B 89 1.55 -56.89 2.76
CA PRO B 89 1.99 -55.53 3.13
C PRO B 89 0.89 -54.49 2.90
N TYR B 90 -0.07 -54.79 2.02
CA TYR B 90 -1.21 -53.92 1.75
C TYR B 90 -2.49 -54.35 2.48
N ALA B 91 -2.36 -55.03 3.60
CA ALA B 91 -3.50 -55.46 4.40
C ALA B 91 -4.33 -54.27 4.91
N PHE B 92 -5.56 -54.15 4.45
CA PHE B 92 -6.42 -53.03 4.86
C PHE B 92 -6.99 -53.22 6.26
N GLU B 93 -7.00 -54.47 6.74
CA GLU B 93 -7.19 -54.77 8.15
C GLU B 93 -6.32 -55.97 8.53
N ALA B 94 -5.68 -55.87 9.69
CA ALA B 94 -4.90 -56.97 10.24
C ALA B 94 -5.74 -57.75 11.25
N GLN B 95 -5.40 -59.02 11.44
CA GLN B 95 -6.04 -59.85 12.46
C GLN B 95 -5.65 -59.31 13.83
N MET B 96 -6.14 -59.95 14.89
CA MET B 96 -5.92 -59.48 16.27
C MET B 96 -4.45 -59.45 16.71
N ARG B 97 -4.12 -60.32 17.67
CA ARG B 97 -2.79 -60.42 18.24
C ARG B 97 -2.82 -61.62 19.18
N PRO B 98 -1.77 -62.48 19.14
CA PRO B 98 -0.55 -62.32 18.35
C PRO B 98 -0.69 -62.70 16.87
N GLU B 99 -1.64 -63.59 16.56
CA GLU B 99 -1.79 -64.13 15.19
C GLU B 99 -1.87 -63.03 14.13
N THR B 100 -1.34 -63.31 12.93
CA THR B 100 -1.02 -62.26 11.96
C THR B 100 -1.54 -62.45 10.54
N ALA B 101 -2.81 -62.76 10.39
CA ALA B 101 -3.41 -62.86 9.06
C ALA B 101 -4.00 -61.52 8.65
N SER B 102 -4.40 -61.40 7.39
CA SER B 102 -4.97 -60.16 6.86
C SER B 102 -6.43 -60.38 6.53
N LEU B 103 -7.24 -59.37 6.75
CA LEU B 103 -8.67 -59.48 6.46
C LEU B 103 -9.02 -59.02 5.07
N ILE B 104 -9.92 -59.73 4.39
CA ILE B 104 -10.45 -59.20 3.13
C ILE B 104 -11.48 -58.10 3.44
N CYS B 105 -11.08 -56.87 3.23
CA CYS B 105 -12.02 -55.76 3.24
C CYS B 105 -11.50 -54.81 2.19
N GLY B 106 -12.38 -54.12 1.49
CA GLY B 106 -11.90 -53.29 0.41
C GLY B 106 -11.23 -52.03 0.91
N LEU B 107 -11.40 -50.99 0.12
CA LEU B 107 -11.01 -49.64 0.49
C LEU B 107 -12.23 -48.96 1.12
N PRO B 108 -12.00 -48.09 2.12
CA PRO B 108 -13.12 -47.25 2.56
C PRO B 108 -13.59 -46.34 1.43
N GLU B 109 -14.70 -45.64 1.64
CA GLU B 109 -15.43 -45.00 0.55
C GLU B 109 -14.92 -43.63 0.03
N LYS B 110 -13.72 -43.21 0.45
CA LYS B 110 -13.04 -42.02 -0.13
C LYS B 110 -13.64 -40.67 0.32
N VAL B 111 -12.83 -39.91 1.07
CA VAL B 111 -13.29 -38.67 1.71
C VAL B 111 -12.75 -37.40 1.01
N VAL B 112 -13.68 -36.55 0.59
CA VAL B 112 -13.35 -35.22 0.09
C VAL B 112 -13.11 -34.31 1.28
N GLN B 113 -11.98 -33.62 1.33
CA GLN B 113 -11.68 -32.73 2.45
C GLN B 113 -12.50 -31.45 2.30
N THR B 114 -12.88 -30.82 3.40
CA THR B 114 -13.70 -29.60 3.31
C THR B 114 -12.88 -28.32 3.32
N GLU B 115 -13.52 -27.23 2.90
CA GLU B 115 -12.93 -25.91 2.97
C GLU B 115 -12.55 -25.52 4.40
N GLU B 116 -13.40 -25.88 5.37
CA GLU B 116 -13.14 -25.54 6.77
C GLU B 116 -11.89 -26.26 7.28
N ARG B 117 -11.73 -27.50 6.84
CA ARG B 117 -10.59 -28.28 7.30
C ARG B 117 -9.31 -27.82 6.64
N LYS B 118 -9.33 -27.54 5.33
CA LYS B 118 -8.14 -26.96 4.69
C LYS B 118 -7.73 -25.62 5.31
N LYS B 119 -8.74 -24.81 5.61
CA LYS B 119 -8.55 -23.49 6.24
C LYS B 119 -7.88 -23.65 7.61
N ALA B 120 -8.30 -24.68 8.34
CA ALA B 120 -7.79 -24.95 9.67
C ALA B 120 -6.32 -25.34 9.66
N ASN B 121 -5.83 -25.72 8.48
CA ASN B 121 -4.42 -26.12 8.31
C ASN B 121 -3.43 -24.98 7.93
N GLN B 122 -3.96 -23.85 7.47
CA GLN B 122 -3.13 -22.80 6.88
C GLN B 122 -2.26 -22.04 7.88
N PHE B 123 -1.29 -21.30 7.34
CA PHE B 123 -0.29 -20.62 8.15
C PHE B 123 -0.85 -19.49 8.98
N ASP B 124 -1.96 -18.91 8.54
CA ASP B 124 -2.61 -17.85 9.32
C ASP B 124 -3.76 -18.37 10.21
N ALA B 125 -3.83 -19.69 10.40
CA ALA B 125 -4.87 -20.27 11.25
C ALA B 125 -4.36 -20.43 12.67
N PRO B 126 -5.25 -20.30 13.66
CA PRO B 126 -4.84 -20.65 15.02
C PRO B 126 -4.70 -22.16 15.08
N ILE B 127 -3.50 -22.65 15.38
CA ILE B 127 -3.33 -24.08 15.44
C ILE B 127 -2.89 -24.52 16.82
N SER B 128 -3.81 -25.19 17.51
CA SER B 128 -3.49 -25.76 18.82
C SER B 128 -3.79 -27.24 18.82
N ILE B 129 -2.78 -28.02 19.14
CA ILE B 129 -2.84 -29.45 18.95
C ILE B 129 -2.81 -30.19 20.26
N TYR B 130 -3.79 -31.09 20.42
CA TYR B 130 -3.78 -32.06 21.54
C TYR B 130 -3.12 -33.35 21.04
N GLU B 131 -1.91 -33.63 21.52
CA GLU B 131 -1.23 -34.83 21.07
C GLU B 131 -1.64 -36.02 21.95
N VAL B 132 -2.17 -37.07 21.33
CA VAL B 132 -2.75 -38.19 22.06
C VAL B 132 -2.21 -39.59 21.66
N HIS B 133 -1.65 -40.32 22.63
CA HIS B 133 -1.47 -41.75 22.46
C HIS B 133 -2.69 -42.55 22.85
N LEU B 134 -3.36 -43.13 21.85
CA LEU B 134 -4.68 -43.74 22.04
C LEU B 134 -4.79 -44.82 23.14
N GLY B 135 -3.74 -45.61 23.32
CA GLY B 135 -3.86 -46.75 24.22
C GLY B 135 -3.48 -46.40 25.65
N SER B 136 -3.40 -45.11 25.95
CA SER B 136 -3.11 -44.67 27.31
C SER B 136 -3.77 -43.33 27.69
N TRP B 137 -4.86 -42.96 27.01
CA TRP B 137 -5.56 -41.72 27.34
C TRP B 137 -6.48 -41.89 28.57
N ARG B 138 -7.56 -42.64 28.41
CA ARG B 138 -8.30 -43.19 29.55
C ARG B 138 -8.15 -44.71 29.52
N ARG B 139 -8.33 -45.33 30.67
CA ARG B 139 -8.54 -46.77 30.73
C ARG B 139 -9.80 -47.00 31.54
N HIS B 140 -10.65 -47.94 31.10
CA HIS B 140 -11.81 -48.37 31.89
C HIS B 140 -11.31 -48.74 33.27
N THR B 141 -11.81 -48.06 34.31
CA THR B 141 -11.25 -48.14 35.65
C THR B 141 -11.31 -49.54 36.25
N ASP B 142 -12.30 -50.31 35.81
CA ASP B 142 -12.49 -51.70 36.26
C ASP B 142 -11.27 -52.56 35.97
N ASN B 143 -11.05 -52.83 34.68
CA ASN B 143 -10.15 -53.88 34.24
C ASN B 143 -8.95 -53.36 33.45
N ASN B 144 -8.74 -52.05 33.49
CA ASN B 144 -7.62 -51.40 32.79
C ASN B 144 -7.60 -51.69 31.29
N PHE B 145 -8.78 -51.95 30.71
CA PHE B 145 -8.90 -52.21 29.27
C PHE B 145 -8.79 -50.92 28.48
N TRP B 146 -8.62 -51.05 27.15
CA TRP B 146 -8.60 -49.90 26.27
C TRP B 146 -10.01 -49.44 25.97
N LEU B 147 -10.17 -48.14 25.73
CA LEU B 147 -11.39 -47.64 25.12
C LEU B 147 -11.31 -48.02 23.66
N SER B 148 -12.45 -48.35 23.08
CA SER B 148 -12.50 -48.58 21.64
C SER B 148 -12.60 -47.26 20.88
N TYR B 149 -12.35 -47.32 19.57
CA TYR B 149 -12.48 -46.18 18.67
C TYR B 149 -13.81 -45.47 18.88
N ARG B 150 -14.90 -46.23 19.01
CA ARG B 150 -16.23 -45.63 19.18
C ARG B 150 -16.40 -44.95 20.54
N GLU B 151 -15.78 -45.53 21.57
CA GLU B 151 -15.74 -44.89 22.90
C GLU B 151 -14.82 -43.65 22.94
N LEU B 152 -13.70 -43.74 22.23
CA LEU B 152 -12.80 -42.60 22.07
C LEU B 152 -13.51 -41.47 21.35
N ALA B 153 -14.31 -41.83 20.35
CA ALA B 153 -15.08 -40.83 19.62
C ALA B 153 -16.16 -40.20 20.51
N ASP B 154 -16.59 -40.92 21.53
CA ASP B 154 -17.65 -40.41 22.40
C ASP B 154 -17.08 -39.66 23.61
N GLN B 155 -15.79 -39.89 23.90
CA GLN B 155 -15.16 -39.26 25.05
C GLN B 155 -14.03 -38.28 24.69
N LEU B 156 -13.08 -38.71 23.87
CA LEU B 156 -11.90 -37.88 23.59
C LEU B 156 -12.24 -36.70 22.68
N VAL B 157 -13.09 -36.94 21.69
CA VAL B 157 -13.43 -35.90 20.76
C VAL B 157 -14.18 -34.73 21.42
N PRO B 158 -15.17 -35.03 22.30
CA PRO B 158 -15.74 -33.82 22.91
C PRO B 158 -14.81 -33.19 23.93
N TYR B 159 -13.91 -33.99 24.50
CA TYR B 159 -12.99 -33.43 25.45
C TYR B 159 -12.02 -32.46 24.77
N ALA B 160 -11.53 -32.82 23.60
CA ALA B 160 -10.60 -31.96 22.88
C ALA B 160 -11.33 -30.73 22.33
N LYS B 161 -12.55 -30.92 21.84
CA LYS B 161 -13.38 -29.80 21.41
C LYS B 161 -13.61 -28.76 22.54
N TRP B 162 -14.17 -29.21 23.66
CA TRP B 162 -14.44 -28.36 24.82
C TRP B 162 -13.17 -27.65 25.28
N MET B 163 -12.04 -28.36 25.21
CA MET B 163 -10.77 -27.80 25.71
C MET B 163 -10.21 -26.72 24.80
N GLY B 164 -10.78 -26.56 23.61
CA GLY B 164 -10.44 -25.45 22.76
C GLY B 164 -9.38 -25.74 21.70
N PHE B 165 -9.01 -27.01 21.54
CA PHE B 165 -7.97 -27.44 20.61
C PHE B 165 -8.51 -27.49 19.21
N THR B 166 -7.66 -27.30 18.21
CA THR B 166 -8.14 -27.23 16.84
C THR B 166 -7.86 -28.53 16.09
N HIS B 167 -6.79 -29.20 16.53
CA HIS B 167 -6.33 -30.44 15.94
C HIS B 167 -6.14 -31.52 17.00
N LEU B 168 -6.42 -32.75 16.59
CA LEU B 168 -6.05 -33.94 17.33
C LEU B 168 -4.86 -34.59 16.63
N GLU B 169 -3.79 -34.89 17.37
CA GLU B 169 -2.63 -35.58 16.81
C GLU B 169 -2.44 -36.98 17.43
N LEU B 170 -2.67 -38.00 16.63
CA LEU B 170 -2.55 -39.38 17.12
C LEU B 170 -1.13 -39.92 16.94
N LEU B 171 -0.55 -40.45 18.02
CA LEU B 171 0.62 -41.31 17.91
C LEU B 171 0.24 -42.45 16.97
N PRO B 172 1.21 -43.11 16.30
CA PRO B 172 0.86 -43.97 15.16
C PRO B 172 -0.23 -45.02 15.43
N ILE B 173 -1.19 -45.08 14.52
CA ILE B 173 -2.26 -46.07 14.64
C ILE B 173 -2.12 -47.17 13.61
N ASN B 174 -0.99 -47.18 12.91
CA ASN B 174 -0.66 -48.33 12.09
C ASN B 174 -0.44 -49.52 13.00
N GLU B 175 -0.84 -50.70 12.50
CA GLU B 175 -0.65 -51.95 13.23
C GLU B 175 0.79 -52.10 13.72
N HIS B 176 0.95 -52.58 14.95
CA HIS B 176 2.24 -52.84 15.55
C HIS B 176 2.07 -53.82 16.70
N PRO B 177 3.06 -54.70 16.92
CA PRO B 177 2.92 -55.77 17.91
C PRO B 177 3.18 -55.33 19.38
N PHE B 178 4.07 -54.36 19.58
CA PHE B 178 4.45 -53.99 20.94
C PHE B 178 3.92 -52.61 21.37
N ASP B 179 3.18 -52.60 22.48
CA ASP B 179 2.69 -51.37 23.08
C ASP B 179 3.81 -50.36 23.26
N GLY B 180 4.97 -50.86 23.71
CA GLY B 180 6.10 -50.02 24.03
C GLY B 180 6.71 -49.29 22.85
N SER B 181 6.32 -49.68 21.63
CA SER B 181 6.79 -48.95 20.46
C SER B 181 6.08 -47.60 20.36
N TRP B 182 4.87 -47.57 20.89
CA TRP B 182 3.92 -46.46 20.81
C TRP B 182 3.34 -46.30 19.41
N GLY B 183 3.62 -47.28 18.55
CA GLY B 183 3.19 -47.25 17.16
C GLY B 183 4.37 -47.05 16.21
N TYR B 184 5.54 -46.74 16.78
CA TYR B 184 6.70 -46.39 15.95
C TYR B 184 7.49 -47.57 15.32
N GLN B 185 7.15 -48.81 15.70
CA GLN B 185 7.69 -49.99 15.03
C GLN B 185 6.57 -50.78 14.37
N PRO B 186 6.17 -50.36 13.17
CA PRO B 186 4.97 -50.90 12.51
C PRO B 186 5.16 -52.29 11.89
N THR B 187 4.04 -52.90 11.50
CA THR B 187 4.00 -54.17 10.75
C THR B 187 2.90 -54.15 9.66
N GLY B 188 1.90 -53.27 9.82
CA GLY B 188 0.85 -53.10 8.83
C GLY B 188 0.60 -51.63 8.56
N LEU B 189 1.11 -51.14 7.44
CA LEU B 189 1.15 -49.71 7.17
C LEU B 189 -0.19 -49.22 6.68
N TYR B 190 -1.02 -50.14 6.22
CA TYR B 190 -2.30 -49.77 5.66
C TYR B 190 -3.44 -50.23 6.57
N ALA B 191 -3.07 -50.78 7.72
CA ALA B 191 -4.07 -51.26 8.67
C ALA B 191 -4.11 -50.47 10.00
N PRO B 192 -5.29 -49.91 10.31
CA PRO B 192 -5.50 -49.33 11.63
C PRO B 192 -5.47 -50.45 12.66
N THR B 193 -4.64 -50.32 13.69
CA THR B 193 -4.52 -51.35 14.72
C THR B 193 -5.88 -51.83 15.24
N ARG B 194 -5.95 -53.11 15.56
CA ARG B 194 -7.22 -53.75 15.86
C ARG B 194 -7.45 -53.65 17.36
N ARG B 195 -6.44 -53.12 18.06
CA ARG B 195 -6.52 -52.88 19.51
C ARG B 195 -7.74 -52.12 19.99
N PHE B 196 -8.29 -51.26 19.13
CA PHE B 196 -9.41 -50.41 19.50
C PHE B 196 -10.62 -50.71 18.61
N GLY B 197 -10.48 -51.69 17.71
CA GLY B 197 -11.59 -52.11 16.90
C GLY B 197 -11.23 -52.19 15.43
N THR B 198 -12.25 -52.23 14.59
CA THR B 198 -12.08 -52.37 13.15
C THR B 198 -11.62 -51.07 12.47
N ARG B 199 -11.30 -51.18 11.19
CA ARG B 199 -10.89 -50.04 10.42
C ARG B 199 -12.10 -49.13 10.17
N ASP B 200 -13.31 -49.68 10.31
CA ASP B 200 -14.52 -48.89 10.12
C ASP B 200 -14.91 -48.13 11.39
N ASP B 201 -14.46 -48.64 12.54
CA ASP B 201 -14.61 -47.95 13.79
C ASP B 201 -13.66 -46.76 13.82
N PHE B 202 -12.42 -47.00 13.41
CA PHE B 202 -11.44 -45.92 13.32
C PHE B 202 -11.92 -44.80 12.38
N ARG B 203 -12.52 -45.17 11.26
CA ARG B 203 -13.06 -44.19 10.32
C ARG B 203 -14.24 -43.43 10.97
N TYR B 204 -14.92 -44.07 11.91
CA TYR B 204 -16.04 -43.41 12.60
C TYR B 204 -15.50 -42.39 13.60
N PHE B 205 -14.39 -42.73 14.24
CA PHE B 205 -13.66 -41.81 15.08
C PHE B 205 -13.24 -40.53 14.33
N ILE B 206 -12.54 -40.69 13.21
CA ILE B 206 -12.19 -39.54 12.37
C ILE B 206 -13.42 -38.71 11.96
N ASP B 207 -14.46 -39.38 11.48
CA ASP B 207 -15.71 -38.71 11.14
C ASP B 207 -16.27 -37.88 12.30
N ALA B 208 -16.15 -38.43 13.51
CA ALA B 208 -16.64 -37.80 14.72
C ALA B 208 -15.76 -36.59 15.10
N ALA B 209 -14.46 -36.74 14.90
CA ALA B 209 -13.56 -35.65 15.19
C ALA B 209 -13.88 -34.52 14.20
N HIS B 210 -14.17 -34.88 12.96
CA HIS B 210 -14.49 -33.85 11.99
C HIS B 210 -15.82 -33.21 12.34
N ALA B 211 -16.78 -34.05 12.75
CA ALA B 211 -18.14 -33.59 13.02
C ALA B 211 -18.14 -32.57 14.16
N ALA B 212 -17.15 -32.71 15.04
CA ALA B 212 -16.95 -31.75 16.11
C ALA B 212 -15.99 -30.59 15.75
N GLY B 213 -15.81 -30.33 14.45
CA GLY B 213 -14.85 -29.34 13.99
C GLY B 213 -13.40 -29.43 14.50
N LEU B 214 -12.90 -30.65 14.73
CA LEU B 214 -11.47 -30.85 14.93
C LEU B 214 -10.80 -31.30 13.62
N ASN B 215 -9.53 -30.99 13.45
CA ASN B 215 -8.73 -31.61 12.39
C ASN B 215 -7.95 -32.79 12.97
N VAL B 216 -7.58 -33.75 12.13
CA VAL B 216 -6.78 -34.88 12.62
C VAL B 216 -5.42 -34.99 11.93
N ILE B 217 -4.37 -34.87 12.76
CA ILE B 217 -3.01 -35.13 12.34
C ILE B 217 -2.60 -36.54 12.73
N LEU B 218 -2.22 -37.34 11.75
CA LEU B 218 -1.76 -38.70 11.98
C LEU B 218 -0.22 -38.76 11.94
N ASP B 219 0.39 -39.27 13.01
CA ASP B 219 1.83 -39.55 13.02
C ASP B 219 2.15 -40.65 12.02
N TRP B 220 3.08 -40.36 11.13
CA TRP B 220 3.36 -41.23 10.00
C TRP B 220 4.78 -41.71 10.17
N VAL B 221 5.01 -43.00 9.94
CA VAL B 221 6.34 -43.54 10.11
C VAL B 221 6.94 -44.09 8.82
N PRO B 222 7.13 -43.22 7.79
CA PRO B 222 7.80 -43.74 6.59
C PRO B 222 9.31 -43.92 6.78
N GLY B 223 9.81 -43.70 7.99
CA GLY B 223 11.25 -43.73 8.23
C GLY B 223 11.67 -44.77 9.25
N HIS B 224 10.74 -45.63 9.64
CA HIS B 224 11.08 -46.78 10.49
C HIS B 224 10.63 -48.07 9.82
N PHE B 225 11.59 -48.79 9.24
CA PHE B 225 11.28 -50.00 8.50
C PHE B 225 10.86 -51.07 9.50
N PRO B 226 9.82 -51.84 9.16
CA PRO B 226 9.32 -52.98 9.94
C PRO B 226 10.40 -53.99 10.36
N THR B 227 10.61 -54.12 11.68
CA THR B 227 11.65 -54.95 12.28
C THR B 227 11.11 -56.20 12.98
N ASP B 228 9.80 -56.35 13.01
CA ASP B 228 9.14 -57.42 13.75
C ASP B 228 8.37 -58.38 12.86
N ASP B 229 8.27 -59.62 13.32
CA ASP B 229 7.38 -60.61 12.73
C ASP B 229 7.75 -60.97 11.28
N PHE B 230 8.99 -60.63 10.89
CA PHE B 230 9.42 -60.71 9.48
C PHE B 230 8.32 -60.18 8.55
N ALA B 231 7.80 -59.01 8.89
CA ALA B 231 6.59 -58.51 8.25
C ALA B 231 6.81 -57.99 6.83
N LEU B 232 7.98 -57.39 6.61
CA LEU B 232 8.28 -56.75 5.34
C LEU B 232 9.76 -56.92 5.01
N ALA B 233 10.58 -57.20 6.03
CA ALA B 233 11.99 -57.48 5.81
C ALA B 233 12.20 -58.70 4.89
N GLU B 234 13.17 -58.60 3.98
CA GLU B 234 13.51 -59.68 3.02
C GLU B 234 12.30 -60.36 2.35
N PHE B 235 11.23 -59.59 2.18
CA PHE B 235 10.04 -60.03 1.47
C PHE B 235 10.46 -60.52 0.09
N ASP B 236 10.04 -61.73 -0.28
CA ASP B 236 10.36 -62.37 -1.58
C ASP B 236 11.75 -63.04 -1.65
N GLY B 237 12.50 -63.02 -0.56
CA GLY B 237 13.82 -63.62 -0.53
C GLY B 237 14.97 -62.65 -0.73
N THR B 238 14.78 -61.68 -1.63
CA THR B 238 15.76 -60.62 -1.83
C THR B 238 15.52 -59.41 -0.90
N ASN B 239 16.44 -58.45 -0.91
CA ASN B 239 16.22 -57.15 -0.28
C ASN B 239 15.25 -56.33 -1.14
N LEU B 240 13.96 -56.63 -1.02
CA LEU B 240 12.95 -56.07 -1.90
C LEU B 240 12.57 -54.64 -1.51
N TYR B 241 12.25 -54.46 -0.24
CA TYR B 241 11.79 -53.17 0.25
C TYR B 241 12.90 -52.39 0.91
N GLU B 242 13.77 -53.10 1.62
CA GLU B 242 14.86 -52.46 2.35
C GLU B 242 16.15 -52.32 1.49
N HIS B 243 17.18 -51.70 2.06
CA HIS B 243 18.40 -51.39 1.29
C HIS B 243 19.47 -52.50 1.34
N SER B 244 20.67 -52.15 1.80
CA SER B 244 21.81 -53.07 1.70
C SER B 244 22.31 -53.45 3.08
N THR B 256 21.35 -52.52 10.70
CA THR B 256 20.19 -51.67 10.95
C THR B 256 19.41 -51.38 9.67
N LEU B 257 18.13 -51.75 9.67
CA LEU B 257 17.31 -51.84 8.47
C LEU B 257 16.62 -50.54 8.08
N ILE B 258 16.86 -50.07 6.85
CA ILE B 258 16.16 -48.89 6.32
C ILE B 258 15.49 -49.17 4.97
N TYR B 259 14.47 -48.37 4.64
CA TYR B 259 13.82 -48.48 3.33
C TYR B 259 14.76 -48.15 2.17
N ASN B 260 14.49 -48.75 1.01
CA ASN B 260 15.15 -48.31 -0.22
C ASN B 260 14.26 -47.29 -0.93
N TYR B 261 14.35 -46.02 -0.50
CA TYR B 261 13.45 -44.97 -0.97
C TYR B 261 13.62 -44.70 -2.45
N GLY B 262 14.85 -44.87 -2.93
CA GLY B 262 15.15 -44.69 -4.34
C GLY B 262 14.36 -45.63 -5.22
N ARG B 263 14.09 -46.83 -4.72
CA ARG B 263 13.38 -47.84 -5.48
C ARG B 263 11.94 -47.45 -5.82
N ARG B 264 11.69 -47.21 -7.11
CA ARG B 264 10.37 -46.84 -7.62
C ARG B 264 9.18 -47.49 -6.90
N GLU B 265 9.21 -48.81 -6.77
CA GLU B 265 8.10 -49.55 -6.17
C GLU B 265 7.98 -49.28 -4.68
N VAL B 266 9.10 -49.04 -4.00
CA VAL B 266 9.10 -48.76 -2.58
C VAL B 266 8.63 -47.34 -2.29
N SER B 267 8.95 -46.42 -3.19
CA SER B 267 8.45 -45.06 -3.08
C SER B 267 6.92 -44.99 -3.30
N ASN B 268 6.42 -45.70 -4.32
CA ASN B 268 4.98 -45.75 -4.59
C ASN B 268 4.17 -46.25 -3.37
N PHE B 269 4.74 -47.25 -2.69
CA PHE B 269 4.18 -47.87 -1.50
C PHE B 269 4.10 -46.88 -0.32
N LEU B 270 5.11 -46.04 -0.20
CA LEU B 270 5.21 -45.11 0.91
C LEU B 270 4.43 -43.84 0.59
N VAL B 271 4.67 -43.28 -0.58
CA VAL B 271 3.91 -42.13 -1.06
C VAL B 271 2.41 -42.46 -1.11
N GLY B 272 2.06 -43.66 -1.56
CA GLY B 272 0.67 -44.04 -1.67
C GLY B 272 -0.03 -44.17 -0.32
N ASN B 273 0.73 -44.57 0.69
CA ASN B 273 0.24 -44.71 2.05
C ASN B 273 -0.28 -43.38 2.57
N ALA B 274 0.45 -42.31 2.24
CA ALA B 274 0.04 -40.98 2.63
C ALA B 274 -1.30 -40.64 1.97
N LEU B 275 -1.43 -41.01 0.70
CA LEU B 275 -2.63 -40.68 -0.04
C LEU B 275 -3.83 -41.46 0.49
N TYR B 276 -3.54 -42.66 0.99
CA TYR B 276 -4.54 -43.54 1.55
C TYR B 276 -5.16 -42.94 2.81
N TRP B 277 -4.32 -42.47 3.73
CA TRP B 277 -4.82 -41.93 4.99
C TRP B 277 -5.66 -40.65 4.75
N ILE B 278 -5.13 -39.76 3.92
CA ILE B 278 -5.82 -38.51 3.62
C ILE B 278 -7.10 -38.71 2.80
N GLU B 279 -7.07 -39.59 1.80
CA GLU B 279 -8.22 -39.77 0.89
C GLU B 279 -9.24 -40.79 1.36
N ARG B 280 -8.79 -41.79 2.09
CA ARG B 280 -9.67 -42.90 2.45
C ARG B 280 -10.08 -42.87 3.94
N PHE B 281 -9.39 -42.07 4.74
CA PHE B 281 -9.81 -41.92 6.12
C PHE B 281 -10.10 -40.46 6.47
N GLY B 282 -9.65 -39.55 5.60
CA GLY B 282 -9.88 -38.12 5.77
C GLY B 282 -8.87 -37.45 6.69
N ILE B 283 -7.70 -38.07 6.87
CA ILE B 283 -6.66 -37.46 7.67
C ILE B 283 -6.29 -36.06 7.13
N ASP B 284 -6.05 -35.13 8.03
CA ASP B 284 -5.92 -33.73 7.64
C ASP B 284 -4.46 -33.34 7.50
N ALA B 285 -3.60 -34.07 8.20
CA ALA B 285 -2.17 -33.77 8.22
C ALA B 285 -1.34 -34.97 8.64
N LEU B 286 -0.15 -35.11 8.08
CA LEU B 286 0.77 -36.17 8.48
C LEU B 286 1.94 -35.53 9.17
N ARG B 287 2.48 -36.24 10.12
CA ARG B 287 3.66 -35.76 10.81
C ARG B 287 4.74 -36.83 10.84
N VAL B 288 5.90 -36.48 10.32
CA VAL B 288 7.03 -37.39 10.21
C VAL B 288 8.05 -37.07 11.27
N ASP B 289 8.23 -38.00 12.20
CA ASP B 289 9.17 -37.87 13.30
C ASP B 289 10.52 -38.38 12.84
N ALA B 290 11.54 -38.14 13.67
CA ALA B 290 12.91 -38.63 13.44
C ALA B 290 13.41 -38.41 12.02
N VAL B 291 13.32 -37.18 11.55
CA VAL B 291 13.72 -36.90 10.18
C VAL B 291 15.25 -36.98 10.04
N ALA B 292 15.99 -36.59 11.07
CA ALA B 292 17.45 -36.70 11.08
C ALA B 292 17.99 -38.11 10.74
N SER B 293 17.28 -39.16 11.17
CA SER B 293 17.67 -40.53 10.88
C SER B 293 17.29 -41.01 9.47
N MET B 294 16.54 -40.19 8.74
CA MET B 294 16.24 -40.53 7.35
C MET B 294 17.28 -39.89 6.43
N ILE B 295 17.60 -38.63 6.68
CA ILE B 295 18.45 -37.89 5.75
C ILE B 295 19.94 -38.19 5.97
N TYR B 296 20.28 -38.68 7.16
CA TYR B 296 21.69 -38.83 7.51
C TYR B 296 22.24 -40.26 7.48
N ARG B 297 23.28 -40.46 6.69
CA ARG B 297 23.99 -41.74 6.64
C ARG B 297 24.89 -41.89 7.88
N ASP B 298 24.25 -42.28 8.99
CA ASP B 298 24.93 -42.51 10.27
C ASP B 298 25.82 -41.36 10.76
N TYR B 299 26.72 -41.68 11.70
CA TYR B 299 27.53 -40.69 12.42
C TYR B 299 28.78 -41.32 13.05
N ILE B 307 29.48 -45.19 4.94
CA ILE B 307 29.81 -45.07 3.52
C ILE B 307 29.06 -43.90 2.85
N PRO B 308 29.80 -42.83 2.47
CA PRO B 308 29.25 -41.63 1.81
C PRO B 308 28.76 -41.91 0.38
N ASN B 309 28.22 -40.90 -0.31
CA ASN B 309 27.68 -41.12 -1.65
C ASN B 309 28.43 -40.51 -2.85
N GLU B 310 27.68 -40.33 -3.95
CA GLU B 310 28.24 -40.03 -5.28
C GLU B 310 28.90 -38.65 -5.42
N PHE B 311 28.83 -37.85 -4.37
CA PHE B 311 29.53 -36.56 -4.32
C PHE B 311 30.37 -36.46 -3.04
N GLY B 312 30.86 -37.60 -2.56
CA GLY B 312 31.55 -37.69 -1.28
C GLY B 312 30.72 -37.12 -0.13
N GLY B 313 29.40 -37.33 -0.20
CA GLY B 313 28.47 -36.67 0.71
C GLY B 313 28.01 -37.48 1.91
N ARG B 314 27.62 -36.75 2.95
CA ARG B 314 27.23 -37.31 4.25
C ARG B 314 25.74 -37.61 4.33
N GLU B 315 25.01 -37.22 3.30
CA GLU B 315 23.56 -37.27 3.31
C GLU B 315 23.01 -38.47 2.53
N ASN B 316 21.75 -38.81 2.76
CA ASN B 316 21.07 -39.82 1.98
C ASN B 316 20.20 -39.12 0.95
N LEU B 317 20.76 -38.94 -0.25
CA LEU B 317 20.10 -38.10 -1.26
C LEU B 317 18.78 -38.65 -1.79
N GLU B 318 18.57 -39.97 -1.66
CA GLU B 318 17.33 -40.58 -2.15
C GLU B 318 16.24 -40.50 -1.07
N ALA B 319 16.66 -40.50 0.20
CA ALA B 319 15.78 -40.20 1.33
C ALA B 319 15.27 -38.76 1.26
N ILE B 320 16.21 -37.83 1.15
CA ILE B 320 15.91 -36.43 0.93
C ILE B 320 14.97 -36.23 -0.27
N GLU B 321 15.25 -36.92 -1.37
CA GLU B 321 14.43 -36.79 -2.57
C GLU B 321 13.06 -37.45 -2.37
N PHE B 322 12.98 -38.38 -1.43
CA PHE B 322 11.71 -39.00 -1.08
C PHE B 322 10.79 -37.99 -0.38
N LEU B 323 11.30 -37.40 0.70
CA LEU B 323 10.59 -36.37 1.42
C LEU B 323 10.19 -35.26 0.47
N ARG B 324 11.16 -34.82 -0.33
CA ARG B 324 10.92 -33.76 -1.28
C ARG B 324 9.80 -34.11 -2.21
N ASN B 325 9.85 -35.33 -2.74
CA ASN B 325 8.85 -35.70 -3.75
C ASN B 325 7.47 -36.00 -3.15
N THR B 326 7.46 -36.64 -1.99
CA THR B 326 6.23 -36.85 -1.26
C THR B 326 5.53 -35.52 -0.99
N ASN B 327 6.26 -34.55 -0.47
CA ASN B 327 5.64 -33.25 -0.17
C ASN B 327 5.09 -32.57 -1.42
N ARG B 328 5.83 -32.68 -2.53
CA ARG B 328 5.36 -32.10 -3.79
C ARG B 328 4.08 -32.77 -4.27
N ILE B 329 3.99 -34.09 -4.08
CA ILE B 329 2.84 -34.86 -4.55
C ILE B 329 1.61 -34.55 -3.71
N LEU B 330 1.79 -34.59 -2.39
CA LEU B 330 0.72 -34.23 -1.46
C LEU B 330 0.22 -32.85 -1.82
N GLY B 331 1.16 -31.95 -2.09
CA GLY B 331 0.83 -30.58 -2.47
C GLY B 331 -0.02 -30.58 -3.71
N GLU B 332 0.29 -31.45 -4.67
CA GLU B 332 -0.45 -31.52 -5.94
C GLU B 332 -1.72 -32.38 -5.86
N GLN B 333 -1.61 -33.55 -5.24
CA GLN B 333 -2.73 -34.50 -5.18
C GLN B 333 -3.84 -34.15 -4.17
N VAL B 334 -3.47 -33.80 -2.94
CA VAL B 334 -4.45 -33.48 -1.89
C VAL B 334 -4.29 -32.07 -1.29
N SER B 335 -4.33 -31.06 -2.15
CA SER B 335 -4.25 -29.66 -1.72
C SER B 335 -5.16 -29.37 -0.53
N GLY B 336 -4.55 -28.97 0.58
CA GLY B 336 -5.27 -28.73 1.81
C GLY B 336 -4.72 -29.53 2.97
N ALA B 337 -4.30 -30.76 2.68
CA ALA B 337 -3.50 -31.56 3.61
C ALA B 337 -2.13 -30.92 3.75
N VAL B 338 -1.51 -31.08 4.90
CA VAL B 338 -0.19 -30.51 5.15
C VAL B 338 0.66 -31.53 5.88
N THR B 339 1.95 -31.27 5.98
CA THR B 339 2.83 -32.24 6.64
C THR B 339 3.77 -31.54 7.59
N MET B 340 4.10 -32.20 8.69
CA MET B 340 4.94 -31.56 9.68
C MET B 340 6.08 -32.50 9.96
N ALA B 341 7.23 -31.93 10.33
CA ALA B 341 8.41 -32.73 10.60
C ALA B 341 9.02 -32.32 11.92
N GLU B 342 9.56 -33.31 12.63
CA GLU B 342 10.50 -33.03 13.70
C GLU B 342 11.86 -33.48 13.20
N GLU B 343 12.84 -32.59 13.25
CA GLU B 343 14.19 -32.89 12.75
C GLU B 343 15.25 -32.35 13.72
N SER B 344 16.06 -33.24 14.27
CA SER B 344 16.84 -32.93 15.47
C SER B 344 18.17 -32.23 15.25
N THR B 345 18.74 -32.38 14.06
CA THR B 345 19.95 -31.65 13.72
C THR B 345 19.38 -30.43 13.07
N ASP B 346 20.22 -29.47 12.67
CA ASP B 346 19.62 -28.26 12.08
C ASP B 346 19.69 -28.20 10.56
N PHE B 347 19.16 -29.22 9.92
CA PHE B 347 19.01 -29.21 8.47
C PHE B 347 18.20 -27.98 8.06
N PRO B 348 18.68 -27.25 7.04
CA PRO B 348 18.03 -25.98 6.72
C PRO B 348 16.87 -26.11 5.73
N GLY B 349 15.80 -25.38 6.03
CA GLY B 349 14.67 -25.32 5.13
C GLY B 349 13.90 -26.60 5.19
N VAL B 350 13.81 -27.20 6.39
CA VAL B 350 12.93 -28.34 6.57
C VAL B 350 11.52 -27.97 6.11
N SER B 351 11.09 -26.75 6.45
CA SER B 351 9.77 -26.26 6.06
C SER B 351 9.80 -25.19 4.95
N ARG B 352 10.89 -25.17 4.19
CA ARG B 352 10.98 -24.26 3.05
C ARG B 352 10.73 -25.01 1.71
N PRO B 353 10.33 -24.27 0.65
CA PRO B 353 10.06 -24.94 -0.63
C PRO B 353 11.28 -25.71 -1.21
N GLN B 354 11.00 -26.70 -2.05
CA GLN B 354 12.05 -27.59 -2.55
C GLN B 354 12.97 -26.95 -3.60
N ASP B 355 12.47 -25.97 -4.34
CA ASP B 355 13.33 -25.28 -5.31
C ASP B 355 14.19 -24.23 -4.62
N MET B 356 14.36 -24.38 -3.31
CA MET B 356 15.22 -23.50 -2.53
C MET B 356 16.14 -24.38 -1.70
N GLY B 357 16.16 -25.67 -2.03
CA GLY B 357 16.88 -26.65 -1.25
C GLY B 357 16.11 -27.11 -0.03
N GLY B 358 14.79 -26.89 -0.04
CA GLY B 358 13.98 -27.28 1.09
C GLY B 358 13.41 -28.69 1.00
N LEU B 359 13.03 -29.24 2.16
CA LEU B 359 12.36 -30.54 2.24
C LEU B 359 10.88 -30.44 1.90
N GLY B 360 10.34 -29.23 1.96
CA GLY B 360 8.95 -28.99 1.55
C GLY B 360 7.86 -29.33 2.56
N PHE B 361 8.23 -29.61 3.80
CA PHE B 361 7.27 -29.68 4.88
C PHE B 361 6.59 -28.33 5.12
N TRP B 362 5.30 -28.33 5.45
CA TRP B 362 4.66 -27.08 5.89
C TRP B 362 5.14 -26.59 7.26
N TYR B 363 5.34 -27.48 8.23
CA TYR B 363 5.70 -27.09 9.61
C TYR B 363 6.87 -27.90 10.20
N LYS B 364 7.60 -27.30 11.13
CA LYS B 364 8.72 -27.98 11.79
C LYS B 364 8.55 -27.84 13.30
N TRP B 365 8.83 -28.91 14.07
CA TRP B 365 8.84 -28.81 15.55
C TRP B 365 10.03 -27.99 16.02
N ASN B 366 9.77 -27.13 17.00
CA ASN B 366 10.78 -26.21 17.48
C ASN B 366 11.37 -26.79 18.74
N LEU B 367 12.17 -27.85 18.57
CA LEU B 367 12.80 -28.51 19.70
C LEU B 367 13.74 -27.57 20.48
N GLY B 368 14.33 -26.62 19.76
CA GLY B 368 15.19 -25.64 20.38
C GLY B 368 14.44 -24.78 21.36
N TRP B 369 13.25 -24.33 20.97
CA TRP B 369 12.45 -23.49 21.85
C TRP B 369 12.01 -24.29 23.06
N MET B 370 11.58 -25.53 22.82
CA MET B 370 11.25 -26.45 23.91
C MET B 370 12.42 -26.66 24.89
N HIS B 371 13.61 -26.95 24.36
CA HIS B 371 14.81 -27.02 25.20
C HIS B 371 15.15 -25.71 25.91
N ASP B 372 15.17 -24.61 25.18
CA ASP B 372 15.54 -23.34 25.78
C ASP B 372 14.61 -22.87 26.92
N THR B 373 13.29 -23.04 26.74
CA THR B 373 12.34 -22.49 27.70
C THR B 373 12.14 -23.45 28.86
N LEU B 374 12.22 -24.73 28.59
CA LEU B 374 12.15 -25.71 29.67
C LEU B 374 13.36 -25.61 30.57
N ASP B 375 14.50 -25.19 30.03
CA ASP B 375 15.69 -24.98 30.86
C ASP B 375 15.56 -23.69 31.68
N TYR B 376 14.84 -22.71 31.15
CA TYR B 376 14.63 -21.45 31.86
C TYR B 376 13.70 -21.71 33.06
N MET B 377 12.64 -22.46 32.80
CA MET B 377 11.70 -22.82 33.84
C MET B 377 12.31 -23.61 35.02
N LYS B 378 13.16 -24.61 34.73
CA LYS B 378 13.79 -25.42 35.79
C LYS B 378 14.66 -24.58 36.71
N LEU B 379 15.11 -23.44 36.21
CA LEU B 379 15.97 -22.58 37.00
C LEU B 379 15.24 -21.93 38.16
N ASP B 380 15.82 -22.04 39.35
CA ASP B 380 15.32 -21.29 40.48
C ASP B 380 15.29 -19.82 40.08
N PRO B 381 14.19 -19.11 40.39
CA PRO B 381 13.98 -17.70 40.00
C PRO B 381 15.15 -16.79 40.29
N VAL B 382 16.00 -17.12 41.26
CA VAL B 382 17.13 -16.25 41.56
C VAL B 382 18.23 -16.27 40.46
N TYR B 383 18.31 -17.37 39.73
CA TYR B 383 19.31 -17.54 38.68
C TYR B 383 18.77 -17.11 37.30
N ARG B 384 17.45 -16.98 37.22
CA ARG B 384 16.77 -16.61 36.00
C ARG B 384 17.25 -15.27 35.40
N GLN B 385 17.83 -14.39 36.22
CA GLN B 385 18.36 -13.12 35.73
C GLN B 385 19.66 -13.27 34.91
N TYR B 386 20.19 -14.48 34.86
CA TYR B 386 21.46 -14.76 34.19
C TYR B 386 21.23 -15.61 32.94
N HIS B 387 20.00 -16.07 32.77
CA HIS B 387 19.64 -16.87 31.62
C HIS B 387 18.50 -16.26 30.80
N HIS B 388 18.38 -14.94 30.84
CA HIS B 388 17.40 -14.19 30.06
C HIS B 388 17.46 -14.59 28.58
N ASP B 389 18.65 -14.97 28.12
CA ASP B 389 18.90 -15.40 26.73
C ASP B 389 18.05 -16.60 26.29
N LYS B 390 17.67 -17.45 27.24
CA LYS B 390 16.90 -18.64 26.88
C LYS B 390 15.47 -18.31 26.45
N LEU B 391 15.03 -17.09 26.75
CA LEU B 391 13.71 -16.67 26.37
C LEU B 391 13.71 -15.75 25.13
N THR B 392 14.77 -14.97 24.97
CA THR B 392 14.83 -14.00 23.90
C THR B 392 15.42 -14.59 22.63
N PHE B 393 16.18 -15.66 22.75
CA PHE B 393 16.86 -16.22 21.59
C PHE B 393 15.92 -16.78 20.51
N GLY B 394 14.77 -17.30 20.91
CA GLY B 394 13.93 -18.05 19.99
C GLY B 394 13.44 -17.22 18.82
N ILE B 395 13.39 -15.91 19.01
CA ILE B 395 12.84 -15.01 18.03
C ILE B 395 13.89 -14.76 16.93
N LEU B 396 15.17 -14.80 17.29
CA LEU B 396 16.25 -14.64 16.31
C LEU B 396 16.17 -15.65 15.15
N TYR B 397 15.71 -16.87 15.41
CA TYR B 397 15.59 -17.84 14.31
C TYR B 397 14.14 -18.20 13.92
N ASN B 398 13.16 -17.46 14.44
CA ASN B 398 11.77 -17.83 14.20
C ASN B 398 11.36 -17.75 12.73
N TYR B 399 12.07 -16.94 11.97
CA TYR B 399 11.67 -16.71 10.59
C TYR B 399 12.43 -17.61 9.60
N THR B 400 13.18 -18.57 10.13
CA THR B 400 13.83 -19.58 9.30
C THR B 400 12.95 -20.81 9.06
N GLU B 401 11.99 -21.07 9.95
CA GLU B 401 11.08 -22.21 9.78
C GLU B 401 9.68 -21.83 10.23
N ASN B 402 8.67 -22.48 9.65
CA ASN B 402 7.33 -22.37 10.18
C ASN B 402 7.17 -23.31 11.38
N PHE B 403 7.44 -22.78 12.57
CA PHE B 403 7.54 -23.58 13.79
C PHE B 403 6.23 -23.96 14.50
N VAL B 404 6.23 -25.16 15.06
CA VAL B 404 5.27 -25.60 16.08
C VAL B 404 6.00 -25.71 17.42
N LEU B 405 5.51 -24.99 18.44
CA LEU B 405 6.05 -25.09 19.81
C LEU B 405 5.53 -26.35 20.46
N PRO B 406 6.43 -27.32 20.68
CA PRO B 406 6.05 -28.66 21.11
C PRO B 406 6.34 -28.93 22.56
N LEU B 407 5.34 -29.47 23.26
CA LEU B 407 5.53 -30.10 24.57
C LEU B 407 4.95 -31.49 24.39
N SER B 408 5.79 -32.41 23.90
CA SER B 408 5.28 -33.69 23.38
C SER B 408 5.44 -34.85 24.35
N HIS B 409 5.11 -36.04 23.87
CA HIS B 409 5.30 -37.24 24.66
C HIS B 409 6.77 -37.49 24.93
N ASP B 410 7.65 -37.08 24.01
CA ASP B 410 9.08 -37.35 24.17
C ASP B 410 9.69 -36.64 25.40
N GLU B 411 9.01 -35.63 25.92
CA GLU B 411 9.60 -34.85 26.99
C GLU B 411 9.10 -35.20 28.39
N VAL B 412 8.25 -36.21 28.46
CA VAL B 412 7.71 -36.65 29.74
C VAL B 412 7.80 -38.19 29.90
N VAL B 413 8.98 -38.74 29.60
CA VAL B 413 9.31 -40.15 29.78
C VAL B 413 10.73 -40.27 30.34
N HIS B 414 11.10 -41.50 30.72
CA HIS B 414 12.49 -41.90 30.98
C HIS B 414 13.30 -40.97 31.88
N GLY B 415 12.69 -40.52 32.96
CA GLY B 415 13.43 -39.73 33.93
C GLY B 415 13.41 -38.25 33.66
N LYS B 416 12.89 -37.85 32.50
CA LYS B 416 12.82 -36.43 32.16
C LYS B 416 11.84 -35.69 33.06
N LYS B 417 10.84 -36.43 33.54
CA LYS B 417 9.76 -35.98 34.42
C LYS B 417 8.58 -35.33 33.69
N SER B 418 7.57 -34.95 34.47
CA SER B 418 6.38 -34.27 33.99
C SER B 418 6.77 -32.82 33.82
N ILE B 419 5.98 -32.05 33.05
CA ILE B 419 6.29 -30.64 32.91
C ILE B 419 6.18 -30.00 34.28
N LEU B 420 5.12 -30.36 35.01
CA LEU B 420 4.88 -29.86 36.36
C LEU B 420 6.07 -30.09 37.28
N ASP B 421 6.58 -31.33 37.36
CA ASP B 421 7.68 -31.63 38.30
C ASP B 421 9.01 -30.92 38.01
N ARG B 422 9.17 -30.45 36.78
CA ARG B 422 10.34 -29.69 36.38
C ARG B 422 10.34 -28.29 37.04
N MET B 423 9.16 -27.83 37.47
CA MET B 423 8.98 -26.50 38.06
C MET B 423 9.56 -26.39 39.46
N PRO B 424 10.22 -25.27 39.75
CA PRO B 424 10.81 -25.04 41.08
C PRO B 424 9.86 -24.34 42.08
N GLY B 425 10.31 -24.30 43.34
CA GLY B 425 9.59 -23.64 44.43
C GLY B 425 8.66 -24.56 45.20
N ASP B 426 7.85 -24.01 46.09
CA ASP B 426 6.86 -24.83 46.79
C ASP B 426 5.72 -25.17 45.84
N ALA B 427 4.70 -25.87 46.35
CA ALA B 427 3.63 -26.37 45.49
C ALA B 427 2.90 -25.27 44.73
N TRP B 428 2.49 -24.23 45.44
CA TRP B 428 1.84 -23.10 44.78
C TRP B 428 2.72 -22.53 43.65
N GLN B 429 3.97 -22.20 43.98
CA GLN B 429 4.92 -21.65 43.01
C GLN B 429 5.18 -22.57 41.80
N LYS B 430 5.13 -23.88 42.02
CA LYS B 430 5.32 -24.81 40.93
C LYS B 430 4.20 -24.60 39.92
N PHE B 431 2.96 -24.53 40.44
CA PHE B 431 1.80 -24.28 39.60
C PHE B 431 1.80 -22.87 39.01
N ALA B 432 2.25 -21.88 39.79
CA ALA B 432 2.41 -20.54 39.24
C ALA B 432 3.29 -20.59 37.96
N ASN B 433 4.53 -21.03 38.12
CA ASN B 433 5.51 -21.12 37.03
C ASN B 433 4.94 -21.80 35.78
N LEU B 434 4.29 -22.94 36.00
CA LEU B 434 3.63 -23.67 34.92
C LEU B 434 2.56 -22.87 34.15
N ARG B 435 1.74 -22.10 34.87
CA ARG B 435 0.67 -21.30 34.26
C ARG B 435 1.30 -20.15 33.49
N ALA B 436 2.27 -19.52 34.13
CA ALA B 436 3.07 -18.48 33.52
C ALA B 436 3.69 -18.98 32.20
N TYR B 437 4.31 -20.15 32.28
CA TYR B 437 4.93 -20.75 31.12
C TYR B 437 3.94 -20.93 29.97
N TYR B 438 2.85 -21.65 30.23
CA TYR B 438 1.81 -21.84 29.23
C TYR B 438 1.28 -20.51 28.68
N GLY B 439 1.15 -19.52 29.55
CA GLY B 439 0.72 -18.19 29.15
C GLY B 439 1.66 -17.59 28.12
N TRP B 440 2.95 -17.84 28.33
CA TRP B 440 4.00 -17.31 27.48
C TRP B 440 4.02 -18.12 26.19
N MET B 441 3.86 -19.42 26.33
CA MET B 441 3.90 -20.32 25.19
C MET B 441 2.81 -19.98 24.17
N TRP B 442 1.61 -19.70 24.64
CA TRP B 442 0.45 -19.47 23.77
C TRP B 442 0.55 -18.10 23.06
N ALA B 443 1.46 -17.27 23.59
CA ALA B 443 1.67 -15.91 23.15
C ALA B 443 2.81 -15.85 22.17
N PHE B 444 3.76 -16.77 22.33
CA PHE B 444 4.97 -16.78 21.52
C PHE B 444 4.69 -17.26 20.11
N PRO B 445 5.36 -16.61 19.12
CA PRO B 445 5.21 -16.98 17.70
C PRO B 445 5.38 -18.50 17.48
N GLY B 446 4.50 -19.08 16.67
CA GLY B 446 4.55 -20.51 16.40
C GLY B 446 3.25 -21.17 16.77
N LYS B 447 2.86 -22.21 16.06
CA LYS B 447 1.68 -22.94 16.46
C LYS B 447 1.94 -23.71 17.77
N LYS B 448 0.93 -24.38 18.29
CA LYS B 448 1.00 -24.93 19.64
C LYS B 448 0.68 -26.43 19.66
N LEU B 449 1.46 -27.18 20.43
CA LEU B 449 1.18 -28.60 20.59
C LEU B 449 1.28 -28.99 22.06
N LEU B 450 0.29 -29.72 22.57
CA LEU B 450 0.34 -30.18 23.98
C LEU B 450 -0.03 -31.66 24.08
N PHE B 451 0.85 -32.42 24.72
CA PHE B 451 0.58 -33.83 24.94
C PHE B 451 -0.35 -34.06 26.12
N MET B 452 -1.34 -34.92 25.90
CA MET B 452 -2.29 -35.35 26.94
C MET B 452 -1.62 -35.53 28.31
N GLY B 453 -2.29 -35.05 29.36
CA GLY B 453 -1.72 -35.04 30.70
C GLY B 453 -1.15 -33.69 31.11
N ASN B 454 -0.59 -32.95 30.15
CA ASN B 454 0.00 -31.65 30.44
C ASN B 454 -1.08 -30.61 30.75
N GLU B 455 -2.26 -30.80 30.15
CA GLU B 455 -3.31 -29.82 30.32
C GLU B 455 -3.86 -29.77 31.75
N PHE B 456 -3.75 -30.86 32.51
CA PHE B 456 -4.16 -30.79 33.92
C PHE B 456 -2.99 -30.98 34.84
N ALA B 457 -1.81 -30.81 34.28
CA ALA B 457 -0.56 -30.90 35.01
C ALA B 457 -0.44 -32.18 35.86
N GLN B 458 -0.44 -33.33 35.18
CA GLN B 458 -0.08 -34.61 35.79
C GLN B 458 1.29 -34.51 36.45
N GLY B 459 1.45 -35.20 37.59
CA GLY B 459 2.70 -35.16 38.36
C GLY B 459 3.65 -36.27 37.94
N ARG B 460 3.08 -37.45 37.65
CA ARG B 460 3.88 -38.57 37.19
C ARG B 460 4.12 -38.47 35.68
N GLU B 461 5.23 -39.06 35.23
CA GLU B 461 5.52 -39.17 33.80
C GLU B 461 4.47 -39.94 33.04
N TRP B 462 4.53 -39.86 31.72
CA TRP B 462 3.57 -40.60 30.93
C TRP B 462 3.90 -42.07 31.02
N ASN B 463 2.85 -42.87 31.05
CA ASN B 463 2.97 -44.33 31.03
C ASN B 463 1.97 -44.92 30.07
N HIS B 464 2.49 -45.51 29.00
CA HIS B 464 1.68 -46.01 27.90
C HIS B 464 0.88 -47.22 28.34
N ASP B 465 1.30 -47.85 29.43
CA ASP B 465 0.56 -49.01 29.92
C ASP B 465 -0.61 -48.73 30.86
N ALA B 466 -0.66 -47.51 31.39
CA ALA B 466 -1.79 -47.09 32.23
C ALA B 466 -2.58 -45.93 31.61
N SER B 467 -3.69 -45.59 32.27
CA SER B 467 -4.41 -44.34 32.01
C SER B 467 -3.60 -43.15 32.55
N LEU B 468 -3.94 -41.94 32.10
CA LEU B 468 -3.37 -40.74 32.71
C LEU B 468 -4.01 -40.53 34.08
N ASP B 469 -3.32 -39.83 34.97
CA ASP B 469 -3.79 -39.58 36.32
C ASP B 469 -5.08 -38.74 36.47
N TRP B 470 -6.16 -39.15 35.79
CA TRP B 470 -7.45 -38.47 35.90
C TRP B 470 -7.95 -38.36 37.35
N HIS B 471 -7.55 -39.32 38.17
CA HIS B 471 -7.84 -39.28 39.60
C HIS B 471 -7.39 -37.96 40.27
N LEU B 472 -6.55 -37.18 39.59
CA LEU B 472 -6.19 -35.85 40.10
C LEU B 472 -7.35 -34.87 39.99
N LEU B 473 -8.24 -35.08 39.02
CA LEU B 473 -9.32 -34.15 38.74
C LEU B 473 -10.65 -34.44 39.40
N GLU B 474 -10.68 -35.21 40.47
CA GLU B 474 -11.95 -35.33 41.18
C GLU B 474 -11.83 -35.07 42.68
N GLY B 475 -12.96 -34.77 43.30
CA GLY B 475 -12.98 -34.13 44.60
C GLY B 475 -13.18 -32.64 44.39
N GLY B 476 -12.81 -31.86 45.40
CA GLY B 476 -12.95 -30.41 45.35
C GLY B 476 -11.95 -29.74 44.43
N ASP B 477 -12.26 -28.52 44.03
CA ASP B 477 -11.45 -27.78 43.07
C ASP B 477 -10.02 -27.68 43.53
N ASN B 478 -9.10 -28.18 42.70
CA ASN B 478 -7.68 -28.08 43.00
C ASN B 478 -6.86 -27.45 41.89
N TRP B 479 -5.55 -27.43 42.13
CA TRP B 479 -4.62 -26.76 41.25
C TRP B 479 -4.68 -27.31 39.83
N HIS B 480 -4.95 -28.60 39.73
CA HIS B 480 -5.05 -29.26 38.45
C HIS B 480 -6.22 -28.70 37.63
N HIS B 481 -7.38 -28.54 38.27
CA HIS B 481 -8.54 -27.96 37.61
C HIS B 481 -8.18 -26.54 37.12
N GLY B 482 -7.43 -25.81 37.94
CA GLY B 482 -7.03 -24.46 37.58
C GLY B 482 -6.25 -24.47 36.27
N VAL B 483 -5.21 -25.27 36.21
CA VAL B 483 -4.41 -25.42 35.00
C VAL B 483 -5.29 -25.90 33.84
N GLN B 484 -6.12 -26.90 34.10
CA GLN B 484 -7.03 -27.36 33.06
C GLN B 484 -7.90 -26.20 32.54
N ARG B 485 -8.32 -25.32 33.47
CA ARG B 485 -9.18 -24.20 33.13
C ARG B 485 -8.41 -23.21 32.29
N LEU B 486 -7.20 -22.92 32.76
CA LEU B 486 -6.30 -21.99 32.12
C LEU B 486 -5.98 -22.38 30.68
N VAL B 487 -5.68 -23.66 30.45
CA VAL B 487 -5.35 -24.13 29.11
C VAL B 487 -6.57 -23.93 28.19
N ARG B 488 -7.76 -24.30 28.66
CA ARG B 488 -8.99 -24.01 27.89
C ARG B 488 -9.15 -22.53 27.58
N ASP B 489 -8.84 -21.65 28.55
CA ASP B 489 -8.93 -20.20 28.37
C ASP B 489 -7.86 -19.72 27.37
N LEU B 490 -6.66 -20.29 27.48
CA LEU B 490 -5.55 -19.95 26.59
C LEU B 490 -5.99 -20.26 25.18
N ASN B 491 -6.54 -21.45 24.98
CA ASN B 491 -7.00 -21.86 23.66
C ASN B 491 -8.09 -20.97 23.10
N LEU B 492 -9.11 -20.65 23.88
CA LEU B 492 -10.20 -19.88 23.31
C LEU B 492 -9.80 -18.43 23.03
N THR B 493 -9.05 -17.83 23.94
CA THR B 493 -8.60 -16.45 23.75
C THR B 493 -7.72 -16.38 22.51
N TYR B 494 -6.75 -17.30 22.43
CA TYR B 494 -5.82 -17.40 21.30
C TYR B 494 -6.50 -17.58 19.95
N ARG B 495 -7.65 -18.24 19.96
CA ARG B 495 -8.39 -18.45 18.73
C ARG B 495 -9.29 -17.27 18.39
N HIS B 496 -9.61 -16.45 19.40
CA HIS B 496 -10.50 -15.32 19.19
C HIS B 496 -9.79 -14.10 18.62
N HIS B 497 -8.56 -13.85 19.09
CA HIS B 497 -7.77 -12.71 18.63
C HIS B 497 -6.80 -13.04 17.47
N LYS B 498 -7.01 -12.41 16.31
CA LYS B 498 -6.13 -12.65 15.17
C LYS B 498 -4.64 -12.35 15.46
N ALA B 499 -4.40 -11.30 16.23
CA ALA B 499 -3.05 -10.94 16.67
C ALA B 499 -2.21 -12.08 17.27
N MET B 500 -2.84 -13.05 17.93
CA MET B 500 -2.08 -14.12 18.56
C MET B 500 -1.62 -15.21 17.60
N HIS B 501 -2.11 -15.20 16.37
CA HIS B 501 -1.87 -16.34 15.48
C HIS B 501 -1.73 -16.05 13.99
N GLU B 502 -2.13 -14.86 13.54
CA GLU B 502 -2.24 -14.63 12.10
C GLU B 502 -0.94 -14.20 11.40
N LEU B 503 0.07 -13.85 12.18
CA LEU B 503 1.34 -13.37 11.66
C LEU B 503 2.48 -13.99 12.46
N ASP B 504 2.39 -15.30 12.73
CA ASP B 504 3.46 -15.98 13.47
C ASP B 504 4.77 -15.95 12.72
N PHE B 505 4.69 -15.94 11.38
CA PHE B 505 5.88 -16.16 10.56
C PHE B 505 6.27 -14.92 9.76
N ASP B 506 5.78 -13.78 10.21
CA ASP B 506 6.04 -12.48 9.60
C ASP B 506 6.56 -11.60 10.73
N PRO B 507 7.73 -10.97 10.52
CA PRO B 507 8.36 -10.16 11.55
C PRO B 507 7.43 -9.07 12.07
N TYR B 508 6.46 -8.68 11.26
CA TYR B 508 5.50 -7.66 11.68
C TYR B 508 4.65 -8.14 12.87
N GLY B 509 4.57 -9.45 13.04
CA GLY B 509 3.65 -10.01 13.99
C GLY B 509 4.13 -9.99 15.43
N PHE B 510 5.41 -9.68 15.65
CA PHE B 510 6.00 -9.70 16.99
C PHE B 510 6.94 -8.52 17.21
N GLU B 511 6.85 -7.89 18.37
CA GLU B 511 7.78 -6.84 18.71
C GLU B 511 8.02 -6.76 20.21
N TRP B 512 9.30 -6.72 20.61
CA TRP B 512 9.67 -6.45 22.00
C TRP B 512 9.26 -5.05 22.43
N LEU B 513 8.69 -4.97 23.63
CA LEU B 513 8.48 -3.70 24.34
C LEU B 513 9.50 -3.61 25.45
N VAL B 514 9.66 -4.71 26.20
CA VAL B 514 10.71 -4.81 27.21
C VAL B 514 11.51 -6.11 27.05
N VAL B 515 12.73 -6.00 26.54
CA VAL B 515 13.57 -7.17 26.25
C VAL B 515 14.80 -7.23 27.16
N ASP B 516 15.08 -6.14 27.85
CA ASP B 516 16.30 -6.04 28.64
C ASP B 516 16.13 -5.92 30.17
N ASP B 517 14.92 -6.12 30.70
CA ASP B 517 14.75 -6.15 32.15
C ASP B 517 15.21 -7.53 32.65
N LYS B 518 16.52 -7.74 32.70
CA LYS B 518 17.11 -9.00 33.15
C LYS B 518 17.02 -9.21 34.66
N GLU B 519 17.27 -8.15 35.45
CA GLU B 519 17.32 -8.27 36.90
C GLU B 519 15.98 -8.75 37.45
N ARG B 520 14.91 -8.14 36.95
CA ARG B 520 13.57 -8.47 37.43
C ARG B 520 12.91 -9.65 36.71
N SER B 521 13.60 -10.27 35.75
CA SER B 521 13.02 -11.34 34.93
C SER B 521 11.62 -10.99 34.39
N VAL B 522 11.47 -9.76 33.94
CA VAL B 522 10.24 -9.33 33.29
C VAL B 522 10.51 -9.21 31.78
N LEU B 523 9.58 -9.70 30.98
CA LEU B 523 9.70 -9.62 29.54
C LEU B 523 8.34 -9.24 29.00
N ILE B 524 8.33 -8.25 28.11
CA ILE B 524 7.09 -7.78 27.55
C ILE B 524 7.22 -7.60 26.05
N PHE B 525 6.30 -8.22 25.30
CA PHE B 525 6.24 -7.99 23.86
C PHE B 525 4.83 -7.73 23.37
N VAL B 526 4.73 -7.35 22.10
CA VAL B 526 3.45 -7.17 21.44
C VAL B 526 3.31 -8.21 20.32
N ARG B 527 2.10 -8.71 20.14
CA ARG B 527 1.77 -9.53 18.98
C ARG B 527 0.84 -8.74 18.06
N ARG B 528 0.87 -8.99 16.75
CA ARG B 528 0.13 -8.16 15.77
C ARG B 528 -0.61 -8.90 14.66
N ASP B 529 -1.81 -8.45 14.33
CA ASP B 529 -2.51 -8.92 13.14
C ASP B 529 -2.22 -8.04 11.91
N LYS B 530 -2.74 -8.44 10.75
CA LYS B 530 -2.58 -7.64 9.54
C LYS B 530 -3.23 -6.24 9.58
N GLU B 531 -4.12 -5.99 10.53
CA GLU B 531 -4.74 -4.64 10.67
C GLU B 531 -3.97 -3.70 11.62
N GLY B 532 -2.92 -4.20 12.26
CA GLY B 532 -2.15 -3.38 13.18
C GLY B 532 -2.60 -3.54 14.62
N ASN B 533 -3.64 -4.34 14.83
CA ASN B 533 -4.10 -4.60 16.20
C ASN B 533 -3.03 -5.22 17.04
N GLU B 534 -2.85 -4.68 18.24
CA GLU B 534 -1.79 -5.16 19.09
C GLU B 534 -2.37 -5.71 20.37
N ILE B 535 -1.80 -6.79 20.87
CA ILE B 535 -2.07 -7.17 22.23
C ILE B 535 -0.72 -7.29 22.95
N ILE B 536 -0.68 -6.73 24.14
CA ILE B 536 0.52 -6.70 24.94
C ILE B 536 0.57 -8.00 25.72
N VAL B 537 1.76 -8.56 25.84
CA VAL B 537 1.97 -9.77 26.60
C VAL B 537 3.09 -9.43 27.59
N ALA B 538 2.82 -9.61 28.87
CA ALA B 538 3.80 -9.24 29.88
C ALA B 538 3.93 -10.39 30.84
N SER B 539 5.16 -10.74 31.19
CA SER B 539 5.42 -11.91 32.04
C SER B 539 6.34 -11.55 33.18
N ASN B 540 6.06 -12.10 34.36
CA ASN B 540 6.94 -11.87 35.49
C ASN B 540 7.34 -13.23 36.02
N PHE B 541 8.62 -13.57 35.87
CA PHE B 541 9.07 -14.93 36.15
C PHE B 541 9.77 -15.04 37.50
N THR B 542 9.46 -14.09 38.37
CA THR B 542 9.95 -14.03 39.73
C THR B 542 8.71 -13.97 40.64
N PRO B 543 8.84 -14.41 41.91
CA PRO B 543 7.66 -14.33 42.78
C PRO B 543 7.48 -12.96 43.46
N VAL B 544 8.25 -11.96 43.05
CA VAL B 544 8.09 -10.61 43.58
C VAL B 544 7.09 -9.83 42.75
N PRO B 545 5.96 -9.47 43.36
CA PRO B 545 4.96 -8.72 42.59
C PRO B 545 5.56 -7.38 42.20
N ARG B 546 5.11 -6.82 41.08
CA ARG B 546 5.67 -5.57 40.57
C ARG B 546 4.57 -4.56 40.37
N HIS B 547 4.74 -3.38 40.97
CA HIS B 547 3.72 -2.34 40.92
C HIS B 547 4.25 -1.08 40.26
N ASP B 548 3.36 -0.38 39.57
CA ASP B 548 3.70 0.85 38.89
C ASP B 548 4.89 0.58 37.97
N TYR B 549 4.87 -0.60 37.37
CA TYR B 549 5.86 -1.01 36.38
C TYR B 549 5.57 -0.34 35.05
N ARG B 550 6.42 0.60 34.67
CA ARG B 550 6.13 1.39 33.49
C ARG B 550 7.02 1.02 32.30
N PHE B 551 6.39 0.91 31.14
CA PHE B 551 7.07 0.56 29.92
C PHE B 551 6.37 1.26 28.80
N GLY B 552 7.10 1.56 27.74
CA GLY B 552 6.56 2.30 26.64
C GLY B 552 5.72 1.41 25.75
N ILE B 553 4.81 2.00 24.96
CA ILE B 553 3.98 1.25 24.02
C ILE B 553 3.85 1.94 22.67
N ASN B 554 3.21 1.27 21.73
CA ASN B 554 3.05 1.78 20.37
C ASN B 554 1.71 2.47 20.13
N GLN B 555 0.69 2.01 20.86
CA GLN B 555 -0.67 2.51 20.66
C GLN B 555 -1.28 3.09 21.94
N PRO B 556 -1.45 4.41 22.00
CA PRO B 556 -2.01 4.98 23.24
C PRO B 556 -3.51 4.69 23.37
N GLY B 557 -4.02 4.79 24.58
CA GLY B 557 -5.43 4.63 24.81
C GLY B 557 -5.77 3.80 26.03
N LYS B 558 -6.87 3.07 25.95
CA LYS B 558 -7.39 2.33 27.08
C LYS B 558 -7.09 0.84 26.94
N TRP B 559 -6.42 0.27 27.94
CA TRP B 559 -6.01 -1.12 27.90
C TRP B 559 -6.61 -1.95 29.05
N ARG B 560 -6.94 -3.19 28.73
CA ARG B 560 -7.64 -4.06 29.66
C ARG B 560 -7.09 -5.50 29.56
N GLU B 561 -7.01 -6.23 30.68
CA GLU B 561 -6.50 -7.61 30.67
C GLU B 561 -7.47 -8.55 29.99
N ILE B 562 -6.97 -9.44 29.12
CA ILE B 562 -7.85 -10.45 28.54
C ILE B 562 -7.46 -11.87 28.97
N LEU B 563 -6.35 -11.96 29.70
CA LEU B 563 -5.85 -13.21 30.25
C LEU B 563 -4.92 -12.88 31.38
N ASN B 564 -5.03 -13.59 32.49
CA ASN B 564 -4.16 -13.33 33.64
C ASN B 564 -3.96 -14.63 34.39
N THR B 565 -2.79 -15.25 34.22
CA THR B 565 -2.57 -16.57 34.81
C THR B 565 -2.59 -16.58 36.35
N ASP B 566 -2.56 -15.42 36.97
CA ASP B 566 -2.68 -15.32 38.42
C ASP B 566 -4.14 -15.15 38.90
N SER B 567 -5.09 -15.11 37.97
CA SER B 567 -6.48 -15.07 38.37
C SER B 567 -6.80 -16.21 39.35
N MET B 568 -7.61 -15.91 40.36
CA MET B 568 -8.01 -16.92 41.31
C MET B 568 -8.85 -18.00 40.62
N HIS B 569 -9.40 -17.67 39.46
CA HIS B 569 -10.06 -18.70 38.65
C HIS B 569 -9.10 -19.89 38.37
N TYR B 570 -7.79 -19.65 38.54
CA TYR B 570 -6.77 -20.68 38.36
C TYR B 570 -6.00 -20.98 39.64
N HIS B 571 -6.50 -20.48 40.77
CA HIS B 571 -5.83 -20.65 42.07
C HIS B 571 -4.52 -19.88 42.22
N GLY B 572 -4.33 -18.85 41.41
CA GLY B 572 -3.29 -17.85 41.68
C GLY B 572 -3.74 -16.86 42.75
N SER B 573 -2.93 -15.85 43.04
CA SER B 573 -3.21 -14.94 44.14
C SER B 573 -4.12 -13.76 43.76
N ASN B 574 -4.59 -13.76 42.52
CA ASN B 574 -5.55 -12.77 42.02
C ASN B 574 -5.08 -11.32 41.95
N ALA B 575 -3.78 -11.08 41.85
CA ALA B 575 -3.34 -9.72 41.62
C ALA B 575 -3.52 -9.34 40.14
N GLY B 576 -3.13 -8.12 39.81
CA GLY B 576 -3.36 -7.61 38.49
C GLY B 576 -3.97 -6.23 38.60
N ASN B 577 -4.39 -5.69 37.47
CA ASN B 577 -4.96 -4.36 37.42
C ASN B 577 -6.46 -4.46 37.66
N GLY B 578 -7.11 -3.34 37.93
CA GLY B 578 -8.52 -3.40 38.30
C GLY B 578 -9.34 -3.71 37.07
N GLY B 579 -9.64 -2.66 36.31
CA GLY B 579 -10.18 -2.81 34.98
C GLY B 579 -9.28 -2.08 34.02
N THR B 580 -9.87 -1.18 33.26
CA THR B 580 -9.12 -0.43 32.27
C THR B 580 -8.00 0.40 32.88
N VAL B 581 -6.83 0.32 32.26
CA VAL B 581 -5.73 1.22 32.59
C VAL B 581 -5.46 2.07 31.37
N HIS B 582 -5.33 3.37 31.58
CA HIS B 582 -5.08 4.31 30.46
C HIS B 582 -3.59 4.62 30.31
N SER B 583 -3.15 4.77 29.06
CA SER B 583 -1.76 5.14 28.80
C SER B 583 -1.46 6.59 29.21
N ASP B 584 -0.18 6.90 29.39
CA ASP B 584 0.27 8.25 29.70
C ASP B 584 1.19 8.77 28.59
N GLU B 585 1.05 10.05 28.23
CA GLU B 585 2.07 10.71 27.44
C GLU B 585 3.27 10.95 28.35
N ILE B 586 3.97 9.87 28.64
CA ILE B 586 5.21 9.87 29.41
C ILE B 586 6.16 8.96 28.64
N ALA B 587 7.33 9.47 28.27
CA ALA B 587 8.25 8.70 27.45
C ALA B 587 8.75 7.48 28.20
N SER B 588 9.04 6.41 27.48
CA SER B 588 9.67 5.22 28.06
C SER B 588 10.18 4.27 26.98
N HIS B 589 11.36 3.69 27.20
CA HIS B 589 11.92 2.69 26.29
C HIS B 589 11.93 3.13 24.83
N GLY B 590 12.14 4.42 24.59
CA GLY B 590 12.17 4.92 23.24
C GLY B 590 10.81 5.36 22.73
N ARG B 591 9.77 5.14 23.53
CA ARG B 591 8.43 5.38 23.03
C ARG B 591 7.76 6.64 23.56
N GLN B 592 6.95 7.24 22.70
CA GLN B 592 6.17 8.43 23.07
C GLN B 592 5.11 8.17 24.17
N HIS B 593 4.52 6.97 24.20
CA HIS B 593 3.53 6.67 25.24
C HIS B 593 3.95 5.48 26.13
N SER B 594 3.26 5.29 27.26
CA SER B 594 3.56 4.17 28.17
C SER B 594 2.33 3.71 29.00
N LEU B 595 2.54 2.70 29.84
CA LEU B 595 1.52 2.26 30.77
C LEU B 595 2.23 1.97 32.06
N SER B 596 1.56 2.27 33.19
CA SER B 596 2.06 1.79 34.45
C SER B 596 1.15 0.66 34.96
N LEU B 597 1.73 -0.52 35.14
CA LEU B 597 0.92 -1.70 35.43
C LEU B 597 1.38 -2.44 36.65
N THR B 598 0.48 -3.27 37.17
CA THR B 598 0.85 -4.32 38.12
C THR B 598 1.18 -5.58 37.30
N LEU B 599 2.28 -6.24 37.64
CA LEU B 599 2.57 -7.52 37.05
C LEU B 599 2.55 -8.56 38.15
N PRO B 600 1.55 -9.44 38.13
CA PRO B 600 1.41 -10.49 39.14
C PRO B 600 2.68 -11.33 39.29
N PRO B 601 2.91 -11.90 40.49
CA PRO B 601 4.09 -12.74 40.74
C PRO B 601 3.98 -13.99 39.90
N LEU B 602 5.10 -14.49 39.39
CA LEU B 602 5.14 -15.74 38.63
C LEU B 602 3.91 -15.92 37.74
N ALA B 603 3.67 -14.96 36.87
CA ALA B 603 2.52 -15.02 35.98
C ALA B 603 2.76 -14.25 34.69
N THR B 604 1.91 -14.51 33.71
CA THR B 604 1.90 -13.70 32.51
C THR B 604 0.48 -13.21 32.24
N ILE B 605 0.39 -11.95 31.82
CA ILE B 605 -0.89 -11.38 31.43
C ILE B 605 -0.86 -10.90 29.96
N TRP B 606 -2.03 -10.96 29.32
CA TRP B 606 -2.21 -10.42 27.99
C TRP B 606 -3.21 -9.26 28.06
N LEU B 607 -2.85 -8.11 27.51
CA LEU B 607 -3.72 -6.93 27.48
C LEU B 607 -4.24 -6.67 26.07
N VAL B 608 -5.48 -6.19 25.98
CA VAL B 608 -6.05 -5.67 24.73
C VAL B 608 -6.33 -4.16 24.86
N ARG B 609 -6.35 -3.50 23.71
CA ARG B 609 -6.68 -2.11 23.62
C ARG B 609 -8.14 -1.98 23.25
N GLU B 610 -8.85 -1.11 23.95
CA GLU B 610 -10.28 -0.93 23.75
C GLU B 610 -10.57 0.16 22.72
N ALA B 611 -11.48 -0.12 21.79
CA ALA B 611 -11.87 0.87 20.78
C ALA B 611 -12.37 2.19 21.38
N GLU B 612 -12.05 3.29 20.70
CA GLU B 612 -12.46 4.62 21.14
C GLU B 612 -13.91 4.93 20.76
N THR C 1 23.73 32.57 -52.58
CA THR C 1 23.74 31.70 -53.76
C THR C 1 25.17 31.24 -54.09
N HIS C 2 25.33 29.98 -54.51
CA HIS C 2 24.22 29.05 -54.70
C HIS C 2 24.28 28.01 -53.60
N LEU C 3 24.21 28.51 -52.38
CA LEU C 3 24.43 27.72 -51.18
C LEU C 3 23.28 26.75 -50.89
N ARG C 4 22.05 27.16 -51.21
CA ARG C 4 20.85 26.40 -50.89
C ARG C 4 20.07 25.95 -52.14
N PRO C 5 20.59 24.97 -52.89
CA PRO C 5 19.91 24.48 -54.10
C PRO C 5 18.55 23.90 -53.79
N TYR C 6 18.35 23.46 -52.55
CA TYR C 6 17.12 22.80 -52.16
C TYR C 6 15.95 23.77 -52.16
N GLU C 7 16.23 25.06 -52.27
CA GLU C 7 15.18 26.06 -52.27
C GLU C 7 14.60 26.27 -53.69
N THR C 8 15.30 25.76 -54.71
CA THR C 8 14.76 25.79 -56.08
C THR C 8 14.70 24.43 -56.77
N LEU C 9 15.78 23.63 -56.66
CA LEU C 9 15.75 22.27 -57.17
C LEU C 9 14.72 21.40 -56.44
N GLY C 10 14.29 20.33 -57.11
CA GLY C 10 13.23 19.47 -56.62
C GLY C 10 11.83 19.97 -56.94
N ALA C 11 10.84 19.55 -56.16
CA ALA C 11 9.45 19.91 -56.42
C ALA C 11 8.94 20.96 -55.43
N HIS C 12 8.41 22.06 -55.97
CA HIS C 12 7.99 23.23 -55.17
C HIS C 12 6.72 23.85 -55.71
N ALA C 13 5.79 24.18 -54.81
CA ALA C 13 4.59 24.95 -55.19
C ALA C 13 4.99 26.23 -55.91
N ASP C 14 4.31 26.52 -57.01
CA ASP C 14 4.66 27.65 -57.86
C ASP C 14 3.39 28.14 -58.52
N THR C 15 3.45 29.33 -59.10
CA THR C 15 2.28 29.90 -59.76
C THR C 15 2.61 30.44 -61.14
N MET C 16 1.83 30.03 -62.14
CA MET C 16 2.03 30.47 -63.52
C MET C 16 0.77 31.17 -64.05
N ASP C 17 0.83 32.50 -64.12
CA ASP C 17 -0.28 33.33 -64.61
C ASP C 17 -1.58 33.10 -63.81
N GLY C 18 -1.45 32.99 -62.50
CA GLY C 18 -2.61 32.78 -61.65
C GLY C 18 -3.01 31.31 -61.53
N VAL C 19 -2.28 30.44 -62.24
CA VAL C 19 -2.52 29.01 -62.16
C VAL C 19 -1.51 28.38 -61.21
N THR C 20 -2.00 27.51 -60.33
CA THR C 20 -1.17 26.82 -59.37
C THR C 20 -0.91 25.37 -59.75
N GLY C 21 0.18 24.85 -59.21
CA GLY C 21 0.63 23.50 -59.47
C GLY C 21 2.03 23.48 -58.89
N THR C 22 2.77 22.41 -59.11
CA THR C 22 4.13 22.41 -58.61
C THR C 22 5.14 22.52 -59.74
N ARG C 23 6.31 23.07 -59.44
CA ARG C 23 7.37 23.18 -60.43
C ARG C 23 8.44 22.14 -60.12
N PHE C 24 8.79 21.38 -61.16
CA PHE C 24 9.77 20.30 -61.05
C PHE C 24 11.07 20.75 -61.69
N SER C 25 12.18 20.46 -61.04
CA SER C 25 13.49 20.84 -61.57
C SER C 25 14.55 19.85 -61.10
N VAL C 26 15.36 19.38 -62.04
CA VAL C 26 16.35 18.36 -61.74
C VAL C 26 17.60 18.65 -62.58
N TRP C 27 18.75 18.31 -62.02
CA TRP C 27 20.01 18.52 -62.69
C TRP C 27 20.47 17.21 -63.33
N ALA C 28 20.67 17.25 -64.66
CA ALA C 28 21.05 16.08 -65.46
C ALA C 28 21.43 16.55 -66.88
N PRO C 29 22.62 17.17 -66.99
CA PRO C 29 22.97 17.93 -68.20
C PRO C 29 23.07 17.04 -69.43
N ASN C 30 23.38 15.76 -69.22
CA ASN C 30 23.71 14.88 -70.32
C ASN C 30 22.60 13.89 -70.65
N ALA C 31 21.49 13.95 -69.92
CA ALA C 31 20.32 13.16 -70.25
C ALA C 31 19.76 13.68 -71.56
N ARG C 32 19.30 12.78 -72.44
CA ARG C 32 18.79 13.26 -73.73
C ARG C 32 17.31 13.54 -73.67
N ARG C 33 16.67 13.01 -72.63
CA ARG C 33 15.25 13.22 -72.48
C ARG C 33 14.83 12.89 -71.04
N VAL C 34 14.02 13.76 -70.43
CA VAL C 34 13.58 13.61 -69.04
C VAL C 34 12.12 14.02 -68.88
N SER C 35 11.34 13.19 -68.17
CA SER C 35 9.91 13.45 -67.97
C SER C 35 9.48 13.29 -66.51
N VAL C 36 8.49 14.07 -66.07
CA VAL C 36 7.94 13.87 -64.74
C VAL C 36 6.83 12.84 -64.82
N VAL C 37 7.07 11.66 -64.24
CA VAL C 37 6.02 10.65 -64.13
C VAL C 37 5.53 10.57 -62.69
N GLY C 38 4.27 10.18 -62.53
CA GLY C 38 3.66 10.16 -61.22
C GLY C 38 2.22 9.67 -61.23
N GLN C 39 1.51 9.99 -60.15
CA GLN C 39 0.13 9.54 -60.00
C GLN C 39 -0.81 10.72 -60.27
N PHE C 40 -0.34 11.61 -61.13
CA PHE C 40 -1.17 12.66 -61.70
C PHE C 40 -1.19 12.48 -63.20
N ASN C 41 -0.49 11.44 -63.67
CA ASN C 41 -0.46 11.12 -65.09
C ASN C 41 -0.24 9.64 -65.39
N TYR C 42 -0.34 8.80 -64.36
CA TYR C 42 -0.12 7.37 -64.52
C TYR C 42 1.19 7.00 -65.18
N TRP C 43 2.31 7.41 -64.58
CA TRP C 43 3.65 6.93 -64.96
C TRP C 43 3.93 6.86 -66.47
N ASP C 44 3.36 7.84 -67.17
CA ASP C 44 3.30 7.91 -68.62
C ASP C 44 4.33 8.90 -69.13
N GLY C 45 5.51 8.43 -69.52
CA GLY C 45 6.59 9.32 -69.93
C GLY C 45 6.26 10.29 -71.06
N ARG C 46 5.05 10.18 -71.61
CA ARG C 46 4.64 10.96 -72.79
C ARG C 46 3.73 12.13 -72.46
N ARG C 47 3.17 12.16 -71.25
CA ARG C 47 2.29 13.26 -70.86
C ARG C 47 3.03 14.55 -70.52
N HIS C 48 4.13 14.43 -69.78
CA HIS C 48 4.81 15.61 -69.25
C HIS C 48 6.31 15.61 -69.42
N PRO C 49 6.77 15.75 -70.67
CA PRO C 49 8.22 15.90 -70.90
C PRO C 49 8.70 17.23 -70.37
N MET C 50 9.94 17.29 -69.88
CA MET C 50 10.47 18.54 -69.37
C MET C 50 11.44 19.15 -70.39
N ARG C 51 11.77 20.42 -70.20
CA ARG C 51 12.68 21.11 -71.11
C ARG C 51 14.00 21.50 -70.45
N LEU C 52 15.11 21.09 -71.08
CA LEU C 52 16.46 21.39 -70.62
C LEU C 52 16.79 22.87 -70.77
N ARG C 53 17.13 23.51 -69.66
CA ARG C 53 17.73 24.84 -69.69
C ARG C 53 19.24 24.59 -69.83
N LYS C 54 19.73 24.73 -71.07
CA LYS C 54 21.08 24.29 -71.43
C LYS C 54 22.19 25.04 -70.71
N GLU C 55 21.91 26.26 -70.28
CA GLU C 55 22.92 27.07 -69.62
C GLU C 55 23.27 26.51 -68.24
N SER C 56 22.41 25.64 -67.71
CA SER C 56 22.58 25.16 -66.35
C SER C 56 22.51 23.65 -66.21
N GLY C 57 22.13 22.95 -67.27
CA GLY C 57 21.99 21.50 -67.22
C GLY C 57 20.76 21.04 -66.46
N ILE C 58 19.88 21.98 -66.11
CA ILE C 58 18.70 21.67 -65.31
C ILE C 58 17.45 21.50 -66.16
N TRP C 59 16.85 20.32 -66.08
CA TRP C 59 15.53 20.10 -66.67
C TRP C 59 14.49 20.70 -65.74
N GLU C 60 13.54 21.42 -66.33
CA GLU C 60 12.55 22.16 -65.58
C GLU C 60 11.18 21.95 -66.21
N LEU C 61 10.13 21.98 -65.40
CA LEU C 61 8.78 21.83 -65.91
C LEU C 61 7.73 22.14 -64.87
N PHE C 62 6.84 23.05 -65.22
CA PHE C 62 5.71 23.35 -64.36
C PHE C 62 4.46 22.54 -64.75
N ILE C 63 3.90 21.86 -63.76
CA ILE C 63 2.67 21.09 -63.94
C ILE C 63 1.54 21.74 -63.15
N PRO C 64 0.58 22.38 -63.85
CA PRO C 64 -0.55 22.92 -63.10
C PRO C 64 -1.33 21.77 -62.47
N GLY C 65 -2.01 22.02 -61.35
CA GLY C 65 -2.79 20.98 -60.72
C GLY C 65 -2.04 20.05 -59.79
N ALA C 66 -0.79 19.75 -60.13
CA ALA C 66 0.07 18.91 -59.27
C ALA C 66 0.13 19.52 -57.88
N HIS C 67 0.13 18.67 -56.86
CA HIS C 67 -0.04 19.17 -55.50
C HIS C 67 0.61 18.27 -54.45
N ASN C 68 0.60 18.75 -53.20
CA ASN C 68 1.23 18.05 -52.09
C ASN C 68 0.60 16.68 -51.81
N GLY C 69 1.44 15.70 -51.55
CA GLY C 69 0.94 14.37 -51.28
C GLY C 69 1.06 13.42 -52.46
N GLN C 70 1.17 13.96 -53.67
CA GLN C 70 1.27 13.14 -54.87
C GLN C 70 2.66 12.56 -55.06
N LEU C 71 2.71 11.33 -55.56
CA LEU C 71 3.98 10.66 -55.84
C LEU C 71 4.51 11.07 -57.20
N TYR C 72 5.82 10.94 -57.39
CA TYR C 72 6.44 11.24 -58.67
C TYR C 72 7.87 10.71 -58.75
N LYS C 73 8.32 10.50 -59.99
CA LYS C 73 9.72 10.22 -60.28
C LYS C 73 10.00 10.90 -61.59
N TYR C 74 11.26 10.87 -61.99
CA TYR C 74 11.64 11.28 -63.33
C TYR C 74 11.96 10.08 -64.23
N GLU C 75 11.12 9.82 -65.22
CA GLU C 75 11.45 8.84 -66.27
C GLU C 75 12.41 9.49 -67.24
N MET C 76 13.60 8.91 -67.42
CA MET C 76 14.60 9.53 -68.28
C MET C 76 15.31 8.61 -69.30
N ILE C 77 15.93 9.23 -70.29
CA ILE C 77 16.77 8.53 -71.24
C ILE C 77 18.22 8.94 -71.07
N ASP C 78 18.94 8.10 -70.34
CA ASP C 78 20.40 7.96 -70.33
C ASP C 78 21.20 8.76 -71.36
N ALA C 79 22.37 9.24 -70.96
CA ALA C 79 23.29 9.90 -71.90
C ALA C 79 23.72 8.93 -73.00
N ASN C 80 23.46 7.64 -72.77
CA ASN C 80 23.66 6.60 -73.77
C ASN C 80 22.35 6.32 -74.53
N GLY C 81 21.33 5.86 -73.81
CA GLY C 81 20.02 5.74 -74.41
C GLY C 81 19.06 4.81 -73.71
N ASN C 82 19.39 4.40 -72.48
CA ASN C 82 18.53 3.50 -71.71
C ASN C 82 17.39 4.21 -70.97
N LEU C 83 16.34 3.46 -70.68
CA LEU C 83 15.20 3.98 -69.95
C LEU C 83 15.33 3.69 -68.45
N ARG C 84 15.50 4.75 -67.67
CA ARG C 84 15.66 4.62 -66.23
C ARG C 84 14.63 5.45 -65.48
N LEU C 85 14.10 4.91 -64.38
CA LEU C 85 13.29 5.71 -63.48
C LEU C 85 14.16 6.20 -62.33
N LYS C 86 14.17 7.51 -62.12
CA LYS C 86 14.98 8.11 -61.07
C LYS C 86 14.12 8.81 -60.04
N SER C 87 14.38 8.56 -58.76
CA SER C 87 13.70 9.32 -57.72
C SER C 87 14.54 10.55 -57.49
N ASP C 88 13.85 11.66 -57.25
CA ASP C 88 14.46 12.97 -57.07
C ASP C 88 15.54 13.01 -55.99
N PRO C 89 16.77 13.44 -56.35
CA PRO C 89 17.84 13.62 -55.36
C PRO C 89 17.40 14.55 -54.22
N TYR C 90 16.54 15.52 -54.55
CA TYR C 90 15.99 16.44 -53.57
C TYR C 90 14.58 16.06 -53.12
N ALA C 91 14.33 14.76 -53.02
CA ALA C 91 13.09 14.30 -52.41
C ALA C 91 13.08 14.75 -50.95
N PHE C 92 12.11 15.60 -50.61
CA PHE C 92 11.96 16.06 -49.23
C PHE C 92 11.13 15.05 -48.47
N GLU C 93 10.63 14.08 -49.21
CA GLU C 93 9.82 13.03 -48.65
C GLU C 93 9.91 11.83 -49.57
N ALA C 94 9.71 10.64 -49.02
CA ALA C 94 9.62 9.42 -49.82
C ALA C 94 8.52 8.54 -49.24
N GLN C 95 8.13 7.51 -49.99
CA GLN C 95 7.08 6.61 -49.53
C GLN C 95 7.74 5.42 -48.87
N MET C 96 6.97 4.68 -48.08
CA MET C 96 7.52 3.53 -47.36
C MET C 96 8.11 2.51 -48.32
N ARG C 97 9.41 2.26 -48.16
CA ARG C 97 10.28 1.61 -49.16
C ARG C 97 9.77 1.37 -50.62
N PRO C 98 9.25 0.16 -50.94
CA PRO C 98 9.13 -0.18 -52.38
C PRO C 98 8.31 0.78 -53.26
N GLU C 99 8.46 0.61 -54.58
CA GLU C 99 8.31 1.67 -55.59
C GLU C 99 9.39 2.77 -55.42
N THR C 100 9.53 3.28 -54.19
CA THR C 100 10.54 4.29 -53.84
C THR C 100 10.39 5.65 -54.55
N ALA C 101 9.16 6.05 -54.84
CA ALA C 101 8.90 7.34 -55.48
C ALA C 101 9.05 8.49 -54.46
N SER C 102 9.13 9.71 -54.97
CA SER C 102 9.19 10.90 -54.11
C SER C 102 7.79 11.47 -53.87
N LEU C 103 7.66 12.27 -52.81
CA LEU C 103 6.39 12.92 -52.49
C LEU C 103 6.50 14.42 -52.64
N ILE C 104 5.54 15.00 -53.35
CA ILE C 104 5.41 16.44 -53.41
C ILE C 104 5.12 16.99 -52.02
N CYS C 105 6.02 17.86 -51.56
CA CYS C 105 5.80 18.66 -50.35
C CYS C 105 6.85 19.74 -50.37
N GLY C 106 6.63 20.80 -49.61
CA GLY C 106 7.53 21.93 -49.72
C GLY C 106 8.75 21.77 -48.85
N LEU C 107 9.32 22.91 -48.49
CA LEU C 107 10.33 22.96 -47.46
C LEU C 107 9.56 23.21 -46.17
N PRO C 108 10.08 22.70 -45.05
CA PRO C 108 9.48 23.12 -43.77
C PRO C 108 9.69 24.62 -43.56
N GLU C 109 8.95 25.20 -42.63
CA GLU C 109 8.86 26.65 -42.50
C GLU C 109 10.08 27.39 -41.91
N LYS C 110 11.23 26.72 -41.79
CA LYS C 110 12.48 27.43 -41.41
C LYS C 110 12.56 27.81 -39.92
N VAL C 111 13.58 27.31 -39.22
CA VAL C 111 13.66 27.40 -37.78
C VAL C 111 14.81 28.30 -37.34
N VAL C 112 14.50 29.31 -36.52
CA VAL C 112 15.55 30.14 -35.95
C VAL C 112 16.18 29.43 -34.76
N GLN C 113 17.50 29.30 -34.76
CA GLN C 113 18.17 28.66 -33.62
C GLN C 113 18.30 29.67 -32.51
N THR C 114 17.77 29.34 -31.35
CA THR C 114 17.78 30.24 -30.21
C THR C 114 19.20 30.44 -29.63
N GLU C 115 19.39 31.56 -28.96
CA GLU C 115 20.65 31.80 -28.29
C GLU C 115 20.93 30.75 -27.20
N GLU C 116 19.88 30.20 -26.60
CA GLU C 116 20.05 29.20 -25.56
C GLU C 116 20.68 27.95 -26.14
N ARG C 117 20.13 27.45 -27.23
CA ARG C 117 20.70 26.29 -27.88
C ARG C 117 22.12 26.50 -28.45
N LYS C 118 22.43 27.68 -28.97
CA LYS C 118 23.78 27.98 -29.45
C LYS C 118 24.79 27.89 -28.32
N LYS C 119 24.45 28.54 -27.21
CA LYS C 119 25.25 28.51 -25.99
C LYS C 119 25.46 27.10 -25.44
N ALA C 120 24.46 26.21 -25.57
CA ALA C 120 24.60 24.84 -25.05
C ALA C 120 25.53 24.00 -25.90
N ASN C 121 25.97 24.55 -27.04
CA ASN C 121 26.94 23.91 -27.92
C ASN C 121 28.37 24.42 -27.69
N GLN C 122 28.51 25.45 -26.87
CA GLN C 122 29.81 26.13 -26.68
CA GLN C 122 29.82 26.07 -26.79
C GLN C 122 30.84 25.28 -25.95
N PHE C 123 32.11 25.56 -26.21
CA PHE C 123 33.26 24.90 -25.59
C PHE C 123 33.16 24.83 -24.08
N ASP C 124 32.56 25.85 -23.46
CA ASP C 124 32.50 25.92 -22.01
C ASP C 124 31.15 25.46 -21.42
N ALA C 125 30.38 24.72 -22.20
CA ALA C 125 29.07 24.25 -21.76
C ALA C 125 29.22 22.83 -21.24
N PRO C 126 28.35 22.43 -20.30
CA PRO C 126 28.44 21.00 -20.02
C PRO C 126 27.75 20.31 -21.18
N ILE C 127 28.44 19.41 -21.85
CA ILE C 127 27.87 18.67 -22.95
C ILE C 127 27.90 17.16 -22.70
N SER C 128 26.73 16.59 -22.51
CA SER C 128 26.61 15.16 -22.27
C SER C 128 25.57 14.58 -23.22
N ILE C 129 26.06 13.82 -24.20
CA ILE C 129 25.30 13.37 -25.35
C ILE C 129 24.78 11.94 -25.20
N TYR C 130 23.49 11.77 -25.44
CA TYR C 130 22.89 10.44 -25.43
C TYR C 130 22.75 10.01 -26.89
N GLU C 131 23.57 9.07 -27.33
CA GLU C 131 23.49 8.67 -28.74
C GLU C 131 22.40 7.60 -28.99
N VAL C 132 21.51 7.83 -29.95
CA VAL C 132 20.48 6.83 -30.22
C VAL C 132 20.29 6.42 -31.70
N HIS C 133 19.93 5.16 -31.89
CA HIS C 133 19.37 4.67 -33.14
C HIS C 133 17.85 4.52 -32.96
N LEU C 134 17.07 5.35 -33.66
CA LEU C 134 15.62 5.42 -33.43
C LEU C 134 14.89 4.13 -33.78
N GLY C 135 15.52 3.31 -34.59
CA GLY C 135 14.92 2.04 -34.95
C GLY C 135 15.00 0.96 -33.89
N SER C 136 15.86 1.13 -32.88
CA SER C 136 16.14 0.05 -31.93
C SER C 136 16.20 0.48 -30.47
N TRP C 137 15.68 1.67 -30.16
CA TRP C 137 15.75 2.19 -28.81
C TRP C 137 14.68 1.52 -27.96
N ARG C 138 13.45 1.61 -28.44
CA ARG C 138 12.32 0.87 -27.87
C ARG C 138 11.49 0.31 -29.02
N ARG C 139 10.73 -0.74 -28.71
CA ARG C 139 9.79 -1.30 -29.66
C ARG C 139 8.46 -1.48 -28.96
N HIS C 140 7.37 -1.55 -29.73
CA HIS C 140 6.08 -1.92 -29.16
C HIS C 140 6.13 -3.38 -28.69
N THR C 141 5.68 -3.61 -27.46
CA THR C 141 5.88 -4.90 -26.82
C THR C 141 5.12 -6.02 -27.51
N ASP C 142 3.87 -5.73 -27.88
CA ASP C 142 3.03 -6.68 -28.59
C ASP C 142 3.68 -7.19 -29.88
N ASN C 143 3.82 -6.30 -30.87
CA ASN C 143 4.26 -6.70 -32.20
C ASN C 143 5.73 -6.55 -32.56
N ASN C 144 6.52 -5.97 -31.66
CA ASN C 144 7.93 -5.60 -31.92
C ASN C 144 8.10 -4.52 -33.00
N PHE C 145 7.06 -3.72 -33.19
CA PHE C 145 7.09 -2.63 -34.16
C PHE C 145 7.86 -1.42 -33.64
N TRP C 146 8.42 -0.67 -34.59
CA TRP C 146 8.99 0.65 -34.34
C TRP C 146 7.99 1.57 -33.66
N LEU C 147 8.48 2.39 -32.73
CA LEU C 147 7.70 3.53 -32.25
C LEU C 147 7.81 4.58 -33.33
N SER C 148 6.79 5.41 -33.46
CA SER C 148 6.80 6.52 -34.39
C SER C 148 7.48 7.75 -33.78
N TYR C 149 7.97 8.63 -34.65
CA TYR C 149 8.46 9.96 -34.28
C TYR C 149 7.67 10.61 -33.14
N ARG C 150 6.35 10.48 -33.19
CA ARG C 150 5.51 11.11 -32.18
C ARG C 150 5.56 10.38 -30.84
N GLU C 151 5.61 9.07 -30.90
CA GLU C 151 5.75 8.26 -29.71
C GLU C 151 7.17 8.44 -29.13
N LEU C 152 8.15 8.65 -30.01
CA LEU C 152 9.52 8.91 -29.58
C LEU C 152 9.58 10.25 -28.85
N ALA C 153 8.85 11.23 -29.37
CA ALA C 153 8.77 12.53 -28.73
C ALA C 153 8.17 12.42 -27.33
N ASP C 154 7.33 11.41 -27.10
CA ASP C 154 6.65 11.30 -25.83
C ASP C 154 7.44 10.49 -24.81
N GLN C 155 8.38 9.69 -25.29
CA GLN C 155 9.04 8.70 -24.47
C GLN C 155 10.56 8.90 -24.42
N LEU C 156 11.19 8.95 -25.60
CA LEU C 156 12.64 9.13 -25.63
C LEU C 156 13.05 10.53 -25.15
N VAL C 157 12.30 11.54 -25.58
CA VAL C 157 12.64 12.90 -25.20
C VAL C 157 12.56 13.08 -23.67
N PRO C 158 11.40 12.82 -23.06
CA PRO C 158 11.33 12.97 -21.60
C PRO C 158 12.35 12.11 -20.87
N TYR C 159 12.77 10.98 -21.45
CA TYR C 159 13.70 10.08 -20.79
C TYR C 159 15.13 10.64 -20.79
N ALA C 160 15.56 11.15 -21.94
CA ALA C 160 16.87 11.76 -22.07
C ALA C 160 17.01 13.03 -21.23
N LYS C 161 15.93 13.81 -21.15
CA LYS C 161 15.85 14.93 -20.23
C LYS C 161 16.00 14.50 -18.75
N TRP C 162 15.12 13.61 -18.28
CA TRP C 162 15.14 13.11 -16.91
C TRP C 162 16.53 12.62 -16.54
N MET C 163 17.15 11.87 -17.46
CA MET C 163 18.50 11.32 -17.23
C MET C 163 19.59 12.39 -17.17
N GLY C 164 19.23 13.60 -17.61
CA GLY C 164 20.12 14.74 -17.49
C GLY C 164 21.03 14.99 -18.66
N PHE C 165 20.77 14.36 -19.80
CA PHE C 165 21.56 14.62 -21.00
C PHE C 165 21.23 16.03 -21.54
N THR C 166 22.16 16.64 -22.28
CA THR C 166 21.93 17.98 -22.81
C THR C 166 21.66 17.89 -24.29
N HIS C 167 22.31 16.92 -24.92
CA HIS C 167 22.13 16.70 -26.34
C HIS C 167 21.51 15.33 -26.55
N LEU C 168 20.83 15.21 -27.68
CA LEU C 168 20.36 13.94 -28.18
C LEU C 168 21.05 13.78 -29.53
N GLU C 169 21.68 12.63 -29.79
CA GLU C 169 22.37 12.45 -31.07
C GLU C 169 21.85 11.27 -31.85
N LEU C 170 21.33 11.55 -33.03
CA LEU C 170 20.67 10.53 -33.82
C LEU C 170 21.58 9.99 -34.93
N LEU C 171 21.72 8.67 -34.98
CA LEU C 171 22.26 8.01 -36.17
C LEU C 171 21.39 8.43 -37.35
N PRO C 172 21.95 8.44 -38.57
CA PRO C 172 21.36 9.20 -39.68
C PRO C 172 19.90 8.86 -39.90
N ILE C 173 19.06 9.89 -39.98
CA ILE C 173 17.66 9.67 -40.25
C ILE C 173 17.32 9.84 -41.71
N ASN C 174 18.29 10.30 -42.51
CA ASN C 174 18.11 10.37 -43.96
C ASN C 174 17.68 9.01 -44.52
N GLU C 175 16.97 9.01 -45.63
CA GLU C 175 16.33 7.77 -46.11
C GLU C 175 17.33 6.73 -46.57
N HIS C 176 17.08 5.48 -46.18
CA HIS C 176 17.95 4.35 -46.48
C HIS C 176 17.12 3.07 -46.53
N PRO C 177 17.44 2.17 -47.47
CA PRO C 177 16.64 0.96 -47.66
C PRO C 177 16.95 -0.15 -46.67
N PHE C 178 18.20 -0.27 -46.23
CA PHE C 178 18.58 -1.33 -45.32
C PHE C 178 18.74 -0.90 -43.86
N ASP C 179 17.84 -1.41 -43.02
CA ASP C 179 17.93 -1.29 -41.57
C ASP C 179 19.32 -1.65 -41.06
N GLY C 180 19.89 -2.73 -41.62
CA GLY C 180 21.20 -3.20 -41.23
C GLY C 180 22.31 -2.17 -41.37
N SER C 181 22.08 -1.17 -42.22
CA SER C 181 23.07 -0.13 -42.46
C SER C 181 22.98 0.95 -41.39
N TRP C 182 21.99 0.85 -40.51
CA TRP C 182 21.84 1.76 -39.38
C TRP C 182 21.51 3.19 -39.85
N GLY C 183 21.74 3.47 -41.14
CA GLY C 183 21.52 4.79 -41.72
C GLY C 183 22.71 5.27 -42.53
N TYR C 184 23.85 4.62 -42.38
CA TYR C 184 25.09 5.11 -43.00
C TYR C 184 25.18 4.90 -44.51
N GLN C 185 24.23 4.16 -45.09
CA GLN C 185 24.15 4.02 -46.55
C GLN C 185 22.84 4.62 -47.08
N PRO C 186 22.84 5.94 -47.31
CA PRO C 186 21.64 6.67 -47.70
C PRO C 186 21.16 6.40 -49.14
N THR C 187 19.93 6.80 -49.44
CA THR C 187 19.45 6.86 -50.82
C THR C 187 18.86 8.24 -51.07
N GLY C 188 18.52 8.94 -49.99
CA GLY C 188 17.93 10.27 -50.09
C GLY C 188 18.40 11.22 -48.98
N LEU C 189 19.33 12.10 -49.32
CA LEU C 189 19.93 13.01 -48.35
C LEU C 189 18.92 14.01 -47.77
N TYR C 190 17.84 14.28 -48.49
CA TYR C 190 16.90 15.31 -48.05
C TYR C 190 15.60 14.75 -47.50
N ALA C 191 15.48 13.44 -47.54
CA ALA C 191 14.30 12.78 -47.02
C ALA C 191 14.56 12.12 -45.67
N PRO C 192 13.84 12.55 -44.63
CA PRO C 192 13.92 11.83 -43.36
C PRO C 192 13.11 10.55 -43.50
N THR C 193 13.73 9.42 -43.14
CA THR C 193 13.15 8.09 -43.36
C THR C 193 11.70 7.98 -42.91
N ARG C 194 10.90 7.23 -43.64
CA ARG C 194 9.47 7.13 -43.31
C ARG C 194 9.14 6.01 -42.32
N ARG C 195 10.17 5.29 -41.86
CA ARG C 195 9.96 4.19 -40.92
C ARG C 195 9.17 4.64 -39.71
N PHE C 196 9.38 5.89 -39.33
CA PHE C 196 8.88 6.40 -38.05
C PHE C 196 7.72 7.38 -38.25
N GLY C 197 7.42 7.71 -39.50
CA GLY C 197 6.38 8.67 -39.82
C GLY C 197 6.77 9.61 -40.96
N THR C 198 6.03 10.71 -41.08
CA THR C 198 6.27 11.71 -42.13
C THR C 198 7.31 12.73 -41.71
N ARG C 199 7.79 13.53 -42.67
CA ARG C 199 8.76 14.58 -42.36
C ARG C 199 8.23 15.58 -41.32
N ASP C 200 6.92 15.82 -41.32
CA ASP C 200 6.32 16.71 -40.32
C ASP C 200 6.36 16.06 -38.93
N ASP C 201 6.20 14.74 -38.89
CA ASP C 201 6.31 13.99 -37.65
C ASP C 201 7.72 14.17 -37.07
N PHE C 202 8.74 14.11 -37.92
CA PHE C 202 10.11 14.34 -37.50
C PHE C 202 10.30 15.76 -36.91
N ARG C 203 9.70 16.75 -37.57
CA ARG C 203 9.72 18.12 -37.08
C ARG C 203 9.20 18.19 -35.65
N TYR C 204 8.06 17.54 -35.41
CA TYR C 204 7.44 17.52 -34.10
C TYR C 204 8.39 16.88 -33.06
N PHE C 205 9.15 15.88 -33.48
CA PHE C 205 10.14 15.24 -32.62
C PHE C 205 11.28 16.21 -32.23
N ILE C 206 11.97 16.74 -33.24
CA ILE C 206 12.90 17.85 -33.03
C ILE C 206 12.32 18.99 -32.15
N ASP C 207 11.09 19.42 -32.42
CA ASP C 207 10.51 20.49 -31.60
C ASP C 207 10.23 20.03 -30.16
N ALA C 208 9.87 18.77 -30.00
CA ALA C 208 9.69 18.21 -28.66
C ALA C 208 11.01 18.26 -27.88
N ALA C 209 12.09 17.85 -28.55
CA ALA C 209 13.42 17.81 -27.95
C ALA C 209 13.88 19.23 -27.54
N HIS C 210 13.64 20.18 -28.43
CA HIS C 210 13.89 21.58 -28.11
C HIS C 210 13.04 22.04 -26.94
N ALA C 211 11.76 21.65 -26.92
CA ALA C 211 10.83 22.16 -25.93
C ALA C 211 11.19 21.62 -24.54
N ALA C 212 11.90 20.48 -24.51
CA ALA C 212 12.30 19.87 -23.25
C ALA C 212 13.70 20.34 -22.77
N GLY C 213 14.31 21.26 -23.49
CA GLY C 213 15.63 21.73 -23.09
C GLY C 213 16.79 20.98 -23.70
N LEU C 214 16.53 20.16 -24.71
CA LEU C 214 17.58 19.40 -25.36
C LEU C 214 18.07 20.04 -26.68
N ASN C 215 19.36 19.88 -26.99
CA ASN C 215 19.87 20.10 -28.35
C ASN C 215 19.82 18.79 -29.13
N VAL C 216 19.75 18.87 -30.45
CA VAL C 216 19.81 17.64 -31.25
C VAL C 216 21.01 17.61 -32.16
N ILE C 217 21.81 16.56 -32.04
CA ILE C 217 22.89 16.30 -32.99
C ILE C 217 22.48 15.28 -34.07
N LEU C 218 22.60 15.66 -35.33
CA LEU C 218 22.29 14.74 -36.39
C LEU C 218 23.55 14.11 -36.95
N ASP C 219 23.61 12.78 -36.99
CA ASP C 219 24.68 12.11 -37.75
C ASP C 219 24.47 12.33 -39.25
N TRP C 220 25.36 13.09 -39.86
CA TRP C 220 25.20 13.52 -41.24
C TRP C 220 26.22 12.80 -42.10
N VAL C 221 25.83 12.39 -43.30
CA VAL C 221 26.64 11.46 -44.09
C VAL C 221 27.14 11.95 -45.46
N PRO C 222 28.02 12.97 -45.46
CA PRO C 222 28.55 13.45 -46.74
C PRO C 222 29.69 12.57 -47.30
N GLY C 223 30.01 11.47 -46.61
CA GLY C 223 31.16 10.68 -47.00
C GLY C 223 30.80 9.31 -47.52
N HIS C 224 29.51 9.00 -47.50
CA HIS C 224 29.02 7.71 -47.95
C HIS C 224 28.11 7.85 -49.18
N PHE C 225 28.70 7.67 -50.36
CA PHE C 225 27.96 7.72 -51.62
C PHE C 225 26.90 6.62 -51.68
N PRO C 226 25.70 6.98 -52.14
CA PRO C 226 24.59 6.03 -52.15
C PRO C 226 24.81 4.96 -53.20
N THR C 227 24.81 3.70 -52.79
CA THR C 227 25.17 2.59 -53.67
C THR C 227 24.00 1.65 -53.96
N ASP C 228 22.84 1.94 -53.40
CA ASP C 228 21.69 1.06 -53.58
C ASP C 228 20.74 1.58 -54.65
N ASP C 229 19.94 0.68 -55.21
CA ASP C 229 18.81 1.04 -56.09
C ASP C 229 19.16 2.03 -57.22
N PHE C 230 20.43 2.09 -57.62
CA PHE C 230 20.89 3.08 -58.60
C PHE C 230 20.27 4.45 -58.33
N ALA C 231 20.28 4.88 -57.07
CA ALA C 231 19.56 6.10 -56.69
C ALA C 231 20.28 7.38 -57.08
N LEU C 232 21.61 7.38 -56.97
CA LEU C 232 22.39 8.56 -57.28
C LEU C 232 23.52 8.28 -58.27
N ALA C 233 24.01 7.03 -58.29
CA ALA C 233 25.08 6.64 -59.21
C ALA C 233 24.60 6.74 -60.66
N GLU C 234 25.54 7.05 -61.55
CA GLU C 234 25.27 7.13 -62.99
C GLU C 234 23.98 7.86 -63.35
N PHE C 235 23.63 8.87 -62.55
CA PHE C 235 22.48 9.70 -62.81
C PHE C 235 22.76 10.37 -64.14
N ASP C 236 21.73 10.62 -64.96
CA ASP C 236 21.90 11.23 -66.29
C ASP C 236 22.68 10.39 -67.33
N GLY C 237 23.42 9.40 -66.86
CA GLY C 237 24.18 8.52 -67.74
C GLY C 237 25.67 8.56 -67.49
N THR C 238 26.19 9.74 -67.16
CA THR C 238 27.62 9.90 -66.89
C THR C 238 27.95 9.64 -65.43
N ASN C 239 29.22 9.84 -65.10
CA ASN C 239 29.64 10.00 -63.71
C ASN C 239 29.25 11.41 -63.22
N LEU C 240 28.01 11.53 -62.74
CA LEU C 240 27.45 12.84 -62.44
C LEU C 240 27.85 13.33 -61.05
N TYR C 241 27.39 12.62 -60.02
CA TYR C 241 27.70 13.01 -58.65
C TYR C 241 28.97 12.33 -58.17
N GLU C 242 29.30 11.23 -58.84
CA GLU C 242 30.44 10.39 -58.46
C GLU C 242 31.71 10.79 -59.22
N HIS C 243 32.85 10.41 -58.68
CA HIS C 243 34.15 10.72 -59.28
C HIS C 243 34.44 9.88 -60.54
N SER C 244 35.62 10.08 -61.12
CA SER C 244 35.95 9.45 -62.40
C SER C 244 37.13 8.49 -62.30
N LEU C 257 33.42 3.75 -55.10
CA LEU C 257 32.89 4.99 -55.67
C LEU C 257 32.63 6.09 -54.63
N ILE C 258 33.07 7.30 -54.95
CA ILE C 258 32.96 8.43 -54.02
C ILE C 258 32.45 9.68 -54.74
N TYR C 259 31.98 10.65 -53.96
CA TYR C 259 31.50 11.92 -54.49
C TYR C 259 32.60 12.62 -55.26
N ASN C 260 32.18 13.41 -56.26
CA ASN C 260 33.09 14.31 -56.92
C ASN C 260 33.06 15.65 -56.17
N TYR C 261 33.66 15.66 -54.99
CA TYR C 261 33.61 16.82 -54.11
C TYR C 261 34.19 18.05 -54.80
N GLY C 262 34.99 17.83 -55.83
CA GLY C 262 35.57 18.93 -56.58
C GLY C 262 34.61 19.59 -57.54
N ARG C 263 33.56 18.88 -57.94
CA ARG C 263 32.59 19.44 -58.86
C ARG C 263 31.55 20.27 -58.14
N ARG C 264 31.59 21.57 -58.39
CA ARG C 264 30.80 22.56 -57.69
C ARG C 264 29.32 22.22 -57.47
N GLU C 265 28.67 21.69 -58.49
CA GLU C 265 27.25 21.34 -58.35
C GLU C 265 27.07 20.21 -57.33
N VAL C 266 28.17 19.52 -57.01
CA VAL C 266 28.09 18.40 -56.09
C VAL C 266 28.36 18.88 -54.66
N SER C 267 29.36 19.74 -54.52
CA SER C 267 29.66 20.32 -53.22
C SER C 267 28.49 21.16 -52.72
N ASN C 268 27.78 21.80 -53.64
CA ASN C 268 26.62 22.59 -53.24
C ASN C 268 25.48 21.72 -52.77
N PHE C 269 25.24 20.63 -53.49
CA PHE C 269 24.22 19.64 -53.14
C PHE C 269 24.45 19.13 -51.72
N LEU C 270 25.70 18.81 -51.40
CA LEU C 270 26.06 18.32 -50.08
C LEU C 270 26.03 19.43 -49.01
N VAL C 271 26.76 20.50 -49.25
CA VAL C 271 26.80 21.65 -48.34
C VAL C 271 25.39 22.13 -48.03
N GLY C 272 24.53 22.07 -49.03
CA GLY C 272 23.15 22.52 -48.90
C GLY C 272 22.29 21.57 -48.07
N ASN C 273 22.66 20.30 -48.05
CA ASN C 273 22.00 19.32 -47.18
C ASN C 273 22.24 19.66 -45.71
N ALA C 274 23.47 20.06 -45.39
CA ALA C 274 23.85 20.51 -44.05
C ALA C 274 23.02 21.73 -43.63
N LEU C 275 23.03 22.74 -44.50
CA LEU C 275 22.22 23.92 -44.36
C LEU C 275 20.73 23.58 -44.20
N TYR C 276 20.29 22.57 -44.95
CA TYR C 276 18.90 22.12 -44.97
C TYR C 276 18.44 21.62 -43.59
N TRP C 277 19.13 20.63 -43.04
CA TRP C 277 18.74 20.06 -41.77
C TRP C 277 18.74 21.13 -40.67
N ILE C 278 19.77 21.96 -40.68
CA ILE C 278 19.89 22.98 -39.65
C ILE C 278 18.80 24.05 -39.78
N GLU C 279 18.60 24.59 -40.98
CA GLU C 279 17.70 25.73 -41.11
C GLU C 279 16.24 25.32 -41.19
N ARG C 280 15.98 24.15 -41.76
CA ARG C 280 14.61 23.74 -42.02
C ARG C 280 14.10 22.75 -40.97
N PHE C 281 15.02 22.12 -40.24
CA PHE C 281 14.58 21.22 -39.18
C PHE C 281 15.05 21.67 -37.80
N GLY C 282 16.03 22.56 -37.79
CA GLY C 282 16.50 23.12 -36.55
C GLY C 282 17.42 22.20 -35.76
N ILE C 283 18.07 21.26 -36.44
CA ILE C 283 18.97 20.42 -35.70
C ILE C 283 20.17 21.31 -35.36
N ASP C 284 20.79 21.06 -34.21
CA ASP C 284 21.69 22.05 -33.60
C ASP C 284 23.18 21.81 -33.88
N ALA C 285 23.47 20.62 -34.39
CA ALA C 285 24.85 20.23 -34.67
C ALA C 285 24.92 19.03 -35.64
N LEU C 286 25.99 18.94 -36.41
CA LEU C 286 26.17 17.80 -37.28
C LEU C 286 27.41 17.02 -36.91
N ARG C 287 27.38 15.71 -37.10
CA ARG C 287 28.56 14.92 -36.85
C ARG C 287 28.87 14.12 -38.10
N VAL C 288 30.09 14.25 -38.61
CA VAL C 288 30.53 13.44 -39.76
C VAL C 288 31.37 12.27 -39.29
N ASP C 289 30.92 11.06 -39.64
CA ASP C 289 31.67 9.85 -39.33
C ASP C 289 32.69 9.53 -40.42
N ALA C 290 33.61 8.61 -40.12
CA ALA C 290 34.49 8.03 -41.12
C ALA C 290 35.28 9.05 -41.95
N VAL C 291 35.75 10.11 -41.31
CA VAL C 291 36.47 11.17 -42.02
C VAL C 291 37.73 10.66 -42.71
N ALA C 292 38.38 9.66 -42.12
CA ALA C 292 39.58 9.06 -42.71
C ALA C 292 39.31 8.49 -44.11
N SER C 293 38.16 7.86 -44.29
CA SER C 293 37.74 7.33 -45.59
C SER C 293 37.70 8.43 -46.65
N MET C 294 37.07 9.56 -46.30
CA MET C 294 36.95 10.68 -47.22
C MET C 294 38.29 11.21 -47.67
N ILE C 295 39.27 11.19 -46.77
CA ILE C 295 40.53 11.85 -47.04
C ILE C 295 41.69 10.87 -47.21
N TYR C 296 41.38 9.63 -47.60
CA TYR C 296 42.37 8.58 -47.85
C TYR C 296 41.81 7.46 -48.73
N ARG C 297 42.27 6.24 -48.51
CA ARG C 297 41.82 5.08 -49.28
C ARG C 297 41.75 3.81 -48.43
N ARG C 314 47.67 8.07 -49.29
CA ARG C 314 47.87 9.31 -50.02
C ARG C 314 46.64 10.21 -49.87
N GLU C 315 46.87 11.52 -49.72
CA GLU C 315 45.85 12.49 -49.32
C GLU C 315 44.91 12.96 -50.45
N ASN C 316 43.60 12.85 -50.23
CA ASN C 316 42.60 13.43 -51.13
C ASN C 316 42.44 14.94 -50.92
N LEU C 317 43.04 15.74 -51.79
CA LEU C 317 42.98 17.20 -51.64
C LEU C 317 41.55 17.78 -51.79
N GLU C 318 40.73 17.15 -52.63
CA GLU C 318 39.41 17.68 -52.94
C GLU C 318 38.38 17.41 -51.85
N ALA C 319 38.58 16.34 -51.08
CA ALA C 319 37.71 16.07 -49.94
C ALA C 319 38.13 16.93 -48.74
N ILE C 320 39.43 17.05 -48.53
CA ILE C 320 39.96 17.92 -47.49
C ILE C 320 39.51 19.34 -47.76
N GLU C 321 39.41 19.71 -49.03
CA GLU C 321 38.90 21.04 -49.36
C GLU C 321 37.41 21.13 -49.06
N PHE C 322 36.69 20.04 -49.31
CA PHE C 322 35.24 20.01 -49.05
C PHE C 322 34.92 20.15 -47.57
N LEU C 323 35.64 19.39 -46.75
CA LEU C 323 35.48 19.49 -45.31
C LEU C 323 35.82 20.90 -44.79
N ARG C 324 36.97 21.45 -45.19
CA ARG C 324 37.32 22.79 -44.73
C ARG C 324 36.27 23.81 -45.15
N ASN C 325 35.77 23.65 -46.38
CA ASN C 325 34.91 24.64 -46.98
C ASN C 325 33.51 24.63 -46.39
N THR C 326 32.96 23.43 -46.27
CA THR C 326 31.68 23.21 -45.62
C THR C 326 31.67 23.86 -44.24
N ASN C 327 32.78 23.67 -43.52
CA ASN C 327 32.93 24.21 -42.17
C ASN C 327 32.95 25.74 -42.12
N ARG C 328 33.52 26.38 -43.14
CA ARG C 328 33.47 27.84 -43.23
C ARG C 328 32.05 28.31 -43.52
N ILE C 329 31.40 27.69 -44.49
CA ILE C 329 30.05 28.09 -44.88
C ILE C 329 29.11 27.99 -43.69
N LEU C 330 29.12 26.83 -43.04
CA LEU C 330 28.34 26.60 -41.83
C LEU C 330 28.61 27.68 -40.76
N GLY C 331 29.89 27.94 -40.52
CA GLY C 331 30.33 28.91 -39.53
C GLY C 331 29.85 30.31 -39.82
N GLU C 332 29.71 30.62 -41.09
CA GLU C 332 29.22 31.93 -41.52
C GLU C 332 27.70 31.98 -41.58
N GLN C 333 27.09 30.94 -42.16
CA GLN C 333 25.65 30.92 -42.39
C GLN C 333 24.82 30.61 -41.14
N VAL C 334 25.32 29.69 -40.32
CA VAL C 334 24.58 29.18 -39.19
C VAL C 334 25.46 29.08 -37.95
N SER C 335 26.08 30.20 -37.60
CA SER C 335 27.02 30.22 -36.48
C SER C 335 26.26 29.87 -35.22
N GLY C 336 26.88 29.07 -34.36
CA GLY C 336 26.20 28.60 -33.19
C GLY C 336 25.94 27.13 -33.32
N ALA C 337 25.53 26.70 -34.51
CA ALA C 337 25.45 25.28 -34.81
C ALA C 337 26.86 24.75 -35.05
N VAL C 338 27.23 23.64 -34.43
CA VAL C 338 28.60 23.10 -34.56
C VAL C 338 28.72 21.76 -35.33
N THR C 339 29.94 21.45 -35.75
CA THR C 339 30.24 20.19 -36.43
C THR C 339 31.24 19.35 -35.65
N MET C 340 31.07 18.04 -35.70
CA MET C 340 31.95 17.13 -34.98
C MET C 340 32.41 16.09 -35.98
N ALA C 341 33.51 15.42 -35.65
CA ALA C 341 34.06 14.40 -36.53
C ALA C 341 34.72 13.25 -35.76
N GLU C 342 34.54 12.05 -36.27
CA GLU C 342 35.38 10.94 -35.87
C GLU C 342 36.35 10.68 -37.03
N GLU C 343 37.64 10.74 -36.73
CA GLU C 343 38.67 10.55 -37.75
C GLU C 343 39.67 9.55 -37.18
N SER C 344 39.87 8.43 -37.89
CA SER C 344 40.52 7.26 -37.30
C SER C 344 42.04 7.11 -37.48
N THR C 345 42.66 7.92 -38.33
CA THR C 345 44.12 7.99 -38.32
C THR C 345 44.51 9.06 -37.30
N ASP C 346 45.70 9.61 -37.39
CA ASP C 346 45.99 10.74 -36.53
C ASP C 346 46.15 12.02 -37.34
N PHE C 347 45.07 12.42 -38.00
CA PHE C 347 45.15 13.57 -38.91
C PHE C 347 45.18 14.89 -38.14
N PRO C 348 46.25 15.67 -38.35
CA PRO C 348 46.55 16.83 -37.51
C PRO C 348 45.53 17.95 -37.58
N GLY C 349 44.89 18.23 -36.44
CA GLY C 349 44.05 19.40 -36.29
C GLY C 349 42.65 19.28 -36.88
N VAL C 350 42.00 18.16 -36.66
CA VAL C 350 40.63 17.98 -37.13
C VAL C 350 39.74 19.10 -36.58
N SER C 351 39.88 19.42 -35.29
CA SER C 351 39.08 20.48 -34.70
C SER C 351 39.81 21.83 -34.52
N ARG C 352 40.83 22.07 -35.34
CA ARG C 352 41.48 23.39 -35.38
C ARG C 352 41.07 24.17 -36.66
N PRO C 353 41.08 25.53 -36.61
CA PRO C 353 40.60 26.34 -37.75
C PRO C 353 41.41 26.18 -39.05
N GLN C 354 40.77 26.44 -40.19
CA GLN C 354 41.34 26.12 -41.51
C GLN C 354 42.69 26.76 -41.82
N ASP C 355 42.85 28.04 -41.46
CA ASP C 355 44.09 28.77 -41.76
C ASP C 355 45.24 28.29 -40.90
N MET C 356 44.93 27.40 -39.97
CA MET C 356 45.91 26.87 -39.04
C MET C 356 46.40 25.53 -39.53
N GLY C 357 45.70 24.96 -40.50
CA GLY C 357 46.01 23.61 -40.93
C GLY C 357 44.78 22.70 -41.03
N GLY C 358 43.63 23.24 -40.65
CA GLY C 358 42.41 22.84 -41.33
C GLY C 358 41.43 21.87 -40.73
N LEU C 359 40.67 21.27 -41.64
CA LEU C 359 39.37 20.64 -41.38
C LEU C 359 38.32 21.64 -40.85
N GLY C 360 38.59 22.27 -39.71
CA GLY C 360 37.67 23.25 -39.15
C GLY C 360 36.42 22.68 -38.49
N PHE C 361 36.50 21.50 -37.91
CA PHE C 361 35.42 21.05 -37.04
C PHE C 361 35.55 21.75 -35.67
N TRP C 362 34.48 21.71 -34.88
CA TRP C 362 34.51 22.27 -33.53
C TRP C 362 34.90 21.20 -32.51
N TYR C 363 34.50 19.96 -32.76
CA TYR C 363 34.78 18.84 -31.86
C TYR C 363 35.24 17.58 -32.59
N LYS C 364 36.07 16.78 -31.93
CA LYS C 364 36.49 15.48 -32.47
C LYS C 364 36.27 14.38 -31.42
N TRP C 365 35.85 13.20 -31.86
CA TRP C 365 35.77 12.05 -30.97
C TRP C 365 37.19 11.63 -30.55
N ASN C 366 37.35 11.29 -29.28
CA ASN C 366 38.62 10.87 -28.72
C ASN C 366 38.70 9.35 -28.71
N LEU C 367 38.91 8.77 -29.89
CA LEU C 367 39.03 7.33 -30.00
C LEU C 367 40.20 6.83 -29.16
N GLY C 368 41.30 7.57 -29.15
CA GLY C 368 42.45 7.22 -28.34
C GLY C 368 42.06 6.92 -26.90
N TRP C 369 41.34 7.86 -26.28
CA TRP C 369 40.96 7.73 -24.90
C TRP C 369 40.08 6.51 -24.69
N MET C 370 39.14 6.31 -25.61
CA MET C 370 38.25 5.18 -25.54
C MET C 370 39.07 3.89 -25.60
N HIS C 371 39.98 3.81 -26.57
CA HIS C 371 40.86 2.65 -26.72
C HIS C 371 41.78 2.38 -25.52
N ASP C 372 42.38 3.42 -24.95
CA ASP C 372 43.27 3.20 -23.82
C ASP C 372 42.49 2.86 -22.56
N THR C 373 41.42 3.62 -22.30
CA THR C 373 40.67 3.45 -21.07
C THR C 373 39.95 2.12 -21.01
N LEU C 374 39.45 1.64 -22.15
CA LEU C 374 38.78 0.35 -22.24
C LEU C 374 39.79 -0.82 -22.19
N ASP C 375 40.98 -0.61 -22.74
CA ASP C 375 42.06 -1.58 -22.56
C ASP C 375 42.40 -1.73 -21.08
N TYR C 376 42.45 -0.61 -20.36
CA TYR C 376 42.81 -0.62 -18.94
C TYR C 376 41.74 -1.31 -18.09
N MET C 377 40.48 -1.11 -18.44
CA MET C 377 39.41 -1.70 -17.63
C MET C 377 39.25 -3.20 -17.92
N LYS C 378 39.64 -3.66 -19.11
CA LYS C 378 39.55 -5.08 -19.41
C LYS C 378 40.54 -5.88 -18.54
N LEU C 379 41.63 -5.22 -18.16
CA LEU C 379 42.67 -5.82 -17.34
C LEU C 379 42.19 -6.18 -15.93
N ASP C 380 42.40 -7.44 -15.55
CA ASP C 380 42.19 -7.88 -14.17
C ASP C 380 43.02 -6.98 -13.25
N PRO C 381 42.37 -6.36 -12.24
CA PRO C 381 42.96 -5.35 -11.35
C PRO C 381 44.42 -5.54 -10.96
N VAL C 382 44.87 -6.78 -10.89
CA VAL C 382 46.21 -7.08 -10.39
C VAL C 382 47.32 -6.85 -11.45
N TYR C 383 46.90 -6.63 -12.69
CA TYR C 383 47.84 -6.25 -13.76
C TYR C 383 47.73 -4.75 -14.08
N ARG C 384 46.81 -4.06 -13.42
CA ARG C 384 46.57 -2.64 -13.72
C ARG C 384 47.72 -1.75 -13.28
N GLN C 385 48.63 -2.27 -12.47
CA GLN C 385 49.83 -1.52 -12.06
C GLN C 385 50.83 -1.36 -13.22
N TYR C 386 50.80 -2.31 -14.15
CA TYR C 386 51.71 -2.32 -15.31
C TYR C 386 51.12 -1.66 -16.55
N HIS C 387 50.02 -0.93 -16.39
CA HIS C 387 49.44 -0.21 -17.51
C HIS C 387 48.83 1.11 -17.07
N HIS C 388 49.49 1.78 -16.12
CA HIS C 388 49.04 3.04 -15.54
C HIS C 388 49.06 4.13 -16.60
N ASP C 389 50.02 4.02 -17.51
CA ASP C 389 50.15 4.95 -18.62
C ASP C 389 48.89 5.00 -19.49
N LYS C 390 48.09 3.94 -19.47
CA LYS C 390 46.88 3.89 -20.27
C LYS C 390 45.83 4.89 -19.81
N LEU C 391 45.99 5.40 -18.60
CA LEU C 391 45.01 6.30 -18.00
C LEU C 391 45.59 7.70 -17.81
N THR C 392 46.91 7.80 -17.91
CA THR C 392 47.56 9.10 -17.77
C THR C 392 47.94 9.68 -19.11
N PHE C 393 47.79 8.90 -20.19
CA PHE C 393 48.26 9.33 -21.49
C PHE C 393 47.42 10.45 -22.06
N GLY C 394 46.10 10.29 -22.02
CA GLY C 394 45.17 11.25 -22.59
C GLY C 394 45.43 12.72 -22.31
N ILE C 395 45.97 13.02 -21.12
CA ILE C 395 46.33 14.39 -20.75
C ILE C 395 47.48 14.95 -21.62
N LEU C 396 48.33 14.06 -22.10
CA LEU C 396 49.44 14.46 -22.98
C LEU C 396 49.03 15.08 -24.32
N TYR C 397 47.84 14.78 -24.80
CA TYR C 397 47.42 15.27 -26.13
C TYR C 397 46.06 15.96 -26.15
N ASN C 398 45.46 16.12 -24.98
CA ASN C 398 44.13 16.71 -24.81
C ASN C 398 43.98 18.15 -25.30
N TYR C 399 45.08 18.87 -25.43
CA TYR C 399 45.00 20.27 -25.85
C TYR C 399 45.38 20.44 -27.32
N THR C 400 45.36 19.34 -28.06
CA THR C 400 45.59 19.34 -29.52
C THR C 400 44.28 19.32 -30.30
N GLU C 401 43.20 18.88 -29.65
CA GLU C 401 41.87 18.83 -30.26
C GLU C 401 40.83 19.15 -29.18
N ASN C 402 39.62 19.53 -29.58
CA ASN C 402 38.52 19.65 -28.62
C ASN C 402 37.70 18.37 -28.59
N PHE C 403 37.96 17.54 -27.57
CA PHE C 403 37.49 16.17 -27.58
C PHE C 403 36.09 15.93 -27.03
N VAL C 404 35.40 14.97 -27.65
CA VAL C 404 34.28 14.29 -27.03
C VAL C 404 34.78 12.90 -26.63
N LEU C 405 34.53 12.50 -25.38
CA LEU C 405 34.95 11.18 -24.93
C LEU C 405 33.84 10.22 -25.29
N PRO C 406 34.07 9.33 -26.27
CA PRO C 406 32.91 8.62 -26.84
C PRO C 406 32.85 7.15 -26.49
N LEU C 407 31.74 6.74 -25.88
CA LEU C 407 31.41 5.33 -25.78
C LEU C 407 30.27 5.07 -26.76
N SER C 408 30.64 4.84 -28.02
CA SER C 408 29.66 4.89 -29.11
C SER C 408 29.08 3.54 -29.49
N HIS C 409 28.20 3.56 -30.49
CA HIS C 409 27.56 2.35 -30.99
C HIS C 409 28.59 1.41 -31.62
N ASP C 410 29.73 1.96 -32.06
CA ASP C 410 30.74 1.18 -32.75
C ASP C 410 31.45 0.21 -31.82
N GLU C 411 31.29 0.41 -30.52
CA GLU C 411 32.05 -0.38 -29.58
C GLU C 411 31.21 -1.46 -28.90
N VAL C 412 29.92 -1.51 -29.20
CA VAL C 412 29.07 -2.58 -28.69
C VAL C 412 28.43 -3.42 -29.80
N VAL C 413 29.16 -3.62 -30.90
CA VAL C 413 28.70 -4.45 -32.01
C VAL C 413 29.76 -5.44 -32.47
N HIS C 414 29.33 -6.39 -33.31
CA HIS C 414 30.23 -7.27 -34.06
C HIS C 414 31.25 -8.02 -33.20
N GLY C 415 30.78 -8.69 -32.16
CA GLY C 415 31.66 -9.55 -31.39
C GLY C 415 32.40 -8.77 -30.33
N LYS C 416 32.40 -7.46 -30.44
CA LYS C 416 33.13 -6.62 -29.48
C LYS C 416 32.55 -6.64 -28.07
N LYS C 417 31.36 -7.24 -27.91
CA LYS C 417 30.67 -7.35 -26.62
C LYS C 417 30.24 -5.98 -26.06
N SER C 418 29.37 -6.00 -25.06
CA SER C 418 28.98 -4.78 -24.37
C SER C 418 30.15 -4.14 -23.62
N ILE C 419 29.90 -2.98 -23.04
CA ILE C 419 30.91 -2.37 -22.19
C ILE C 419 30.89 -3.12 -20.86
N LEU C 420 29.72 -3.59 -20.45
CA LEU C 420 29.62 -4.36 -19.23
C LEU C 420 30.44 -5.66 -19.33
N ASP C 421 30.33 -6.37 -20.44
CA ASP C 421 31.01 -7.67 -20.56
C ASP C 421 32.48 -7.50 -20.90
N ARG C 422 33.00 -6.30 -20.66
CA ARG C 422 34.44 -6.06 -20.79
C ARG C 422 35.07 -5.97 -19.40
N MET C 423 34.23 -5.75 -18.40
CA MET C 423 34.70 -5.61 -17.02
C MET C 423 34.99 -6.98 -16.38
N PRO C 424 36.15 -7.09 -15.74
CA PRO C 424 36.56 -8.37 -15.14
C PRO C 424 35.90 -8.59 -13.79
N GLY C 425 35.83 -9.84 -13.33
CA GLY C 425 35.40 -10.13 -11.97
C GLY C 425 34.03 -10.76 -11.80
N ASP C 426 33.61 -10.91 -10.55
CA ASP C 426 32.26 -11.41 -10.27
C ASP C 426 31.24 -10.31 -10.57
N ALA C 427 29.96 -10.59 -10.34
CA ALA C 427 28.89 -9.61 -10.51
C ALA C 427 29.26 -8.25 -9.91
N TRP C 428 29.38 -8.21 -8.59
CA TRP C 428 29.67 -6.99 -7.85
C TRP C 428 30.86 -6.21 -8.41
N GLN C 429 31.89 -6.94 -8.82
CA GLN C 429 33.13 -6.34 -9.28
C GLN C 429 33.06 -5.83 -10.72
N LYS C 430 32.18 -6.42 -11.51
CA LYS C 430 31.97 -5.93 -12.87
C LYS C 430 31.32 -4.57 -12.78
N PHE C 431 30.16 -4.51 -12.14
CA PHE C 431 29.42 -3.26 -12.00
C PHE C 431 30.17 -2.16 -11.25
N ALA C 432 30.97 -2.54 -10.26
CA ALA C 432 31.76 -1.57 -9.54
C ALA C 432 32.79 -0.95 -10.49
N ASN C 433 33.52 -1.83 -11.19
CA ASN C 433 34.42 -1.44 -12.27
C ASN C 433 33.76 -0.50 -13.29
N LEU C 434 32.53 -0.82 -13.67
CA LEU C 434 31.83 -0.06 -14.68
C LEU C 434 31.44 1.30 -14.13
N ARG C 435 30.95 1.30 -12.90
CA ARG C 435 30.57 2.53 -12.25
C ARG C 435 31.78 3.43 -12.00
N ALA C 436 32.89 2.84 -11.60
CA ALA C 436 34.10 3.63 -11.40
C ALA C 436 34.64 4.17 -12.74
N TYR C 437 34.25 3.52 -13.83
CA TYR C 437 34.75 3.94 -15.13
C TYR C 437 33.98 5.19 -15.54
N TYR C 438 32.67 5.19 -15.26
CA TYR C 438 31.79 6.31 -15.60
C TYR C 438 32.11 7.53 -14.72
N GLY C 439 32.52 7.26 -13.49
CA GLY C 439 32.95 8.32 -12.59
C GLY C 439 34.23 8.95 -13.12
N TRP C 440 35.13 8.10 -13.60
CA TRP C 440 36.37 8.58 -14.19
C TRP C 440 36.02 9.49 -15.37
N MET C 441 35.28 8.92 -16.32
CA MET C 441 34.96 9.52 -17.59
C MET C 441 34.27 10.87 -17.51
N TRP C 442 33.33 11.00 -16.56
CA TRP C 442 32.60 12.25 -16.40
C TRP C 442 33.42 13.37 -15.76
N ALA C 443 34.57 13.03 -15.20
CA ALA C 443 35.44 14.01 -14.57
C ALA C 443 36.62 14.35 -15.47
N PHE C 444 36.91 13.47 -16.42
CA PHE C 444 38.03 13.65 -17.31
C PHE C 444 37.76 14.73 -18.35
N PRO C 445 38.76 15.60 -18.60
CA PRO C 445 38.62 16.67 -19.59
C PRO C 445 38.13 16.16 -20.93
N GLY C 446 37.00 16.71 -21.38
CA GLY C 446 36.35 16.27 -22.59
C GLY C 446 34.85 16.14 -22.40
N LYS C 447 34.09 16.47 -23.46
CA LYS C 447 32.65 16.28 -23.47
C LYS C 447 32.26 14.79 -23.42
N LYS C 448 31.02 14.51 -23.01
CA LYS C 448 30.56 13.12 -22.82
C LYS C 448 29.58 12.63 -23.91
N LEU C 449 29.73 11.37 -24.31
CA LEU C 449 28.82 10.71 -25.24
C LEU C 449 28.60 9.26 -24.79
N LEU C 450 27.34 8.89 -24.53
CA LEU C 450 27.02 7.54 -24.11
C LEU C 450 26.01 6.94 -25.05
N PHE C 451 26.32 5.80 -25.63
CA PHE C 451 25.32 5.17 -26.50
C PHE C 451 24.17 4.51 -25.70
N MET C 452 22.95 4.53 -26.26
CA MET C 452 21.77 3.91 -25.62
C MET C 452 22.02 2.45 -25.23
N GLY C 453 21.61 2.07 -24.03
CA GLY C 453 21.93 0.76 -23.49
C GLY C 453 23.07 0.82 -22.49
N ASN C 454 24.03 1.72 -22.69
CA ASN C 454 25.18 1.81 -21.80
C ASN C 454 24.79 2.31 -20.43
N GLU C 455 23.73 3.13 -20.38
CA GLU C 455 23.34 3.80 -19.14
C GLU C 455 22.73 2.85 -18.09
N PHE C 456 22.13 1.75 -18.50
CA PHE C 456 21.71 0.79 -17.50
C PHE C 456 22.56 -0.45 -17.56
N ALA C 457 23.63 -0.38 -18.36
CA ALA C 457 24.59 -1.48 -18.48
C ALA C 457 23.95 -2.70 -19.13
N GLN C 458 23.66 -2.61 -20.42
CA GLN C 458 23.11 -3.75 -21.12
C GLN C 458 24.13 -4.89 -21.06
N GLY C 459 23.65 -6.13 -21.00
CA GLY C 459 24.51 -7.31 -21.06
C GLY C 459 24.91 -7.67 -22.48
N ARG C 460 23.91 -7.89 -23.33
CA ARG C 460 24.09 -8.18 -24.75
C ARG C 460 24.65 -7.00 -25.53
N GLU C 461 25.13 -7.28 -26.74
CA GLU C 461 25.51 -6.21 -27.65
C GLU C 461 24.29 -5.46 -28.15
N TRP C 462 24.51 -4.35 -28.85
CA TRP C 462 23.40 -3.64 -29.46
C TRP C 462 22.88 -4.42 -30.67
N ASN C 463 21.60 -4.76 -30.64
CA ASN C 463 20.98 -5.36 -31.79
C ASN C 463 19.98 -4.42 -32.44
N HIS C 464 20.26 -4.02 -33.67
CA HIS C 464 19.45 -3.00 -34.32
C HIS C 464 18.06 -3.47 -34.77
N ASP C 465 17.83 -4.78 -34.80
CA ASP C 465 16.49 -5.29 -35.13
C ASP C 465 15.71 -5.77 -33.90
N ALA C 466 16.15 -5.32 -32.73
CA ALA C 466 15.44 -5.54 -31.48
C ALA C 466 15.43 -4.24 -30.68
N SER C 467 14.62 -4.22 -29.63
CA SER C 467 14.62 -3.15 -28.65
C SER C 467 15.82 -3.41 -27.75
N LEU C 468 16.28 -2.39 -27.02
CA LEU C 468 17.29 -2.61 -25.97
C LEU C 468 16.68 -3.46 -24.83
N ASP C 469 17.54 -4.14 -24.08
CA ASP C 469 17.06 -5.02 -23.02
C ASP C 469 16.43 -4.27 -21.81
N TRP C 470 15.37 -3.52 -22.06
CA TRP C 470 14.67 -2.86 -20.96
C TRP C 470 14.13 -3.79 -19.88
N HIS C 471 13.97 -5.07 -20.20
CA HIS C 471 13.50 -6.05 -19.21
C HIS C 471 14.49 -6.17 -18.05
N LEU C 472 15.76 -5.85 -18.30
CA LEU C 472 16.77 -5.74 -17.24
C LEU C 472 16.33 -4.88 -16.07
N LEU C 473 15.50 -3.88 -16.32
CA LEU C 473 15.06 -2.94 -15.30
C LEU C 473 13.70 -3.32 -14.79
N GLU C 474 13.19 -4.44 -15.28
CA GLU C 474 11.99 -5.01 -14.71
C GLU C 474 12.32 -5.81 -13.46
N GLY C 475 11.43 -5.74 -12.48
CA GLY C 475 11.61 -6.45 -11.23
C GLY C 475 12.03 -5.50 -10.15
N GLY C 476 12.40 -6.07 -9.00
CA GLY C 476 12.94 -5.32 -7.89
C GLY C 476 14.28 -4.71 -8.27
N ASP C 477 14.67 -3.73 -7.48
CA ASP C 477 15.82 -2.89 -7.79
C ASP C 477 17.08 -3.74 -7.94
N ASN C 478 17.74 -3.63 -9.08
CA ASN C 478 18.95 -4.42 -9.31
C ASN C 478 20.19 -3.60 -9.62
N TRP C 479 21.25 -4.27 -10.05
CA TRP C 479 22.50 -3.61 -10.41
C TRP C 479 22.33 -2.64 -11.56
N HIS C 480 21.43 -2.97 -12.49
CA HIS C 480 21.21 -2.13 -13.64
C HIS C 480 20.55 -0.82 -13.28
N HIS C 481 19.66 -0.87 -12.30
CA HIS C 481 19.02 0.33 -11.80
C HIS C 481 20.07 1.25 -11.21
N GLY C 482 21.05 0.65 -10.54
CA GLY C 482 22.09 1.39 -9.87
C GLY C 482 22.99 2.17 -10.80
N VAL C 483 23.41 1.54 -11.88
CA VAL C 483 24.18 2.23 -12.90
C VAL C 483 23.35 3.35 -13.51
N GLN C 484 22.09 3.06 -13.85
CA GLN C 484 21.20 4.08 -14.41
C GLN C 484 21.01 5.22 -13.41
N ARG C 485 21.06 4.91 -12.14
CA ARG C 485 20.86 5.95 -11.15
C ARG C 485 22.13 6.80 -11.17
N LEU C 486 23.27 6.14 -11.32
CA LEU C 486 24.54 6.83 -11.26
C LEU C 486 24.71 7.74 -12.46
N VAL C 487 24.39 7.22 -13.66
CA VAL C 487 24.51 8.04 -14.85
C VAL C 487 23.74 9.35 -14.70
N ARG C 488 22.49 9.29 -14.21
CA ARG C 488 21.73 10.52 -13.95
C ARG C 488 22.49 11.43 -12.96
N ASP C 489 22.87 10.89 -11.80
CA ASP C 489 23.58 11.71 -10.83
C ASP C 489 24.87 12.31 -11.41
N LEU C 490 25.60 11.53 -12.22
CA LEU C 490 26.81 12.00 -12.90
C LEU C 490 26.48 13.16 -13.82
N ASN C 491 25.43 12.99 -14.63
CA ASN C 491 24.95 14.07 -15.48
C ASN C 491 24.60 15.35 -14.71
N LEU C 492 23.78 15.23 -13.67
CA LEU C 492 23.26 16.42 -12.98
C LEU C 492 24.34 17.19 -12.22
N THR C 493 25.26 16.44 -11.62
CA THR C 493 26.44 16.94 -10.94
C THR C 493 27.45 17.59 -11.92
N TYR C 494 27.67 16.95 -13.06
CA TYR C 494 28.50 17.46 -14.16
C TYR C 494 28.05 18.86 -14.53
N ARG C 495 26.75 19.08 -14.63
CA ARG C 495 26.25 20.39 -15.07
C ARG C 495 26.24 21.46 -13.97
N HIS C 496 26.05 21.04 -12.74
CA HIS C 496 25.86 22.00 -11.65
C HIS C 496 27.18 22.65 -11.23
N HIS C 497 28.30 21.96 -11.39
CA HIS C 497 29.60 22.48 -10.96
C HIS C 497 30.46 22.83 -12.16
N LYS C 498 30.74 24.12 -12.35
CA LYS C 498 31.39 24.56 -13.59
C LYS C 498 32.77 23.98 -13.74
N ALA C 499 33.43 23.74 -12.61
CA ALA C 499 34.74 23.06 -12.60
C ALA C 499 34.74 21.78 -13.42
N MET C 500 33.60 21.08 -13.48
CA MET C 500 33.55 19.80 -14.19
C MET C 500 33.52 19.96 -15.72
N HIS C 501 33.23 21.17 -16.21
CA HIS C 501 33.04 21.34 -17.65
C HIS C 501 33.55 22.65 -18.26
N GLU C 502 33.81 23.64 -17.44
CA GLU C 502 34.05 24.99 -17.92
C GLU C 502 35.37 25.11 -18.72
N LEU C 503 36.33 24.26 -18.41
CA LEU C 503 37.69 24.54 -18.85
C LEU C 503 38.39 23.28 -19.32
N ASP C 504 37.71 22.49 -20.16
CA ASP C 504 38.30 21.26 -20.69
C ASP C 504 39.53 21.52 -21.55
N PHE C 505 39.60 22.70 -22.16
CA PHE C 505 40.53 22.89 -23.26
C PHE C 505 41.66 23.84 -22.88
N ASP C 506 41.76 24.08 -21.58
CA ASP C 506 42.69 25.02 -21.02
C ASP C 506 43.38 24.26 -19.89
N PRO C 507 44.71 24.12 -19.96
CA PRO C 507 45.45 23.35 -18.95
C PRO C 507 45.11 23.79 -17.52
N TYR C 508 44.71 25.04 -17.35
CA TYR C 508 44.27 25.54 -16.05
C TYR C 508 43.08 24.75 -15.45
N GLY C 509 42.33 24.05 -16.30
CA GLY C 509 41.16 23.28 -15.85
C GLY C 509 41.46 21.91 -15.28
N PHE C 510 42.72 21.48 -15.40
CA PHE C 510 43.11 20.14 -14.94
C PHE C 510 44.49 20.13 -14.31
N GLU C 511 44.64 19.37 -13.22
CA GLU C 511 45.92 19.21 -12.56
C GLU C 511 46.01 17.90 -11.78
N TRP C 512 47.09 17.15 -12.00
CA TRP C 512 47.32 15.91 -11.24
C TRP C 512 47.65 16.21 -9.78
N LEU C 513 47.20 15.35 -8.88
CA LEU C 513 47.64 15.41 -7.50
C LEU C 513 48.43 14.15 -7.20
N VAL C 514 47.93 13.03 -7.71
CA VAL C 514 48.64 11.77 -7.59
C VAL C 514 48.62 11.04 -8.95
N VAL C 515 49.69 11.19 -9.70
CA VAL C 515 49.77 10.58 -11.03
C VAL C 515 50.53 9.26 -11.03
N ASP C 516 51.45 9.09 -10.09
CA ASP C 516 52.28 7.88 -10.11
C ASP C 516 52.17 6.98 -8.89
N ASP C 517 50.95 6.65 -8.50
CA ASP C 517 50.71 5.51 -7.61
C ASP C 517 50.36 4.34 -8.52
N LYS C 518 51.39 3.82 -9.19
CA LYS C 518 51.24 2.66 -10.06
C LYS C 518 50.86 1.41 -9.25
N GLU C 519 51.40 1.28 -8.04
CA GLU C 519 51.29 0.05 -7.28
C GLU C 519 49.88 -0.23 -6.75
N ARG C 520 49.20 0.81 -6.28
CA ARG C 520 47.85 0.64 -5.74
C ARG C 520 46.76 0.99 -6.77
N SER C 521 47.18 1.38 -7.96
CA SER C 521 46.26 1.82 -9.01
C SER C 521 45.29 2.88 -8.49
N VAL C 522 45.85 3.94 -7.92
CA VAL C 522 45.09 5.09 -7.51
C VAL C 522 45.57 6.30 -8.28
N LEU C 523 44.66 6.96 -8.99
CA LEU C 523 44.95 8.23 -9.61
C LEU C 523 44.02 9.24 -8.96
N ILE C 524 44.53 10.45 -8.76
CA ILE C 524 43.72 11.52 -8.22
C ILE C 524 44.09 12.79 -8.96
N PHE C 525 43.08 13.56 -9.36
CA PHE C 525 43.32 14.87 -9.96
C PHE C 525 42.29 15.89 -9.51
N VAL C 526 42.45 17.10 -10.03
CA VAL C 526 41.55 18.20 -9.75
C VAL C 526 41.02 18.82 -11.07
N ARG C 527 39.74 19.16 -11.07
CA ARG C 527 39.15 20.00 -12.09
C ARG C 527 38.96 21.38 -11.52
N ARG C 528 39.20 22.40 -12.35
CA ARG C 528 39.20 23.78 -11.90
C ARG C 528 38.36 24.66 -12.84
N ASP C 529 37.61 25.60 -12.26
CA ASP C 529 36.84 26.54 -13.06
C ASP C 529 37.59 27.87 -13.23
N LYS C 530 36.98 28.81 -13.96
CA LYS C 530 37.50 30.17 -14.14
C LYS C 530 37.74 30.91 -12.83
N GLU C 531 37.01 30.53 -11.78
CA GLU C 531 37.07 31.26 -10.53
C GLU C 531 38.19 30.77 -9.60
N GLY C 532 38.82 29.65 -9.95
CA GLY C 532 39.84 29.02 -9.14
C GLY C 532 39.31 27.85 -8.32
N ASN C 533 38.00 27.69 -8.29
CA ASN C 533 37.41 26.60 -7.52
C ASN C 533 37.77 25.25 -8.11
N GLU C 534 38.13 24.33 -7.21
CA GLU C 534 38.55 22.99 -7.60
C GLU C 534 37.67 21.96 -6.92
N ILE C 535 37.32 20.91 -7.67
CA ILE C 535 36.80 19.72 -7.04
C ILE C 535 37.79 18.56 -7.24
N ILE C 536 37.98 17.76 -6.19
CA ILE C 536 38.95 16.68 -6.21
C ILE C 536 38.28 15.42 -6.70
N VAL C 537 38.90 14.77 -7.68
CA VAL C 537 38.44 13.48 -8.17
C VAL C 537 39.46 12.42 -7.78
N ALA C 538 39.01 11.33 -7.15
CA ALA C 538 39.91 10.25 -6.73
C ALA C 538 39.41 8.87 -7.13
N SER C 539 40.19 8.14 -7.93
CA SER C 539 39.77 6.80 -8.36
C SER C 539 40.67 5.70 -7.80
N ASN C 540 40.06 4.56 -7.50
CA ASN C 540 40.75 3.41 -6.97
C ASN C 540 40.26 2.22 -7.80
N PHE C 541 41.09 1.84 -8.76
CA PHE C 541 40.72 0.80 -9.72
C PHE C 541 41.10 -0.58 -9.24
N THR C 542 41.25 -0.70 -7.92
CA THR C 542 41.55 -1.97 -7.28
C THR C 542 40.47 -2.27 -6.23
N PRO C 543 40.13 -3.56 -6.06
CA PRO C 543 39.06 -3.95 -5.13
C PRO C 543 39.45 -3.80 -3.66
N VAL C 544 40.70 -3.45 -3.39
CA VAL C 544 41.16 -3.25 -2.02
C VAL C 544 40.82 -1.84 -1.57
N PRO C 545 40.05 -1.72 -0.48
CA PRO C 545 39.74 -0.39 0.03
C PRO C 545 41.01 0.27 0.58
N ARG C 546 41.05 1.58 0.58
CA ARG C 546 42.23 2.30 1.01
C ARG C 546 41.83 3.30 2.09
N HIS C 547 42.42 3.16 3.27
CA HIS C 547 42.11 4.03 4.38
C HIS C 547 43.32 4.88 4.69
N ASP C 548 43.08 6.08 5.22
CA ASP C 548 44.18 6.98 5.57
C ASP C 548 45.13 7.27 4.40
N TYR C 549 44.59 7.27 3.19
CA TYR C 549 45.35 7.62 2.03
C TYR C 549 45.61 9.12 2.07
N ARG C 550 46.87 9.51 2.24
CA ARG C 550 47.22 10.92 2.30
C ARG C 550 47.74 11.41 0.95
N PHE C 551 47.17 12.51 0.49
CA PHE C 551 47.65 13.12 -0.74
C PHE C 551 47.63 14.62 -0.59
N GLY C 552 48.58 15.29 -1.21
CA GLY C 552 48.62 16.73 -1.11
C GLY C 552 47.53 17.43 -1.91
N ILE C 553 47.13 18.60 -1.44
CA ILE C 553 46.12 19.40 -2.14
C ILE C 553 46.58 20.84 -2.22
N ASN C 554 45.78 21.68 -2.90
CA ASN C 554 46.15 23.08 -3.14
C ASN C 554 45.38 24.10 -2.30
N GLN C 555 44.18 23.73 -1.83
CA GLN C 555 43.38 24.67 -1.05
C GLN C 555 42.88 24.02 0.23
N PRO C 556 43.46 24.40 1.37
CA PRO C 556 43.09 23.74 2.63
C PRO C 556 41.66 24.12 3.04
N GLY C 557 41.08 23.33 3.95
CA GLY C 557 39.76 23.66 4.48
C GLY C 557 38.94 22.41 4.72
N LYS C 558 37.63 22.52 4.52
CA LYS C 558 36.71 21.41 4.70
C LYS C 558 36.34 20.80 3.36
N TRP C 559 36.34 19.48 3.27
CA TRP C 559 36.04 18.79 2.02
C TRP C 559 34.97 17.72 2.20
N ARG C 560 34.16 17.51 1.17
CA ARG C 560 32.97 16.67 1.28
C ARG C 560 32.60 16.04 -0.06
N GLU C 561 32.29 14.74 -0.03
CA GLU C 561 31.91 13.99 -1.22
C GLU C 561 30.63 14.54 -1.84
N ILE C 562 30.65 14.70 -3.16
CA ILE C 562 29.46 15.08 -3.92
C ILE C 562 29.12 13.99 -4.95
N LEU C 563 30.00 13.01 -5.07
CA LEU C 563 29.72 11.83 -5.88
C LEU C 563 30.58 10.68 -5.38
N ASN C 564 29.95 9.53 -5.15
CA ASN C 564 30.67 8.35 -4.68
C ASN C 564 30.20 7.10 -5.43
N THR C 565 31.08 6.51 -6.21
CA THR C 565 30.64 5.38 -7.02
C THR C 565 30.26 4.15 -6.21
N ASP C 566 30.83 4.03 -5.02
CA ASP C 566 30.57 2.88 -4.16
C ASP C 566 29.28 3.01 -3.34
N SER C 567 28.56 4.12 -3.51
CA SER C 567 27.33 4.32 -2.74
C SER C 567 26.33 3.17 -2.77
N MET C 568 25.62 3.01 -1.66
CA MET C 568 24.60 1.99 -1.51
C MET C 568 23.48 2.19 -2.55
N HIS C 569 23.26 3.44 -2.94
CA HIS C 569 22.24 3.77 -3.93
C HIS C 569 22.58 3.22 -5.33
N TYR C 570 23.85 2.89 -5.56
CA TYR C 570 24.22 2.29 -6.83
C TYR C 570 24.58 0.81 -6.69
N HIS C 571 24.20 0.22 -5.55
CA HIS C 571 24.63 -1.13 -5.17
C HIS C 571 26.14 -1.34 -5.01
N GLY C 572 26.84 -0.31 -4.54
CA GLY C 572 28.20 -0.47 -4.08
C GLY C 572 28.19 -0.92 -2.63
N SER C 573 29.37 -1.08 -2.06
CA SER C 573 29.52 -1.57 -0.69
C SER C 573 29.28 -0.48 0.31
N ASN C 574 29.08 0.74 -0.19
CA ASN C 574 28.82 1.90 0.65
C ASN C 574 30.00 2.35 1.52
N ALA C 575 31.22 2.08 1.05
CA ALA C 575 32.39 2.72 1.65
C ALA C 575 32.50 4.17 1.19
N GLY C 576 33.00 5.03 2.07
CA GLY C 576 33.24 6.42 1.74
C GLY C 576 33.78 7.15 2.95
N ASN C 577 33.72 8.48 2.94
CA ASN C 577 34.32 9.26 4.00
C ASN C 577 33.38 9.66 5.12
N GLY C 578 32.10 9.39 4.90
CA GLY C 578 31.09 9.56 5.93
C GLY C 578 31.06 10.95 6.53
N GLY C 579 31.16 11.96 5.69
CA GLY C 579 30.98 13.32 6.15
C GLY C 579 32.16 14.18 5.75
N THR C 580 32.16 15.42 6.23
CA THR C 580 33.26 16.34 5.98
C THR C 580 34.58 15.84 6.57
N VAL C 581 35.65 15.96 5.77
CA VAL C 581 37.01 15.67 6.20
C VAL C 581 37.78 16.98 6.14
N HIS C 582 38.46 17.35 7.22
CA HIS C 582 39.24 18.58 7.17
C HIS C 582 40.63 18.26 6.64
N SER C 583 41.30 19.27 6.11
CA SER C 583 42.64 19.11 5.58
C SER C 583 43.63 19.26 6.72
N ASP C 584 44.83 18.72 6.53
CA ASP C 584 45.88 18.88 7.51
C ASP C 584 47.00 19.71 6.89
N GLU C 585 47.76 20.40 7.73
CA GLU C 585 48.98 21.03 7.24
C GLU C 585 50.15 20.06 7.49
N ILE C 586 50.04 18.89 6.89
CA ILE C 586 51.12 17.94 6.85
C ILE C 586 51.54 17.87 5.39
N ALA C 587 52.74 18.38 5.09
CA ALA C 587 53.23 18.37 3.70
C ALA C 587 53.05 16.99 3.08
N SER C 588 52.60 16.96 1.83
CA SER C 588 52.44 15.71 1.10
C SER C 588 52.53 15.95 -0.40
N HIS C 589 53.18 15.03 -1.12
CA HIS C 589 53.34 15.16 -2.56
C HIS C 589 53.87 16.49 -3.06
N GLY C 590 54.75 17.12 -2.28
CA GLY C 590 55.34 18.41 -2.64
C GLY C 590 54.41 19.58 -2.37
N ARG C 591 53.32 19.31 -1.66
CA ARG C 591 52.32 20.32 -1.33
C ARG C 591 52.26 20.58 0.18
N GLN C 592 52.05 21.85 0.53
CA GLN C 592 52.04 22.27 1.92
C GLN C 592 50.88 21.67 2.73
N HIS C 593 49.78 21.32 2.08
CA HIS C 593 48.64 20.72 2.79
C HIS C 593 48.22 19.39 2.19
N SER C 594 47.30 18.70 2.85
CA SER C 594 46.86 17.37 2.40
C SER C 594 45.55 16.90 3.04
N LEU C 595 44.95 15.92 2.39
CA LEU C 595 43.76 15.28 2.92
C LEU C 595 44.07 13.80 3.10
N SER C 596 43.64 13.23 4.21
CA SER C 596 43.81 11.80 4.40
C SER C 596 42.40 11.22 4.30
N LEU C 597 42.18 10.30 3.38
CA LEU C 597 40.83 9.77 3.25
C LEU C 597 40.66 8.32 2.81
N THR C 598 39.43 7.87 2.88
CA THR C 598 39.06 6.52 2.48
C THR C 598 38.77 6.51 1.00
N LEU C 599 39.45 5.65 0.25
CA LEU C 599 39.12 5.49 -1.16
C LEU C 599 38.35 4.19 -1.27
N PRO C 600 37.06 4.25 -1.65
CA PRO C 600 36.28 3.01 -1.69
C PRO C 600 36.85 2.02 -2.71
N PRO C 601 36.52 0.72 -2.60
CA PRO C 601 37.02 -0.28 -3.55
C PRO C 601 36.40 -0.12 -4.92
N LEU C 602 37.18 -0.30 -5.99
CA LEU C 602 36.72 -0.20 -7.37
C LEU C 602 35.70 0.94 -7.57
N ALA C 603 36.10 2.15 -7.18
CA ALA C 603 35.16 3.25 -7.11
C ALA C 603 35.85 4.57 -7.34
N THR C 604 35.09 5.57 -7.76
CA THR C 604 35.60 6.93 -7.85
C THR C 604 34.69 7.85 -7.08
N ILE C 605 35.31 8.90 -6.54
CA ILE C 605 34.60 9.85 -5.74
C ILE C 605 35.04 11.24 -6.15
N TRP C 606 34.17 12.22 -5.91
CA TRP C 606 34.44 13.62 -6.21
C TRP C 606 34.19 14.39 -4.93
N LEU C 607 35.07 15.32 -4.59
CA LEU C 607 34.94 16.07 -3.35
C LEU C 607 34.92 17.55 -3.67
N VAL C 608 34.06 18.29 -2.96
CA VAL C 608 33.98 19.74 -3.10
C VAL C 608 34.45 20.40 -1.80
N ARG C 609 35.02 21.59 -1.92
CA ARG C 609 35.47 22.32 -0.76
C ARG C 609 34.35 23.21 -0.25
N GLU C 610 33.98 23.02 1.02
CA GLU C 610 32.94 23.83 1.65
C GLU C 610 33.46 25.22 1.98
N ALA C 611 32.56 26.19 2.05
CA ALA C 611 32.99 27.57 2.26
C ALA C 611 32.95 27.96 3.74
N GLU C 612 33.99 28.68 4.16
CA GLU C 612 34.20 29.00 5.57
C GLU C 612 33.36 30.19 6.06
N THR D 1 2.30 60.36 -15.50
CA THR D 1 1.61 59.73 -14.36
C THR D 1 2.46 59.68 -13.07
N HIS D 2 1.77 59.70 -11.92
CA HIS D 2 2.41 59.66 -10.61
C HIS D 2 2.59 58.22 -10.11
N LEU D 3 2.73 57.29 -11.05
CA LEU D 3 2.77 55.87 -10.73
C LEU D 3 4.16 55.49 -10.22
N ARG D 4 5.14 56.27 -10.63
CA ARG D 4 6.54 56.00 -10.33
C ARG D 4 7.22 57.19 -9.68
N PRO D 5 6.72 57.60 -8.51
CA PRO D 5 7.14 58.81 -7.79
C PRO D 5 8.62 58.79 -7.53
N TYR D 6 9.16 57.58 -7.44
CA TYR D 6 10.52 57.39 -7.00
C TYR D 6 11.47 57.82 -8.11
N GLU D 7 10.92 58.10 -9.27
CA GLU D 7 11.79 58.50 -10.36
C GLU D 7 12.12 59.98 -10.25
N THR D 8 11.35 60.71 -9.43
CA THR D 8 11.58 62.13 -9.28
C THR D 8 11.89 62.53 -7.84
N LEU D 9 11.16 61.95 -6.87
CA LEU D 9 11.37 62.29 -5.47
C LEU D 9 12.66 61.63 -4.99
N GLY D 10 13.18 62.08 -3.86
CA GLY D 10 14.45 61.56 -3.38
C GLY D 10 15.67 62.34 -3.85
N ALA D 11 16.79 61.64 -4.06
CA ALA D 11 18.01 62.25 -4.54
C ALA D 11 18.39 61.66 -5.90
N HIS D 12 18.54 62.52 -6.90
CA HIS D 12 18.85 62.08 -8.26
C HIS D 12 19.87 62.99 -8.93
N ALA D 13 20.81 62.38 -9.65
CA ALA D 13 21.72 63.12 -10.52
C ALA D 13 20.91 64.06 -11.38
N ASP D 14 21.45 65.25 -11.61
CA ASP D 14 20.86 66.19 -12.55
C ASP D 14 21.91 67.19 -13.02
N THR D 15 21.54 67.93 -14.05
CA THR D 15 22.41 68.92 -14.65
C THR D 15 21.55 70.15 -14.88
N MET D 16 22.03 71.31 -14.44
CA MET D 16 21.31 72.57 -14.65
C MET D 16 22.22 73.64 -15.26
N ASP D 17 22.01 73.91 -16.55
CA ASP D 17 22.89 74.80 -17.33
C ASP D 17 24.35 74.33 -17.32
N GLY D 18 24.56 73.03 -17.53
CA GLY D 18 25.90 72.47 -17.60
C GLY D 18 26.50 72.13 -16.24
N VAL D 19 25.82 72.49 -15.16
CA VAL D 19 26.34 72.21 -13.83
C VAL D 19 25.86 70.85 -13.29
N THR D 20 26.81 69.96 -13.03
CA THR D 20 26.51 68.64 -12.48
C THR D 20 26.27 68.69 -10.97
N GLY D 21 25.24 67.98 -10.52
CA GLY D 21 24.99 67.86 -9.10
C GLY D 21 23.91 66.84 -8.84
N THR D 22 23.23 66.97 -7.70
CA THR D 22 22.06 66.14 -7.47
C THR D 22 20.88 66.97 -7.00
N ARG D 23 19.71 66.65 -7.56
CA ARG D 23 18.46 67.31 -7.22
C ARG D 23 17.80 66.57 -6.08
N PHE D 24 17.36 67.31 -5.07
CA PHE D 24 16.73 66.72 -3.90
C PHE D 24 15.29 67.14 -3.91
N SER D 25 14.39 66.21 -3.60
CA SER D 25 13.00 66.58 -3.42
C SER D 25 12.33 65.70 -2.36
N VAL D 26 11.47 66.31 -1.57
CA VAL D 26 10.82 65.58 -0.53
C VAL D 26 9.47 66.23 -0.28
N TRP D 27 8.44 65.40 -0.28
CA TRP D 27 7.09 65.86 -0.06
C TRP D 27 6.87 66.06 1.43
N ALA D 28 6.61 67.30 1.83
CA ALA D 28 6.39 67.63 3.25
C ALA D 28 5.61 68.94 3.33
N PRO D 29 4.33 68.89 2.94
CA PRO D 29 3.59 70.10 2.56
C PRO D 29 3.30 71.06 3.70
N ASN D 30 3.21 70.58 4.93
CA ASN D 30 2.86 71.48 6.03
C ASN D 30 4.07 71.97 6.79
N ALA D 31 5.26 71.61 6.33
CA ALA D 31 6.47 72.05 7.02
C ALA D 31 6.75 73.49 6.64
N ARG D 32 7.26 74.25 7.59
CA ARG D 32 7.87 75.53 7.27
C ARG D 32 9.32 75.20 7.28
N ARG D 33 10.10 75.74 6.36
CA ARG D 33 11.55 75.44 6.28
C ARG D 33 11.98 73.96 6.23
N VAL D 34 12.62 73.56 5.14
CA VAL D 34 13.27 72.26 5.05
C VAL D 34 14.58 72.56 4.33
N SER D 35 15.69 71.99 4.82
CA SER D 35 17.01 72.22 4.22
C SER D 35 17.71 70.89 3.98
N VAL D 36 18.64 70.85 3.03
CA VAL D 36 19.37 69.63 2.76
C VAL D 36 20.63 69.62 3.62
N VAL D 37 20.63 68.85 4.70
CA VAL D 37 21.87 68.68 5.45
C VAL D 37 22.53 67.35 5.13
N GLY D 38 23.84 67.39 5.00
CA GLY D 38 24.63 66.24 4.63
C GLY D 38 26.08 66.54 4.93
N GLN D 39 26.98 65.77 4.32
CA GLN D 39 28.38 65.89 4.71
C GLN D 39 28.98 67.12 4.03
N PHE D 40 28.60 67.30 2.76
CA PHE D 40 29.00 68.44 1.96
C PHE D 40 28.56 69.80 2.52
N ASN D 41 27.77 69.78 3.59
CA ASN D 41 27.33 70.99 4.24
C ASN D 41 28.08 71.13 5.53
N TYR D 42 28.85 70.10 5.87
CA TYR D 42 29.29 69.90 7.24
C TYR D 42 28.03 69.92 8.10
N TRP D 43 26.99 69.27 7.58
CA TRP D 43 25.72 69.10 8.29
C TRP D 43 25.17 70.42 8.80
N ASP D 44 25.35 71.46 7.97
CA ASP D 44 24.99 72.82 8.32
C ASP D 44 23.65 73.18 7.68
N GLY D 45 22.62 73.31 8.52
CA GLY D 45 21.25 73.54 8.09
C GLY D 45 20.96 74.92 7.55
N ARG D 46 21.87 75.86 7.81
CA ARG D 46 21.72 77.22 7.32
C ARG D 46 22.08 77.30 5.86
N ARG D 47 22.87 76.32 5.40
CA ARG D 47 23.60 76.47 4.16
C ARG D 47 22.84 76.11 2.88
N HIS D 48 21.94 75.14 2.95
CA HIS D 48 21.20 74.75 1.75
C HIS D 48 19.69 74.59 1.96
N PRO D 49 18.98 75.67 2.31
CA PRO D 49 17.54 75.54 2.43
C PRO D 49 16.86 75.29 1.07
N MET D 50 15.72 74.61 1.08
CA MET D 50 15.04 74.25 -0.15
C MET D 50 13.83 75.17 -0.34
N ARG D 51 13.35 75.27 -1.58
CA ARG D 51 12.15 76.05 -1.90
C ARG D 51 10.92 75.12 -2.00
N LEU D 52 9.86 75.48 -1.31
CA LEU D 52 8.61 74.72 -1.37
C LEU D 52 7.76 75.06 -2.60
N ARG D 53 7.56 74.09 -3.48
CA ARG D 53 6.62 74.23 -4.59
C ARG D 53 5.21 74.06 -4.07
N LYS D 54 4.49 75.16 -3.90
CA LYS D 54 3.23 75.12 -3.14
C LYS D 54 2.07 74.42 -3.84
N GLU D 55 2.19 74.15 -5.14
CA GLU D 55 1.11 73.44 -5.84
C GLU D 55 1.07 71.97 -5.46
N SER D 56 2.25 71.39 -5.24
CA SER D 56 2.40 69.94 -5.08
C SER D 56 2.77 69.53 -3.67
N GLY D 57 3.06 70.51 -2.83
CA GLY D 57 3.49 70.25 -1.47
C GLY D 57 4.91 69.74 -1.38
N ILE D 58 5.66 69.87 -2.48
CA ILE D 58 7.03 69.34 -2.52
C ILE D 58 8.15 70.38 -2.37
N TRP D 59 9.10 70.09 -1.49
CA TRP D 59 10.29 70.92 -1.33
C TRP D 59 11.38 70.42 -2.26
N GLU D 60 12.06 71.34 -2.94
CA GLU D 60 13.03 70.97 -3.96
C GLU D 60 14.28 71.88 -3.95
N LEU D 61 15.42 71.30 -4.32
CA LEU D 61 16.67 72.03 -4.33
C LEU D 61 17.71 71.23 -5.10
N PHE D 62 18.35 71.88 -6.05
CA PHE D 62 19.49 71.30 -6.74
C PHE D 62 20.79 71.75 -6.05
N ILE D 63 21.81 70.90 -6.07
CA ILE D 63 23.08 71.23 -5.42
C ILE D 63 24.26 70.82 -6.26
N PRO D 64 24.97 71.80 -6.84
CA PRO D 64 26.14 71.50 -7.65
C PRO D 64 27.18 70.79 -6.83
N GLY D 65 27.82 69.78 -7.41
CA GLY D 65 28.95 69.10 -6.79
C GLY D 65 28.54 67.94 -5.91
N ALA D 66 27.33 68.00 -5.37
CA ALA D 66 26.80 66.89 -4.58
C ALA D 66 26.76 65.67 -5.49
N HIS D 67 27.14 64.52 -4.97
CA HIS D 67 27.35 63.39 -5.85
C HIS D 67 27.21 62.06 -5.12
N ASN D 68 27.13 60.99 -5.89
CA ASN D 68 26.89 59.68 -5.34
C ASN D 68 27.93 59.36 -4.31
N GLY D 69 27.50 58.75 -3.21
CA GLY D 69 28.40 58.30 -2.19
C GLY D 69 28.23 59.09 -0.92
N GLN D 70 27.59 60.26 -1.04
CA GLN D 70 27.52 61.16 0.10
C GLN D 70 26.26 60.96 0.94
N LEU D 71 26.40 61.16 2.24
CA LEU D 71 25.29 61.04 3.15
C LEU D 71 24.53 62.35 3.23
N TYR D 72 23.25 62.27 3.58
CA TYR D 72 22.44 63.47 3.70
C TYR D 72 21.17 63.14 4.48
N LYS D 73 20.52 64.20 5.00
CA LYS D 73 19.22 64.13 5.65
C LYS D 73 18.46 65.43 5.37
N TYR D 74 17.28 65.56 5.97
CA TYR D 74 16.48 66.76 5.81
C TYR D 74 16.29 67.40 7.17
N GLU D 75 16.67 68.67 7.28
CA GLU D 75 16.44 69.39 8.52
C GLU D 75 15.22 70.24 8.33
N MET D 76 14.15 69.88 9.01
CA MET D 76 12.91 70.64 8.87
C MET D 76 12.44 71.30 10.17
N ILE D 77 11.69 72.38 10.01
CA ILE D 77 10.93 72.91 11.12
C ILE D 77 9.48 72.46 10.89
N ASP D 78 8.96 71.68 11.84
CA ASP D 78 7.56 71.21 11.85
C ASP D 78 6.53 72.21 11.41
N ALA D 79 5.35 71.69 11.12
CA ALA D 79 4.16 72.51 11.13
C ALA D 79 4.02 73.15 12.52
N ASN D 80 4.55 72.47 13.53
CA ASN D 80 4.47 72.91 14.93
C ASN D 80 5.73 73.66 15.38
N GLY D 81 6.63 73.92 14.45
CA GLY D 81 7.80 74.73 14.75
C GLY D 81 8.96 74.01 15.42
N ASN D 82 8.86 72.69 15.57
CA ASN D 82 9.93 71.95 16.23
C ASN D 82 11.04 71.59 15.25
N LEU D 83 12.26 71.37 15.75
CA LEU D 83 13.36 71.01 14.87
C LEU D 83 13.60 69.51 14.79
N ARG D 84 13.31 68.93 13.64
CA ARG D 84 13.46 67.51 13.44
C ARG D 84 14.43 67.27 12.30
N LEU D 85 15.33 66.29 12.47
CA LEU D 85 16.11 65.74 11.36
C LEU D 85 15.37 64.53 10.80
N LYS D 86 14.96 64.59 9.55
CA LYS D 86 14.14 63.54 8.97
C LYS D 86 14.97 62.73 8.01
N SER D 87 14.77 61.41 8.00
CA SER D 87 15.43 60.52 7.04
C SER D 87 14.58 60.43 5.76
N ASP D 88 15.19 60.40 4.59
CA ASP D 88 14.43 60.51 3.33
C ASP D 88 13.63 59.24 3.01
N PRO D 89 12.30 59.37 2.95
CA PRO D 89 11.49 58.18 2.69
C PRO D 89 11.77 57.51 1.32
N TYR D 90 12.30 58.25 0.35
CA TYR D 90 12.70 57.66 -0.91
C TYR D 90 14.22 57.45 -0.95
N ALA D 91 14.76 56.99 0.18
CA ALA D 91 16.18 56.65 0.28
C ALA D 91 16.46 55.35 -0.43
N PHE D 92 17.35 55.40 -1.43
CA PHE D 92 17.69 54.20 -2.19
C PHE D 92 18.83 53.42 -1.58
N GLU D 93 19.63 54.07 -0.74
CA GLU D 93 20.52 53.33 0.13
C GLU D 93 20.61 54.04 1.48
N ALA D 94 20.73 53.26 2.55
CA ALA D 94 20.83 53.78 3.92
C ALA D 94 22.22 53.56 4.48
N GLN D 95 22.51 54.22 5.60
CA GLN D 95 23.88 54.36 6.06
C GLN D 95 24.56 53.05 6.55
N MET D 96 24.27 52.64 7.78
CA MET D 96 24.88 51.46 8.39
C MET D 96 24.25 51.35 9.76
N ARG D 97 24.23 50.15 10.34
CA ARG D 97 23.62 49.88 11.66
C ARG D 97 23.48 51.08 12.64
N PRO D 98 24.57 51.85 12.86
CA PRO D 98 24.44 53.07 13.68
C PRO D 98 23.45 54.14 13.17
N GLU D 99 23.93 55.15 12.43
CA GLU D 99 23.30 56.48 12.45
C GLU D 99 22.30 56.96 11.37
N THR D 100 21.65 56.04 10.68
CA THR D 100 20.39 56.36 9.93
C THR D 100 20.37 57.33 8.72
N ALA D 101 21.49 57.94 8.33
CA ALA D 101 21.44 58.85 7.18
C ALA D 101 21.22 58.13 5.86
N SER D 102 20.82 58.91 4.85
CA SER D 102 20.57 58.38 3.52
C SER D 102 21.79 58.61 2.67
N LEU D 103 21.97 57.78 1.65
CA LEU D 103 23.19 57.86 0.87
C LEU D 103 22.84 58.16 -0.57
N ILE D 104 23.46 59.21 -1.15
CA ILE D 104 23.21 59.53 -2.54
C ILE D 104 23.72 58.42 -3.47
N CYS D 105 22.78 57.80 -4.16
CA CYS D 105 23.06 56.89 -5.26
C CYS D 105 21.80 57.06 -6.05
N GLY D 106 21.81 56.64 -7.31
CA GLY D 106 20.62 56.86 -8.10
C GLY D 106 19.67 55.68 -8.06
N LEU D 107 18.90 55.55 -9.13
CA LEU D 107 18.08 54.40 -9.35
C LEU D 107 18.95 53.33 -10.00
N PRO D 108 18.70 52.05 -9.72
CA PRO D 108 19.43 51.13 -10.58
C PRO D 108 18.84 51.16 -11.98
N GLU D 109 19.57 50.58 -12.93
CA GLU D 109 19.08 50.46 -14.30
C GLU D 109 17.92 49.49 -14.33
N LYS D 110 16.90 49.77 -15.14
CA LYS D 110 15.73 48.88 -15.22
C LYS D 110 16.10 47.45 -15.58
N VAL D 111 15.25 46.52 -15.15
CA VAL D 111 15.42 45.13 -15.50
C VAL D 111 14.22 44.73 -16.32
N VAL D 112 14.46 44.14 -17.49
CA VAL D 112 13.35 43.59 -18.25
C VAL D 112 13.05 42.19 -17.76
N GLN D 113 11.82 41.94 -17.29
CA GLN D 113 11.50 40.58 -16.91
C GLN D 113 11.42 39.72 -18.18
N THR D 114 12.10 38.57 -18.18
CA THR D 114 12.10 37.72 -19.35
C THR D 114 10.82 36.90 -19.43
N GLU D 115 10.50 36.48 -20.64
CA GLU D 115 9.35 35.60 -20.86
C GLU D 115 9.46 34.30 -20.03
N GLU D 116 10.63 33.70 -20.03
CA GLU D 116 10.85 32.48 -19.29
C GLU D 116 10.51 32.71 -17.82
N ARG D 117 10.99 33.78 -17.24
CA ARG D 117 10.61 34.07 -15.87
C ARG D 117 9.11 34.34 -15.70
N LYS D 118 8.50 35.04 -16.64
CA LYS D 118 7.06 35.26 -16.57
C LYS D 118 6.26 33.95 -16.60
N LYS D 119 6.70 33.04 -17.45
CA LYS D 119 6.06 31.74 -17.57
C LYS D 119 6.10 31.07 -16.20
N ALA D 120 7.28 31.11 -15.58
CA ALA D 120 7.50 30.47 -14.34
C ALA D 120 6.57 30.98 -13.23
N ASN D 121 5.90 32.12 -13.43
CA ASN D 121 4.84 32.55 -12.48
C ASN D 121 3.43 32.08 -12.88
N GLN D 122 3.28 31.58 -14.09
CA GLN D 122 1.92 31.28 -14.59
C GLN D 122 1.20 30.19 -13.76
N PHE D 123 -0.13 30.19 -13.81
CA PHE D 123 -0.94 29.20 -13.09
C PHE D 123 -0.61 27.74 -13.41
N ASP D 124 -0.21 27.46 -14.65
CA ASP D 124 0.09 26.09 -15.06
C ASP D 124 1.56 25.72 -14.86
N ALA D 125 2.30 26.55 -14.14
CA ALA D 125 3.73 26.25 -13.96
C ALA D 125 3.99 25.46 -12.68
N PRO D 126 5.07 24.66 -12.66
CA PRO D 126 5.35 24.01 -11.37
C PRO D 126 6.02 25.01 -10.47
N ILE D 127 5.32 25.49 -9.45
CA ILE D 127 5.90 26.43 -8.52
C ILE D 127 6.24 25.81 -7.16
N SER D 128 7.52 25.62 -6.90
CA SER D 128 7.98 25.22 -5.57
C SER D 128 8.83 26.33 -4.93
N ILE D 129 8.34 26.91 -3.85
CA ILE D 129 8.99 28.07 -3.23
C ILE D 129 9.85 27.74 -2.02
N TYR D 130 11.12 28.13 -2.05
CA TYR D 130 11.98 28.04 -0.87
C TYR D 130 12.01 29.39 -0.13
N GLU D 131 11.29 29.48 0.99
CA GLU D 131 11.20 30.70 1.80
C GLU D 131 12.45 30.85 2.67
N VAL D 132 13.09 32.01 2.62
CA VAL D 132 14.38 32.20 3.27
C VAL D 132 14.50 33.54 3.97
N HIS D 133 14.98 33.53 5.22
CA HIS D 133 15.30 34.77 5.92
C HIS D 133 16.79 34.97 5.80
N LEU D 134 17.20 35.95 5.01
CA LEU D 134 18.63 36.09 4.66
C LEU D 134 19.55 36.24 5.89
N GLY D 135 18.99 36.71 7.00
CA GLY D 135 19.79 36.91 8.19
C GLY D 135 20.00 35.69 9.09
N SER D 136 19.42 34.55 8.74
CA SER D 136 19.56 33.37 9.61
C SER D 136 19.70 32.08 8.84
N TRP D 137 19.71 32.13 7.52
CA TRP D 137 19.88 30.92 6.74
C TRP D 137 21.19 30.23 7.08
N ARG D 138 22.27 31.00 7.16
CA ARG D 138 23.60 30.47 7.43
C ARG D 138 24.47 31.54 8.13
N ARG D 139 25.39 31.13 8.98
CA ARG D 139 26.36 32.09 9.53
C ARG D 139 27.79 31.66 9.23
N HIS D 140 28.73 32.58 9.41
CA HIS D 140 30.13 32.21 9.27
C HIS D 140 30.58 31.30 10.42
N THR D 141 31.33 30.23 10.11
CA THR D 141 31.65 29.12 11.03
C THR D 141 31.99 29.54 12.47
N ASP D 142 33.21 30.05 12.66
CA ASP D 142 33.64 30.53 13.96
C ASP D 142 33.64 32.03 13.85
N ASN D 143 32.47 32.62 14.08
CA ASN D 143 32.23 34.05 13.86
C ASN D 143 30.80 34.38 14.22
N ASN D 144 29.89 33.56 13.70
CA ASN D 144 28.44 33.75 13.79
C ASN D 144 27.99 34.94 12.95
N PHE D 145 28.85 35.37 12.04
CA PHE D 145 28.56 36.54 11.22
C PHE D 145 27.67 36.22 10.03
N TRP D 146 26.81 37.17 9.68
CA TRP D 146 26.00 37.15 8.46
C TRP D 146 26.84 36.91 7.23
N LEU D 147 26.37 36.05 6.32
CA LEU D 147 26.97 36.02 4.98
C LEU D 147 26.58 37.29 4.24
N SER D 148 27.41 37.70 3.29
CA SER D 148 27.08 38.86 2.47
C SER D 148 26.14 38.46 1.31
N TYR D 149 25.49 39.45 0.73
CA TYR D 149 24.65 39.26 -0.42
C TYR D 149 25.42 38.45 -1.45
N ARG D 150 26.71 38.73 -1.57
CA ARG D 150 27.49 38.08 -2.61
C ARG D 150 27.85 36.65 -2.25
N GLU D 151 27.97 36.40 -0.96
CA GLU D 151 28.26 35.07 -0.49
C GLU D 151 26.98 34.22 -0.60
N LEU D 152 25.85 34.83 -0.26
CA LEU D 152 24.55 34.24 -0.47
C LEU D 152 24.35 33.94 -1.96
N ALA D 153 24.89 34.80 -2.80
CA ALA D 153 24.75 34.63 -4.23
C ALA D 153 25.44 33.38 -4.72
N ASP D 154 26.52 32.96 -4.07
CA ASP D 154 27.17 31.72 -4.52
C ASP D 154 27.03 30.52 -3.58
N GLN D 155 26.27 30.69 -2.50
CA GLN D 155 25.95 29.60 -1.60
C GLN D 155 24.46 29.25 -1.62
N LEU D 156 23.62 30.23 -1.34
CA LEU D 156 22.21 29.97 -1.23
C LEU D 156 21.57 29.76 -2.60
N VAL D 157 21.93 30.60 -3.56
CA VAL D 157 21.43 30.42 -4.91
C VAL D 157 21.70 29.01 -5.46
N PRO D 158 22.98 28.56 -5.47
CA PRO D 158 23.20 27.22 -6.05
C PRO D 158 22.58 26.08 -5.22
N TYR D 159 22.33 26.33 -3.95
CA TYR D 159 21.69 25.35 -3.10
C TYR D 159 20.22 25.15 -3.45
N ALA D 160 19.51 26.26 -3.60
CA ALA D 160 18.10 26.24 -3.89
C ALA D 160 17.89 25.62 -5.26
N LYS D 161 18.87 25.84 -6.14
CA LYS D 161 18.82 25.32 -7.50
C LYS D 161 19.00 23.82 -7.49
N TRP D 162 20.03 23.36 -6.79
CA TRP D 162 20.28 21.94 -6.67
C TRP D 162 19.05 21.24 -6.12
N MET D 163 18.47 21.87 -5.11
CA MET D 163 17.33 21.29 -4.44
C MET D 163 16.09 21.27 -5.33
N GLY D 164 16.20 21.87 -6.51
CA GLY D 164 15.11 21.87 -7.48
C GLY D 164 13.93 22.76 -7.13
N PHE D 165 14.15 23.79 -6.34
CA PHE D 165 13.11 24.80 -6.16
C PHE D 165 13.08 25.67 -7.43
N THR D 166 12.00 26.42 -7.64
CA THR D 166 11.87 27.22 -8.85
C THR D 166 11.92 28.68 -8.46
N HIS D 167 11.30 28.97 -7.33
CA HIS D 167 11.25 30.29 -6.73
C HIS D 167 12.02 30.34 -5.41
N LEU D 168 12.61 31.49 -5.13
CA LEU D 168 13.24 31.80 -3.86
C LEU D 168 12.36 32.92 -3.30
N GLU D 169 11.88 32.78 -2.07
CA GLU D 169 11.14 33.88 -1.46
C GLU D 169 11.88 34.44 -0.24
N LEU D 170 12.02 35.77 -0.21
CA LEU D 170 12.77 36.44 0.86
C LEU D 170 11.84 37.11 1.86
N LEU D 171 12.13 36.96 3.14
CA LEU D 171 11.44 37.77 4.13
C LEU D 171 11.97 39.18 3.93
N PRO D 172 11.20 40.20 4.31
CA PRO D 172 11.43 41.55 3.80
C PRO D 172 12.87 42.03 3.92
N ILE D 173 13.48 42.45 2.79
CA ILE D 173 14.86 42.93 2.80
C ILE D 173 14.92 44.44 2.90
N ASN D 174 13.75 45.04 2.86
CA ASN D 174 13.50 46.26 3.58
C ASN D 174 14.52 46.67 4.65
N GLU D 175 14.95 47.92 4.65
CA GLU D 175 15.78 48.37 5.76
C GLU D 175 14.92 48.41 7.04
N HIS D 176 15.42 47.80 8.10
CA HIS D 176 14.68 47.73 9.37
C HIS D 176 15.65 47.73 10.55
N PRO D 177 15.27 48.40 11.65
CA PRO D 177 16.20 48.58 12.77
C PRO D 177 16.39 47.34 13.67
N PHE D 178 15.38 46.48 13.83
CA PHE D 178 15.54 45.35 14.73
C PHE D 178 15.51 44.02 14.01
N ASP D 179 16.43 43.12 14.38
CA ASP D 179 16.48 41.84 13.69
C ASP D 179 15.23 41.03 13.94
N GLY D 180 14.66 41.18 15.13
CA GLY D 180 13.54 40.35 15.56
C GLY D 180 12.22 40.66 14.88
N SER D 181 12.16 41.77 14.17
CA SER D 181 10.96 42.07 13.40
C SER D 181 10.93 41.16 12.16
N TRP D 182 12.11 40.65 11.80
CA TRP D 182 12.34 39.82 10.62
C TRP D 182 12.28 40.66 9.34
N GLY D 183 12.12 41.96 9.50
CA GLY D 183 12.00 42.86 8.37
C GLY D 183 10.58 43.36 8.20
N TYR D 184 9.65 42.88 9.04
CA TYR D 184 8.27 43.30 8.92
C TYR D 184 7.98 44.65 9.59
N GLN D 185 8.98 45.20 10.29
CA GLN D 185 8.86 46.56 10.80
C GLN D 185 9.92 47.45 10.14
N PRO D 186 9.61 47.94 8.94
CA PRO D 186 10.56 48.65 8.09
C PRO D 186 10.79 50.09 8.52
N THR D 187 11.94 50.67 8.18
CA THR D 187 12.10 52.12 8.30
C THR D 187 12.35 52.83 6.98
N GLY D 188 12.88 52.11 6.00
CA GLY D 188 13.07 52.67 4.68
C GLY D 188 12.62 51.71 3.60
N LEU D 189 11.41 51.93 3.07
CA LEU D 189 10.79 51.03 2.07
C LEU D 189 11.62 50.86 0.81
N TYR D 190 12.39 51.87 0.43
CA TYR D 190 13.07 51.87 -0.87
C TYR D 190 14.54 51.46 -0.78
N ALA D 191 15.01 51.20 0.43
CA ALA D 191 16.41 50.86 0.62
C ALA D 191 16.62 49.43 1.10
N PRO D 192 17.39 48.65 0.35
CA PRO D 192 17.63 47.27 0.78
C PRO D 192 18.55 47.25 1.98
N THR D 193 18.18 46.52 3.04
CA THR D 193 18.94 46.50 4.29
C THR D 193 20.43 46.34 4.08
N ARG D 194 21.19 47.00 4.93
CA ARG D 194 22.62 47.09 4.74
C ARG D 194 23.41 46.04 5.54
N ARG D 195 22.71 45.10 6.16
CA ARG D 195 23.40 44.01 6.88
C ARG D 195 24.26 43.18 5.95
N PHE D 196 23.84 43.04 4.70
CA PHE D 196 24.45 42.05 3.82
C PHE D 196 25.27 42.67 2.74
N GLY D 197 25.39 44.00 2.79
CA GLY D 197 26.13 44.74 1.77
C GLY D 197 25.33 45.88 1.18
N THR D 198 25.69 46.26 -0.03
CA THR D 198 25.09 47.44 -0.63
C THR D 198 23.97 47.03 -1.56
N ARG D 199 23.22 48.01 -2.05
CA ARG D 199 22.11 47.74 -2.94
C ARG D 199 22.62 47.15 -4.24
N ASP D 200 23.82 47.54 -4.64
CA ASP D 200 24.43 46.96 -5.82
C ASP D 200 24.77 45.50 -5.57
N ASP D 201 25.15 45.19 -4.33
CA ASP D 201 25.36 43.80 -3.91
C ASP D 201 24.03 42.99 -4.01
N PHE D 202 22.95 43.55 -3.48
CA PHE D 202 21.63 42.93 -3.55
C PHE D 202 21.21 42.67 -5.00
N ARG D 203 21.28 43.69 -5.84
CA ARG D 203 21.04 43.52 -7.27
C ARG D 203 21.93 42.42 -7.86
N TYR D 204 23.17 42.32 -7.40
CA TYR D 204 24.03 41.18 -7.80
C TYR D 204 23.46 39.83 -7.38
N PHE D 205 22.79 39.80 -6.24
CA PHE D 205 22.27 38.56 -5.70
C PHE D 205 21.07 38.11 -6.53
N ILE D 206 20.18 39.07 -6.81
CA ILE D 206 19.03 38.82 -7.66
C ILE D 206 19.49 38.37 -9.05
N ASP D 207 20.43 39.09 -9.65
CA ASP D 207 20.85 38.71 -11.00
C ASP D 207 21.42 37.29 -11.00
N ALA D 208 22.06 36.89 -9.91
CA ALA D 208 22.65 35.56 -9.81
C ALA D 208 21.57 34.48 -9.66
N ALA D 209 20.49 34.83 -8.97
CA ALA D 209 19.37 33.93 -8.86
C ALA D 209 18.80 33.68 -10.26
N HIS D 210 18.65 34.76 -11.01
CA HIS D 210 18.12 34.66 -12.36
C HIS D 210 19.00 33.80 -13.27
N ALA D 211 20.31 33.95 -13.15
CA ALA D 211 21.22 33.23 -14.02
C ALA D 211 21.19 31.75 -13.74
N ALA D 212 20.84 31.39 -12.51
CA ALA D 212 20.70 30.00 -12.12
C ALA D 212 19.32 29.45 -12.52
N GLY D 213 18.45 30.34 -12.98
CA GLY D 213 17.12 29.92 -13.37
C GLY D 213 16.08 29.96 -12.26
N LEU D 214 16.22 30.90 -11.33
CA LEU D 214 15.27 31.04 -10.23
C LEU D 214 14.47 32.32 -10.34
N ASN D 215 13.15 32.26 -10.16
CA ASN D 215 12.40 33.48 -9.89
C ASN D 215 12.59 33.88 -8.42
N VAL D 216 12.56 35.18 -8.15
CA VAL D 216 12.64 35.61 -6.77
C VAL D 216 11.32 36.22 -6.39
N ILE D 217 10.74 35.73 -5.31
CA ILE D 217 9.60 36.38 -4.67
C ILE D 217 10.09 37.23 -3.50
N LEU D 218 9.60 38.45 -3.41
CA LEU D 218 9.98 39.30 -2.32
C LEU D 218 8.79 39.60 -1.39
N ASP D 219 9.00 39.51 -0.09
CA ASP D 219 7.99 39.92 0.87
C ASP D 219 7.92 41.43 0.87
N TRP D 220 6.72 41.98 0.96
CA TRP D 220 6.53 43.38 0.74
C TRP D 220 5.63 43.88 1.83
N VAL D 221 5.92 45.05 2.39
CA VAL D 221 5.16 45.44 3.58
C VAL D 221 4.45 46.78 3.46
N PRO D 222 3.30 46.79 2.76
CA PRO D 222 2.48 48.00 2.72
C PRO D 222 1.48 47.95 3.87
N GLY D 223 1.56 46.89 4.67
CA GLY D 223 0.60 46.69 5.75
C GLY D 223 1.15 47.08 7.11
N HIS D 224 2.46 47.25 7.22
CA HIS D 224 3.09 47.60 8.49
C HIS D 224 3.74 48.98 8.40
N PHE D 225 3.06 49.96 8.98
CA PHE D 225 3.54 51.33 9.04
C PHE D 225 4.76 51.38 9.91
N PRO D 226 5.77 52.15 9.50
CA PRO D 226 7.02 52.23 10.29
C PRO D 226 6.75 52.84 11.65
N THR D 227 7.10 52.13 12.72
CA THR D 227 6.83 52.57 14.08
C THR D 227 8.10 52.96 14.79
N ASP D 228 9.22 52.93 14.08
CA ASP D 228 10.53 53.02 14.71
C ASP D 228 11.27 54.26 14.25
N ASP D 229 12.14 54.76 15.14
CA ASP D 229 13.05 55.88 14.87
C ASP D 229 12.39 57.14 14.31
N PHE D 230 11.10 57.33 14.59
CA PHE D 230 10.32 58.41 13.96
C PHE D 230 10.58 58.51 12.44
N ALA D 231 10.66 57.35 11.78
CA ALA D 231 11.06 57.32 10.37
C ALA D 231 10.04 57.98 9.46
N LEU D 232 8.76 57.75 9.71
CA LEU D 232 7.75 58.20 8.77
C LEU D 232 6.56 58.84 9.47
N ALA D 233 6.41 58.55 10.77
CA ALA D 233 5.31 59.14 11.53
C ALA D 233 5.51 60.64 11.61
N GLU D 234 4.41 61.38 11.77
CA GLU D 234 4.42 62.85 11.90
C GLU D 234 5.47 63.57 11.03
N PHE D 235 5.64 63.08 9.82
CA PHE D 235 6.62 63.64 8.89
C PHE D 235 6.03 64.96 8.45
N ASP D 236 6.70 66.08 8.72
CA ASP D 236 6.15 67.44 8.48
C ASP D 236 5.24 68.01 9.59
N GLY D 237 5.20 67.33 10.73
CA GLY D 237 4.41 67.79 11.86
C GLY D 237 2.94 67.44 11.78
N THR D 238 2.48 66.97 10.63
CA THR D 238 1.10 66.48 10.52
C THR D 238 1.01 64.96 10.38
N ASN D 239 -0.20 64.45 10.54
CA ASN D 239 -0.48 63.07 10.20
C ASN D 239 -0.54 63.02 8.69
N LEU D 240 0.63 62.86 8.09
CA LEU D 240 0.78 62.97 6.65
C LEU D 240 0.60 61.60 5.99
N TYR D 241 1.58 60.73 6.22
CA TYR D 241 1.55 59.35 5.73
C TYR D 241 0.57 58.48 6.49
N GLU D 242 0.48 58.71 7.80
CA GLU D 242 -0.37 57.91 8.67
C GLU D 242 -1.75 58.51 8.69
N HIS D 243 -2.73 57.68 9.00
CA HIS D 243 -4.10 58.10 9.26
C HIS D 243 -4.08 58.75 10.65
N SER D 244 -5.19 59.38 11.05
CA SER D 244 -5.23 60.02 12.37
C SER D 244 -6.08 59.25 13.40
N ASN D 255 1.27 53.87 19.30
CA ASN D 255 1.29 52.88 18.24
C ASN D 255 -0.11 52.56 17.71
N THR D 256 -0.33 51.31 17.28
CA THR D 256 -1.43 50.94 16.39
C THR D 256 -1.81 52.01 15.36
N LEU D 257 -0.81 52.41 14.57
CA LEU D 257 -1.02 53.38 13.51
C LEU D 257 -0.90 52.78 12.10
N ILE D 258 -1.62 53.38 11.16
CA ILE D 258 -1.76 52.80 9.83
C ILE D 258 -1.67 53.85 8.74
N TYR D 259 -1.21 53.43 7.56
CA TYR D 259 -1.17 54.29 6.40
C TYR D 259 -2.53 54.88 6.04
N ASN D 260 -2.52 56.13 5.63
CA ASN D 260 -3.70 56.77 5.04
C ASN D 260 -3.73 56.41 3.56
N TYR D 261 -4.02 55.15 3.25
CA TYR D 261 -4.03 54.67 1.87
C TYR D 261 -4.90 55.54 0.96
N GLY D 262 -5.92 56.17 1.54
CA GLY D 262 -6.80 57.06 0.80
C GLY D 262 -6.13 58.29 0.21
N ARG D 263 -5.04 58.73 0.83
CA ARG D 263 -4.33 59.91 0.33
C ARG D 263 -3.52 59.62 -0.94
N ARG D 264 -3.68 60.46 -1.96
CA ARG D 264 -3.10 60.19 -3.27
C ARG D 264 -1.63 59.87 -3.18
N GLU D 265 -0.89 60.73 -2.46
CA GLU D 265 0.57 60.66 -2.43
C GLU D 265 1.05 59.48 -1.64
N VAL D 266 0.27 59.07 -0.64
CA VAL D 266 0.68 57.96 0.19
C VAL D 266 0.62 56.69 -0.64
N SER D 267 -0.51 56.52 -1.31
CA SER D 267 -0.74 55.42 -2.22
C SER D 267 0.28 55.38 -3.35
N ASN D 268 0.70 56.53 -3.84
CA ASN D 268 1.76 56.58 -4.86
C ASN D 268 3.10 56.10 -4.30
N PHE D 269 3.39 56.52 -3.08
CA PHE D 269 4.57 56.04 -2.35
C PHE D 269 4.59 54.51 -2.30
N LEU D 270 3.50 53.92 -1.85
CA LEU D 270 3.40 52.46 -1.80
C LEU D 270 3.41 51.77 -3.19
N VAL D 271 2.49 52.13 -4.07
CA VAL D 271 2.43 51.50 -5.38
C VAL D 271 3.77 51.64 -6.12
N GLY D 272 4.39 52.80 -6.00
CA GLY D 272 5.68 53.01 -6.60
C GLY D 272 6.71 52.07 -6.03
N ASN D 273 6.61 51.77 -4.74
CA ASN D 273 7.57 50.88 -4.11
C ASN D 273 7.49 49.49 -4.71
N ALA D 274 6.26 49.01 -4.87
CA ALA D 274 5.98 47.80 -5.66
C ALA D 274 6.66 47.87 -7.04
N LEU D 275 6.34 48.89 -7.82
CA LEU D 275 6.90 49.07 -9.14
C LEU D 275 8.44 49.13 -9.16
N TYR D 276 9.04 49.67 -8.10
CA TYR D 276 10.48 49.92 -8.03
C TYR D 276 11.19 48.61 -7.79
N TRP D 277 10.72 47.84 -6.82
CA TRP D 277 11.32 46.51 -6.63
C TRP D 277 11.26 45.68 -7.90
N ILE D 278 10.06 45.55 -8.48
CA ILE D 278 9.96 44.76 -9.70
C ILE D 278 10.82 45.34 -10.81
N GLU D 279 10.68 46.64 -11.11
CA GLU D 279 11.38 47.18 -12.31
C GLU D 279 12.85 47.48 -12.11
N ARG D 280 13.23 47.94 -10.93
CA ARG D 280 14.62 48.34 -10.72
C ARG D 280 15.52 47.24 -10.15
N PHE D 281 14.94 46.25 -9.48
CA PHE D 281 15.73 45.11 -9.04
C PHE D 281 15.43 43.81 -9.80
N GLY D 282 14.29 43.78 -10.46
CA GLY D 282 13.99 42.64 -11.29
C GLY D 282 13.43 41.50 -10.47
N ILE D 283 12.87 41.81 -9.29
CA ILE D 283 12.23 40.78 -8.53
C ILE D 283 10.96 40.39 -9.31
N ASP D 284 10.59 39.10 -9.27
CA ASP D 284 9.62 38.57 -10.22
C ASP D 284 8.22 38.48 -9.64
N ALA D 285 8.08 38.68 -8.33
CA ALA D 285 6.78 38.57 -7.68
C ALA D 285 6.83 39.14 -6.28
N LEU D 286 5.67 39.44 -5.73
CA LEU D 286 5.57 40.15 -4.47
C LEU D 286 4.50 39.52 -3.57
N ARG D 287 4.82 39.37 -2.29
CA ARG D 287 3.87 38.77 -1.40
C ARG D 287 3.52 39.76 -0.33
N VAL D 288 2.22 39.90 -0.08
CA VAL D 288 1.72 40.73 0.99
C VAL D 288 1.24 39.82 2.11
N ASP D 289 1.69 40.12 3.33
CA ASP D 289 1.32 39.34 4.51
C ASP D 289 0.28 40.14 5.28
N ALA D 290 -0.27 39.51 6.31
CA ALA D 290 -1.20 40.18 7.22
C ALA D 290 -2.29 40.98 6.53
N VAL D 291 -2.80 40.49 5.41
CA VAL D 291 -3.81 41.19 4.64
C VAL D 291 -5.03 41.50 5.49
N ALA D 292 -5.35 40.61 6.43
CA ALA D 292 -6.46 40.84 7.34
C ALA D 292 -6.29 42.10 8.18
N SER D 293 -5.10 42.31 8.73
CA SER D 293 -4.84 43.49 9.55
C SER D 293 -4.91 44.81 8.76
N MET D 294 -4.85 44.74 7.43
CA MET D 294 -5.04 45.91 6.58
C MET D 294 -6.51 46.15 6.36
N ILE D 295 -7.24 45.07 6.06
CA ILE D 295 -8.61 45.23 5.58
C ILE D 295 -9.62 45.13 6.69
N TYR D 296 -9.15 44.84 7.90
CA TYR D 296 -9.99 44.89 9.08
C TYR D 296 -9.40 45.79 10.13
N ARG D 297 -10.15 46.81 10.52
CA ARG D 297 -9.77 47.64 11.64
C ARG D 297 -9.84 46.85 12.96
N ASP D 298 -9.31 45.61 12.95
CA ASP D 298 -9.44 44.64 14.04
C ASP D 298 -10.89 44.42 14.49
N GLY D 312 -15.41 51.10 14.28
CA GLY D 312 -16.68 50.98 13.57
C GLY D 312 -16.61 51.48 12.12
N GLY D 313 -16.52 50.55 11.18
CA GLY D 313 -16.62 49.13 11.46
C GLY D 313 -17.49 48.44 10.44
N ARG D 314 -17.01 47.34 9.86
CA ARG D 314 -15.73 46.75 10.25
C ARG D 314 -14.65 46.79 9.14
N GLU D 315 -15.06 46.64 7.89
CA GLU D 315 -14.09 46.62 6.79
C GLU D 315 -13.55 48.02 6.45
N ASN D 316 -12.22 48.11 6.30
CA ASN D 316 -11.55 49.34 5.90
C ASN D 316 -11.54 49.40 4.38
N LEU D 317 -12.39 50.26 3.82
CA LEU D 317 -12.60 50.32 2.38
C LEU D 317 -11.43 50.97 1.64
N GLU D 318 -10.82 51.97 2.27
CA GLU D 318 -9.62 52.59 1.73
C GLU D 318 -8.57 51.53 1.50
N ALA D 319 -8.40 50.66 2.50
CA ALA D 319 -7.40 49.60 2.43
C ALA D 319 -7.73 48.54 1.37
N ILE D 320 -9.00 48.11 1.35
CA ILE D 320 -9.44 47.17 0.36
C ILE D 320 -9.21 47.78 -1.01
N GLU D 321 -9.66 49.01 -1.18
CA GLU D 321 -9.57 49.67 -2.47
C GLU D 321 -8.13 49.88 -2.87
N PHE D 322 -7.25 50.09 -1.90
CA PHE D 322 -5.84 50.23 -2.20
C PHE D 322 -5.27 48.94 -2.78
N LEU D 323 -5.61 47.80 -2.15
CA LEU D 323 -5.17 46.50 -2.65
C LEU D 323 -5.69 46.14 -4.04
N ARG D 324 -6.98 46.33 -4.29
CA ARG D 324 -7.51 46.04 -5.61
C ARG D 324 -6.80 46.90 -6.64
N ASN D 325 -6.52 48.13 -6.24
CA ASN D 325 -6.01 49.14 -7.14
C ASN D 325 -4.53 48.92 -7.45
N THR D 326 -3.80 48.47 -6.44
CA THR D 326 -2.39 48.18 -6.60
C THR D 326 -2.23 46.99 -7.53
N ASN D 327 -3.03 45.96 -7.27
CA ASN D 327 -2.99 44.76 -8.08
C ASN D 327 -3.38 45.07 -9.51
N ARG D 328 -4.29 46.01 -9.70
CA ARG D 328 -4.63 46.44 -11.05
C ARG D 328 -3.47 47.10 -11.78
N ILE D 329 -2.84 48.10 -11.15
CA ILE D 329 -1.71 48.80 -11.76
C ILE D 329 -0.63 47.82 -12.13
N LEU D 330 -0.23 46.99 -11.17
CA LEU D 330 0.68 45.89 -11.47
C LEU D 330 -0.08 44.99 -12.43
N GLY D 331 0.57 44.39 -13.41
CA GLY D 331 -0.29 43.58 -14.25
C GLY D 331 -0.80 44.37 -15.43
N GLU D 332 -1.14 45.64 -15.22
CA GLU D 332 -1.14 46.58 -16.33
C GLU D 332 0.28 47.00 -16.72
N GLN D 333 1.07 47.45 -15.73
CA GLN D 333 2.45 47.93 -15.94
C GLN D 333 3.51 46.84 -16.05
N VAL D 334 3.35 45.79 -15.26
CA VAL D 334 4.33 44.72 -15.23
C VAL D 334 3.64 43.37 -15.31
N SER D 335 2.79 43.22 -16.32
CA SER D 335 2.16 41.93 -16.64
C SER D 335 3.18 40.80 -16.62
N GLY D 336 2.91 39.77 -15.82
CA GLY D 336 3.84 38.66 -15.72
C GLY D 336 4.42 38.52 -14.33
N ALA D 337 4.56 39.64 -13.62
CA ALA D 337 5.03 39.63 -12.25
C ALA D 337 3.81 39.51 -11.38
N VAL D 338 3.66 38.40 -10.67
CA VAL D 338 2.43 38.17 -9.91
C VAL D 338 2.50 38.57 -8.45
N THR D 339 1.33 38.72 -7.84
CA THR D 339 1.23 39.06 -6.41
C THR D 339 0.62 37.91 -5.60
N MET D 340 1.11 37.71 -4.39
CA MET D 340 0.58 36.66 -3.53
C MET D 340 0.21 37.22 -2.18
N ALA D 341 -0.79 36.63 -1.56
CA ALA D 341 -1.37 37.21 -0.35
C ALA D 341 -1.66 36.16 0.71
N GLU D 342 -1.28 36.48 1.94
CA GLU D 342 -1.70 35.69 3.07
C GLU D 342 -2.75 36.49 3.79
N GLU D 343 -3.94 35.93 3.93
CA GLU D 343 -5.04 36.56 4.61
C GLU D 343 -5.78 35.54 5.51
N SER D 344 -5.82 35.83 6.80
CA SER D 344 -6.15 34.81 7.81
C SER D 344 -7.58 34.72 8.27
N THR D 345 -8.46 35.56 7.75
CA THR D 345 -9.90 35.36 7.98
C THR D 345 -10.37 34.57 6.78
N ASP D 346 -11.66 34.59 6.46
CA ASP D 346 -12.01 33.94 5.19
C ASP D 346 -12.62 34.93 4.18
N PHE D 347 -11.90 36.02 3.95
CA PHE D 347 -12.33 37.04 3.03
C PHE D 347 -12.39 36.48 1.60
N PRO D 348 -13.55 36.59 0.95
CA PRO D 348 -13.74 36.01 -0.37
C PRO D 348 -12.97 36.72 -1.50
N GLY D 349 -12.43 35.92 -2.40
CA GLY D 349 -11.90 36.43 -3.65
C GLY D 349 -10.52 37.05 -3.55
N VAL D 350 -9.76 36.72 -2.52
CA VAL D 350 -8.43 37.27 -2.36
C VAL D 350 -7.60 37.16 -3.67
N SER D 351 -7.65 35.98 -4.29
CA SER D 351 -7.05 35.79 -5.61
C SER D 351 -8.06 35.82 -6.77
N ARG D 352 -9.13 36.58 -6.63
CA ARG D 352 -10.13 36.67 -7.68
C ARG D 352 -10.17 38.09 -8.25
N PRO D 353 -10.53 38.23 -9.55
CA PRO D 353 -10.55 39.56 -10.22
C PRO D 353 -11.38 40.62 -9.49
N GLN D 354 -10.90 41.86 -9.52
CA GLN D 354 -11.56 43.03 -8.92
C GLN D 354 -12.98 43.26 -9.43
N ASP D 355 -13.22 43.07 -10.72
CA ASP D 355 -14.57 43.25 -11.23
C ASP D 355 -15.55 42.22 -10.69
N MET D 356 -15.04 41.17 -10.07
CA MET D 356 -15.91 40.16 -9.48
C MET D 356 -16.06 40.40 -7.98
N GLY D 357 -15.40 41.42 -7.45
CA GLY D 357 -15.43 41.66 -6.02
C GLY D 357 -14.21 41.10 -5.32
N GLY D 358 -13.21 40.70 -6.13
CA GLY D 358 -11.98 40.21 -5.54
C GLY D 358 -11.01 41.30 -5.04
N LEU D 359 -9.91 40.85 -4.47
CA LEU D 359 -8.83 41.77 -4.14
C LEU D 359 -7.82 41.80 -5.29
N GLY D 360 -7.98 40.94 -6.27
CA GLY D 360 -7.06 40.89 -7.41
C GLY D 360 -5.66 40.28 -7.26
N PHE D 361 -5.38 39.57 -6.17
CA PHE D 361 -4.11 38.84 -6.07
C PHE D 361 -4.09 37.63 -7.01
N TRP D 362 -2.90 37.14 -7.31
CA TRP D 362 -2.78 36.00 -8.20
C TRP D 362 -2.85 34.69 -7.42
N TYR D 363 -2.23 34.67 -6.25
CA TYR D 363 -2.24 33.49 -5.42
C TYR D 363 -2.57 33.86 -3.97
N LYS D 364 -3.05 32.88 -3.18
CA LYS D 364 -3.32 33.07 -1.75
C LYS D 364 -2.75 31.90 -0.94
N TRP D 365 -2.19 32.18 0.23
CA TRP D 365 -1.71 31.09 1.07
C TRP D 365 -2.85 30.27 1.61
N ASN D 366 -2.77 28.95 1.51
CA ASN D 366 -3.80 28.11 2.08
C ASN D 366 -3.52 27.84 3.56
N LEU D 367 -3.77 28.81 4.43
CA LEU D 367 -3.57 28.59 5.86
C LEU D 367 -4.48 27.49 6.37
N GLY D 368 -5.67 27.39 5.79
CA GLY D 368 -6.63 26.35 6.16
C GLY D 368 -6.08 24.96 5.92
N TRP D 369 -5.49 24.72 4.73
CA TRP D 369 -4.87 23.42 4.43
C TRP D 369 -3.75 23.13 5.41
N MET D 370 -2.97 24.15 5.70
CA MET D 370 -1.87 24.03 6.65
C MET D 370 -2.40 23.63 8.04
N HIS D 371 -3.36 24.37 8.57
CA HIS D 371 -3.99 23.98 9.83
C HIS D 371 -4.57 22.57 9.82
N ASP D 372 -5.31 22.22 8.78
CA ASP D 372 -5.94 20.91 8.77
C ASP D 372 -4.90 19.81 8.71
N THR D 373 -3.94 19.91 7.78
CA THR D 373 -3.03 18.78 7.56
C THR D 373 -2.05 18.64 8.74
N LEU D 374 -1.63 19.75 9.31
CA LEU D 374 -0.79 19.72 10.50
C LEU D 374 -1.57 19.27 11.74
N ASP D 375 -2.89 19.41 11.70
CA ASP D 375 -3.71 18.90 12.79
C ASP D 375 -3.81 17.38 12.68
N TYR D 376 -3.90 16.91 11.44
CA TYR D 376 -3.96 15.49 11.19
C TYR D 376 -2.66 14.79 11.59
N MET D 377 -1.53 15.27 11.07
CA MET D 377 -0.22 14.68 11.34
C MET D 377 0.12 14.61 12.84
N LYS D 378 -0.28 15.62 13.60
CA LYS D 378 -0.01 15.63 15.04
C LYS D 378 -0.68 14.43 15.75
N LEU D 379 -1.83 14.02 15.25
CA LEU D 379 -2.57 12.89 15.79
C LEU D 379 -1.75 11.62 15.76
N ASP D 380 -1.82 10.83 16.83
CA ASP D 380 -1.29 9.49 16.80
C ASP D 380 -2.14 8.72 15.81
N PRO D 381 -1.50 7.90 14.97
CA PRO D 381 -2.20 7.11 13.96
C PRO D 381 -3.43 6.32 14.46
N VAL D 382 -3.50 5.92 15.75
CA VAL D 382 -4.71 5.24 16.25
C VAL D 382 -5.98 6.10 16.22
N TYR D 383 -5.82 7.42 16.29
CA TYR D 383 -6.98 8.29 16.20
C TYR D 383 -7.28 8.81 14.77
N ARG D 384 -6.33 8.63 13.85
CA ARG D 384 -6.43 9.24 12.51
C ARG D 384 -7.73 8.90 11.79
N GLN D 385 -8.22 7.68 11.97
CA GLN D 385 -9.51 7.25 11.41
C GLN D 385 -10.68 8.16 11.81
N TYR D 386 -10.59 8.78 12.97
CA TYR D 386 -11.66 9.63 13.44
C TYR D 386 -11.54 11.02 12.85
N HIS D 387 -10.55 11.24 11.98
CA HIS D 387 -10.29 12.58 11.46
C HIS D 387 -9.86 12.64 10.00
N HIS D 388 -10.23 11.62 9.23
CA HIS D 388 -10.04 11.57 7.78
C HIS D 388 -10.34 12.91 7.09
N ASP D 389 -11.41 13.56 7.55
CA ASP D 389 -11.95 14.70 6.84
C ASP D 389 -11.09 15.94 7.02
N LYS D 390 -10.06 15.83 7.85
CA LYS D 390 -9.01 16.84 7.91
C LYS D 390 -8.14 16.82 6.64
N LEU D 391 -8.09 15.67 5.97
CA LEU D 391 -7.30 15.55 4.75
C LEU D 391 -8.14 15.65 3.48
N THR D 392 -9.46 15.65 3.62
CA THR D 392 -10.30 15.59 2.42
C THR D 392 -11.04 16.89 2.22
N PHE D 393 -11.15 17.67 3.28
CA PHE D 393 -11.89 18.92 3.26
C PHE D 393 -11.34 19.86 2.18
N GLY D 394 -10.03 19.89 2.03
CA GLY D 394 -9.39 20.85 1.17
C GLY D 394 -9.83 20.83 -0.28
N ILE D 395 -10.31 19.68 -0.75
CA ILE D 395 -10.76 19.60 -2.14
C ILE D 395 -12.05 20.38 -2.31
N LEU D 396 -12.85 20.46 -1.25
CA LEU D 396 -14.07 21.27 -1.26
C LEU D 396 -13.89 22.74 -1.67
N TYR D 397 -12.89 23.44 -1.12
CA TYR D 397 -12.78 24.87 -1.39
C TYR D 397 -11.58 25.23 -2.26
N ASN D 398 -10.89 24.23 -2.77
CA ASN D 398 -9.68 24.43 -3.58
C ASN D 398 -9.91 25.30 -4.82
N TYR D 399 -11.13 25.26 -5.36
CA TYR D 399 -11.41 25.98 -6.59
C TYR D 399 -11.90 27.41 -6.37
N THR D 400 -11.80 27.90 -5.13
CA THR D 400 -12.20 29.28 -4.82
C THR D 400 -11.04 30.25 -4.74
N GLU D 401 -9.82 29.74 -4.78
CA GLU D 401 -8.62 30.57 -4.69
C GLU D 401 -7.55 29.80 -5.43
N ASN D 402 -6.57 30.50 -5.99
CA ASN D 402 -5.39 29.85 -6.54
C ASN D 402 -4.40 29.70 -5.41
N PHE D 403 -4.30 28.50 -4.87
CA PHE D 403 -3.65 28.34 -3.58
C PHE D 403 -2.16 28.06 -3.60
N VAL D 404 -1.45 28.58 -2.62
CA VAL D 404 -0.13 28.07 -2.29
C VAL D 404 -0.26 27.28 -0.96
N LEU D 405 0.28 26.07 -0.92
CA LEU D 405 0.27 25.29 0.33
C LEU D 405 1.53 25.64 1.11
N PRO D 406 1.36 26.35 2.23
CA PRO D 406 2.55 26.94 2.85
C PRO D 406 2.97 26.29 4.15
N LEU D 407 4.15 25.69 4.17
CA LEU D 407 4.83 25.40 5.44
C LEU D 407 5.82 26.55 5.71
N SER D 408 5.30 27.65 6.25
CA SER D 408 6.02 28.91 6.40
C SER D 408 6.66 29.16 7.75
N HIS D 409 7.41 30.26 7.83
CA HIS D 409 8.20 30.57 9.01
C HIS D 409 7.31 30.71 10.21
N ASP D 410 6.09 31.21 10.00
CA ASP D 410 5.17 31.45 11.09
C ASP D 410 4.74 30.17 11.85
N GLU D 411 4.93 29.00 11.26
CA GLU D 411 4.53 27.78 11.95
C GLU D 411 5.66 27.17 12.76
N VAL D 412 6.88 27.65 12.59
CA VAL D 412 8.00 27.05 13.32
C VAL D 412 8.68 28.00 14.31
N VAL D 413 7.88 28.78 15.03
CA VAL D 413 8.40 29.73 16.03
C VAL D 413 7.46 29.82 17.22
N HIS D 414 7.80 30.69 18.18
CA HIS D 414 6.94 30.96 19.33
C HIS D 414 6.41 29.70 20.02
N GLY D 415 7.24 28.68 20.13
CA GLY D 415 6.82 27.51 20.86
C GLY D 415 5.80 26.70 20.10
N LYS D 416 5.80 26.80 18.78
CA LYS D 416 4.92 25.96 17.97
C LYS D 416 5.65 24.68 17.58
N LYS D 417 6.93 24.61 17.91
CA LYS D 417 7.83 23.49 17.55
C LYS D 417 8.12 23.47 16.07
N SER D 418 9.13 22.71 15.69
CA SER D 418 9.45 22.47 14.29
C SER D 418 8.45 21.48 13.71
N ILE D 419 8.47 21.33 12.38
CA ILE D 419 7.55 20.40 11.71
C ILE D 419 7.76 18.96 12.23
N LEU D 420 9.00 18.49 12.15
CA LEU D 420 9.42 17.22 12.75
C LEU D 420 8.88 16.96 14.18
N ASP D 421 8.96 17.95 15.06
CA ASP D 421 8.59 17.76 16.46
C ASP D 421 7.07 17.62 16.68
N ARG D 422 6.28 17.84 15.63
CA ARG D 422 4.83 17.60 15.67
C ARG D 422 4.50 16.13 15.41
N MET D 423 5.42 15.42 14.79
CA MET D 423 5.13 14.04 14.41
C MET D 423 5.07 13.07 15.61
N PRO D 424 4.10 12.16 15.57
CA PRO D 424 3.90 11.15 16.61
C PRO D 424 4.84 9.94 16.47
N GLY D 425 5.16 9.31 17.60
CA GLY D 425 5.81 8.00 17.58
C GLY D 425 7.30 7.99 17.87
N ASP D 426 7.93 6.86 17.56
CA ASP D 426 9.35 6.71 17.80
C ASP D 426 10.11 7.42 16.71
N ALA D 427 11.41 7.60 16.90
CA ALA D 427 12.24 8.39 16.00
C ALA D 427 11.98 8.03 14.53
N TRP D 428 12.15 6.77 14.17
CA TRP D 428 11.92 6.32 12.80
C TRP D 428 10.54 6.71 12.30
N GLN D 429 9.55 6.56 13.17
CA GLN D 429 8.19 6.89 12.78
C GLN D 429 8.02 8.38 12.52
N LYS D 430 8.74 9.18 13.33
CA LYS D 430 8.66 10.62 13.22
C LYS D 430 9.11 11.08 11.86
N PHE D 431 10.21 10.51 11.36
CA PHE D 431 10.66 10.88 10.04
C PHE D 431 9.74 10.30 9.00
N ALA D 432 9.18 9.15 9.29
CA ALA D 432 8.33 8.47 8.36
C ALA D 432 7.08 9.31 8.09
N ASN D 433 6.48 9.82 9.16
CA ASN D 433 5.36 10.73 9.05
C ASN D 433 5.67 11.97 8.20
N LEU D 434 6.83 12.56 8.46
CA LEU D 434 7.24 13.78 7.80
C LEU D 434 7.38 13.55 6.29
N ARG D 435 8.19 12.55 5.94
CA ARG D 435 8.38 12.17 4.55
C ARG D 435 7.04 11.89 3.86
N ALA D 436 6.11 11.28 4.58
CA ALA D 436 4.82 10.94 4.01
C ALA D 436 4.07 12.22 3.83
N TYR D 437 4.15 13.08 4.83
CA TYR D 437 3.42 14.32 4.79
C TYR D 437 3.89 15.16 3.61
N TYR D 438 5.19 15.19 3.34
CA TYR D 438 5.70 15.83 2.13
C TYR D 438 5.19 15.19 0.84
N GLY D 439 5.22 13.86 0.75
CA GLY D 439 4.76 13.17 -0.44
C GLY D 439 3.36 13.60 -0.84
N TRP D 440 2.52 13.77 0.18
CA TRP D 440 1.14 14.17 0.00
C TRP D 440 1.09 15.65 -0.43
N MET D 441 1.84 16.48 0.28
CA MET D 441 1.88 17.89 0.02
C MET D 441 2.22 18.19 -1.46
N TRP D 442 3.25 17.56 -1.98
CA TRP D 442 3.70 17.87 -3.34
C TRP D 442 2.74 17.30 -4.37
N ALA D 443 1.87 16.37 -3.97
CA ALA D 443 0.90 15.81 -4.89
C ALA D 443 -0.44 16.55 -4.85
N PHE D 444 -0.72 17.17 -3.71
CA PHE D 444 -1.98 17.84 -3.51
C PHE D 444 -2.06 19.13 -4.32
N PRO D 445 -3.24 19.46 -4.86
CA PRO D 445 -3.34 20.66 -5.68
C PRO D 445 -2.95 21.90 -4.93
N GLY D 446 -2.21 22.78 -5.61
CA GLY D 446 -1.80 24.03 -5.03
C GLY D 446 -0.31 24.10 -5.25
N LYS D 447 0.22 25.31 -5.45
CA LYS D 447 1.67 25.49 -5.55
C LYS D 447 2.34 25.15 -4.23
N LYS D 448 3.66 24.99 -4.26
CA LYS D 448 4.37 24.55 -3.06
C LYS D 448 5.30 25.62 -2.42
N LEU D 449 5.30 25.65 -1.10
CA LEU D 449 6.14 26.60 -0.38
C LEU D 449 6.69 25.98 0.87
N LEU D 450 8.01 25.92 0.95
CA LEU D 450 8.65 25.31 2.10
C LEU D 450 9.67 26.27 2.74
N PHE D 451 9.54 26.48 4.05
CA PHE D 451 10.49 27.36 4.76
C PHE D 451 11.82 26.65 5.10
N MET D 452 12.92 27.40 4.95
CA MET D 452 14.28 26.89 5.13
C MET D 452 14.45 26.15 6.47
N GLY D 453 15.20 25.05 6.43
CA GLY D 453 15.30 24.19 7.57
C GLY D 453 14.30 23.04 7.51
N ASN D 454 13.11 23.27 6.97
CA ASN D 454 12.13 22.19 6.89
C ASN D 454 12.59 21.11 5.94
N GLU D 455 13.47 21.50 5.03
CA GLU D 455 13.91 20.61 3.96
C GLU D 455 14.82 19.54 4.48
N PHE D 456 15.46 19.78 5.62
CA PHE D 456 16.27 18.72 6.24
C PHE D 456 15.74 18.33 7.60
N ALA D 457 14.56 18.89 7.91
CA ALA D 457 13.79 18.50 9.07
C ALA D 457 14.54 18.87 10.33
N GLN D 458 14.71 20.15 10.53
CA GLN D 458 15.37 20.67 11.71
C GLN D 458 14.57 20.32 12.95
N GLY D 459 15.28 19.88 14.00
CA GLY D 459 14.63 19.60 15.25
C GLY D 459 14.23 20.86 16.00
N ARG D 460 15.14 21.82 16.11
CA ARG D 460 14.86 23.04 16.86
C ARG D 460 13.98 24.03 16.09
N GLU D 461 13.28 24.88 16.83
CA GLU D 461 12.55 25.95 16.19
C GLU D 461 13.47 26.89 15.44
N TRP D 462 12.90 27.69 14.55
CA TRP D 462 13.69 28.62 13.77
C TRP D 462 14.11 29.76 14.67
N ASN D 463 15.40 30.08 14.63
CA ASN D 463 15.97 31.17 15.41
C ASN D 463 16.63 32.20 14.48
N HIS D 464 15.99 33.36 14.34
CA HIS D 464 16.48 34.41 13.45
C HIS D 464 17.81 34.96 13.91
N ASP D 465 18.22 34.59 15.14
CA ASP D 465 19.42 35.11 15.73
C ASP D 465 20.58 34.15 15.54
N ALA D 466 20.29 32.96 15.05
CA ALA D 466 21.36 31.99 14.79
C ALA D 466 21.26 31.51 13.35
N SER D 467 22.17 30.62 12.97
CA SER D 467 22.13 29.94 11.69
C SER D 467 21.18 28.74 11.76
N LEU D 468 20.79 28.20 10.61
CA LEU D 468 20.00 26.95 10.64
C LEU D 468 20.92 25.85 11.16
N ASP D 469 20.33 24.74 11.63
CA ASP D 469 21.13 23.69 12.24
C ASP D 469 21.78 22.72 11.24
N TRP D 470 22.66 23.26 10.41
CA TRP D 470 23.41 22.47 9.42
C TRP D 470 24.25 21.36 10.02
N HIS D 471 24.62 21.49 11.30
CA HIS D 471 25.40 20.43 11.94
C HIS D 471 24.67 19.08 11.90
N LEU D 472 23.34 19.10 11.89
CA LEU D 472 22.54 17.89 11.70
C LEU D 472 22.95 17.12 10.43
N LEU D 473 23.48 17.82 9.43
CA LEU D 473 23.92 17.16 8.19
C LEU D 473 25.38 16.75 8.24
N GLU D 474 25.97 16.89 9.43
CA GLU D 474 27.35 16.47 9.61
C GLU D 474 27.43 14.97 9.78
N GLY D 475 28.52 14.40 9.28
CA GLY D 475 28.85 13.02 9.57
C GLY D 475 28.11 12.00 8.74
N GLY D 476 27.86 10.86 9.36
CA GLY D 476 27.27 9.72 8.69
C GLY D 476 25.92 10.07 8.12
N ASP D 477 25.65 9.57 6.92
CA ASP D 477 24.36 9.76 6.30
C ASP D 477 23.25 9.38 7.24
N ASN D 478 22.44 10.34 7.65
CA ASN D 478 21.39 10.09 8.60
C ASN D 478 20.00 10.49 8.11
N TRP D 479 19.02 10.39 9.01
CA TRP D 479 17.61 10.64 8.72
C TRP D 479 17.33 12.04 8.15
N HIS D 480 18.17 13.00 8.51
CA HIS D 480 18.01 14.35 8.02
C HIS D 480 18.48 14.45 6.59
N HIS D 481 19.47 13.64 6.22
CA HIS D 481 19.90 13.55 4.83
C HIS D 481 18.75 12.92 4.04
N GLY D 482 18.09 11.95 4.67
CA GLY D 482 16.94 11.28 4.10
C GLY D 482 15.88 12.28 3.66
N VAL D 483 15.45 13.12 4.59
CA VAL D 483 14.45 14.14 4.33
C VAL D 483 14.88 15.10 3.25
N GLN D 484 16.13 15.55 3.30
CA GLN D 484 16.68 16.47 2.31
C GLN D 484 16.66 15.91 0.89
N ARG D 485 17.08 14.65 0.70
CA ARG D 485 17.09 14.05 -0.63
C ARG D 485 15.69 13.82 -1.19
N LEU D 486 14.71 13.59 -0.31
CA LEU D 486 13.33 13.41 -0.75
C LEU D 486 12.76 14.71 -1.26
N VAL D 487 12.97 15.80 -0.51
CA VAL D 487 12.57 17.13 -0.97
C VAL D 487 13.13 17.46 -2.38
N ARG D 488 14.41 17.20 -2.62
CA ARG D 488 14.97 17.38 -3.96
C ARG D 488 14.24 16.51 -4.98
N ASP D 489 13.99 15.25 -4.61
CA ASP D 489 13.40 14.26 -5.52
C ASP D 489 11.93 14.62 -5.79
N LEU D 490 11.22 15.01 -4.74
CA LEU D 490 9.88 15.55 -4.86
C LEU D 490 9.90 16.72 -5.88
N ASN D 491 10.67 17.77 -5.59
CA ASN D 491 10.79 18.92 -6.49
C ASN D 491 11.04 18.55 -7.95
N LEU D 492 11.98 17.66 -8.19
CA LEU D 492 12.34 17.31 -9.56
C LEU D 492 11.22 16.54 -10.27
N THR D 493 10.62 15.59 -9.58
CA THR D 493 9.57 14.74 -10.15
C THR D 493 8.32 15.56 -10.35
N TYR D 494 7.98 16.40 -9.36
CA TYR D 494 6.90 17.35 -9.47
C TYR D 494 7.05 18.22 -10.71
N ARG D 495 8.25 18.70 -10.95
CA ARG D 495 8.50 19.53 -12.13
C ARG D 495 8.44 18.73 -13.42
N HIS D 496 8.96 17.50 -13.41
CA HIS D 496 9.07 16.70 -14.63
C HIS D 496 7.73 16.21 -15.19
N HIS D 497 6.72 16.04 -14.35
CA HIS D 497 5.45 15.45 -14.78
C HIS D 497 4.36 16.49 -14.74
N LYS D 498 3.90 16.90 -15.92
CA LYS D 498 2.89 17.94 -16.06
C LYS D 498 1.65 17.67 -15.17
N ALA D 499 1.28 16.39 -15.04
CA ALA D 499 0.14 16.04 -14.24
C ALA D 499 0.23 16.56 -12.82
N MET D 500 1.46 16.67 -12.30
CA MET D 500 1.67 17.16 -10.93
C MET D 500 1.38 18.65 -10.73
N HIS D 501 1.28 19.41 -11.82
CA HIS D 501 1.18 20.85 -11.67
C HIS D 501 0.38 21.58 -12.72
N GLU D 502 0.10 20.94 -13.82
CA GLU D 502 -0.41 21.68 -14.97
C GLU D 502 -1.83 22.17 -14.75
N LEU D 503 -2.58 21.49 -13.90
CA LEU D 503 -4.00 21.76 -13.79
C LEU D 503 -4.49 21.85 -12.34
N ASP D 504 -3.70 22.45 -11.44
CA ASP D 504 -4.04 22.55 -10.02
C ASP D 504 -5.40 23.24 -9.76
N PHE D 505 -5.85 24.07 -10.69
CA PHE D 505 -7.00 24.95 -10.45
C PHE D 505 -8.23 24.61 -11.28
N ASP D 506 -8.23 23.40 -11.79
CA ASP D 506 -9.27 22.91 -12.66
C ASP D 506 -9.65 21.54 -12.07
N PRO D 507 -10.95 21.32 -11.85
CA PRO D 507 -11.43 20.05 -11.28
C PRO D 507 -10.94 18.83 -12.08
N TYR D 508 -10.81 18.99 -13.39
CA TYR D 508 -10.26 17.92 -14.22
C TYR D 508 -8.91 17.38 -13.72
N GLY D 509 -8.13 18.22 -13.06
CA GLY D 509 -6.76 17.85 -12.68
C GLY D 509 -6.64 16.94 -11.48
N PHE D 510 -7.74 16.76 -10.73
CA PHE D 510 -7.79 15.92 -9.53
C PHE D 510 -9.07 15.03 -9.45
N GLU D 511 -8.90 13.77 -9.08
CA GLU D 511 -10.02 12.86 -8.87
C GLU D 511 -9.68 11.90 -7.77
N TRP D 512 -10.60 11.75 -6.82
CA TRP D 512 -10.43 10.73 -5.78
C TRP D 512 -10.57 9.34 -6.41
N LEU D 513 -9.70 8.40 -6.03
CA LEU D 513 -9.88 6.99 -6.39
C LEU D 513 -10.36 6.25 -5.15
N VAL D 514 -9.77 6.56 -4.02
CA VAL D 514 -10.23 6.00 -2.75
C VAL D 514 -10.30 7.12 -1.72
N VAL D 515 -11.50 7.59 -1.42
CA VAL D 515 -11.63 8.73 -0.53
C VAL D 515 -12.22 8.36 0.81
N ASP D 516 -12.69 7.13 0.94
CA ASP D 516 -13.48 6.77 2.13
C ASP D 516 -12.84 5.82 3.14
N ASP D 517 -11.62 5.33 2.88
CA ASP D 517 -11.00 4.32 3.75
C ASP D 517 -10.53 4.95 5.06
N LYS D 518 -11.48 5.30 5.92
CA LYS D 518 -11.15 5.94 7.18
C LYS D 518 -10.36 4.98 8.10
N GLU D 519 -10.87 3.76 8.28
CA GLU D 519 -10.27 2.79 9.20
C GLU D 519 -8.79 2.59 8.91
N ARG D 520 -8.40 2.47 7.65
CA ARG D 520 -6.99 2.27 7.31
C ARG D 520 -6.16 3.55 7.13
N SER D 521 -6.84 4.71 7.13
CA SER D 521 -6.18 5.99 6.86
C SER D 521 -5.36 5.92 5.58
N VAL D 522 -5.96 5.31 4.57
CA VAL D 522 -5.37 5.21 3.25
C VAL D 522 -6.17 6.11 2.31
N LEU D 523 -5.48 6.98 1.57
CA LEU D 523 -6.17 7.91 0.67
C LEU D 523 -5.48 7.90 -0.67
N ILE D 524 -6.27 7.81 -1.72
CA ILE D 524 -5.69 7.64 -3.03
C ILE D 524 -6.37 8.54 -4.02
N PHE D 525 -5.57 9.27 -4.79
CA PHE D 525 -6.15 10.17 -5.77
C PHE D 525 -5.30 10.19 -7.02
N VAL D 526 -5.88 10.77 -8.06
CA VAL D 526 -5.19 10.86 -9.31
C VAL D 526 -4.96 12.34 -9.67
N ARG D 527 -3.80 12.64 -10.24
CA ARG D 527 -3.58 13.99 -10.75
C ARG D 527 -3.53 13.81 -12.26
N ARG D 528 -4.02 14.81 -13.00
CA ARG D 528 -4.26 14.64 -14.43
C ARG D 528 -3.77 15.87 -15.21
N ASP D 529 -2.99 15.63 -16.28
CA ASP D 529 -2.50 16.70 -17.15
C ASP D 529 -3.45 17.00 -18.31
N LYS D 530 -3.22 18.08 -19.03
CA LYS D 530 -4.05 18.47 -20.19
C LYS D 530 -4.34 17.32 -21.15
N GLU D 531 -3.32 16.52 -21.41
CA GLU D 531 -3.42 15.45 -22.37
C GLU D 531 -4.21 14.27 -21.82
N GLY D 532 -4.69 14.40 -20.59
CA GLY D 532 -5.44 13.33 -19.95
C GLY D 532 -4.61 12.27 -19.24
N ASN D 533 -3.28 12.32 -19.37
CA ASN D 533 -2.39 11.43 -18.60
C ASN D 533 -2.59 11.54 -17.10
N GLU D 534 -2.46 10.43 -16.39
CA GLU D 534 -2.75 10.40 -14.97
C GLU D 534 -1.57 9.86 -14.21
N ILE D 535 -1.31 10.40 -13.03
CA ILE D 535 -0.49 9.65 -12.10
C ILE D 535 -1.25 9.33 -10.80
N ILE D 536 -1.04 8.11 -10.31
CA ILE D 536 -1.75 7.66 -9.13
C ILE D 536 -0.95 8.03 -7.90
N VAL D 537 -1.62 8.67 -6.95
CA VAL D 537 -1.01 9.06 -5.67
C VAL D 537 -1.66 8.30 -4.50
N ALA D 538 -0.86 7.57 -3.71
CA ALA D 538 -1.41 6.77 -2.61
C ALA D 538 -0.66 6.96 -1.30
N SER D 539 -1.40 7.35 -0.25
CA SER D 539 -0.78 7.55 1.07
C SER D 539 -1.31 6.61 2.11
N ASN D 540 -0.40 6.11 2.94
CA ASN D 540 -0.72 5.24 4.07
C ASN D 540 -0.29 5.94 5.34
N PHE D 541 -1.23 6.43 6.14
CA PHE D 541 -0.89 7.22 7.32
C PHE D 541 -0.94 6.43 8.63
N THR D 542 -0.78 5.11 8.53
CA THR D 542 -0.56 4.29 9.72
C THR D 542 0.72 3.49 9.44
N PRO D 543 1.38 3.00 10.51
CA PRO D 543 2.57 2.15 10.36
C PRO D 543 2.29 0.70 9.98
N VAL D 544 1.05 0.42 9.57
CA VAL D 544 0.62 -0.91 9.18
C VAL D 544 0.77 -1.07 7.68
N PRO D 545 1.82 -1.79 7.26
CA PRO D 545 2.06 -2.00 5.82
C PRO D 545 0.84 -2.68 5.22
N ARG D 546 0.46 -2.27 4.01
CA ARG D 546 -0.71 -2.84 3.35
C ARG D 546 -0.29 -3.68 2.14
N HIS D 547 -0.78 -4.91 2.08
CA HIS D 547 -0.46 -5.78 0.96
C HIS D 547 -1.72 -6.06 0.20
N ASP D 548 -1.59 -6.28 -1.10
CA ASP D 548 -2.73 -6.61 -1.95
C ASP D 548 -3.92 -5.66 -1.77
N TYR D 549 -3.62 -4.36 -1.69
CA TYR D 549 -4.65 -3.35 -1.52
C TYR D 549 -5.18 -3.06 -2.89
N ARG D 550 -6.44 -3.42 -3.11
CA ARG D 550 -7.03 -3.29 -4.43
C ARG D 550 -7.84 -2.00 -4.51
N PHE D 551 -7.66 -1.25 -5.60
CA PHE D 551 -8.50 -0.09 -5.85
C PHE D 551 -8.77 0.08 -7.32
N GLY D 552 -9.95 0.58 -7.63
CA GLY D 552 -10.33 0.88 -9.00
C GLY D 552 -9.50 2.02 -9.57
N ILE D 553 -9.09 1.87 -10.83
CA ILE D 553 -8.37 2.92 -11.52
C ILE D 553 -9.12 3.31 -12.79
N ASN D 554 -8.52 4.18 -13.61
CA ASN D 554 -9.19 4.68 -14.80
C ASN D 554 -8.57 4.22 -16.08
N GLN D 555 -7.25 4.01 -16.06
CA GLN D 555 -6.54 3.65 -17.27
C GLN D 555 -5.83 2.32 -17.13
N PRO D 556 -6.45 1.23 -17.59
CA PRO D 556 -5.78 -0.06 -17.51
C PRO D 556 -4.41 -0.01 -18.18
N GLY D 557 -3.48 -0.79 -17.66
CA GLY D 557 -2.17 -0.91 -18.27
C GLY D 557 -1.13 -1.31 -17.25
N LYS D 558 0.11 -0.94 -17.53
CA LYS D 558 1.23 -1.23 -16.64
C LYS D 558 1.61 -0.02 -15.80
N TRP D 559 1.62 -0.18 -14.47
CA TRP D 559 1.96 0.95 -13.59
C TRP D 559 3.26 0.72 -12.86
N ARG D 560 3.93 1.82 -12.52
CA ARG D 560 5.26 1.79 -11.95
C ARG D 560 5.43 2.96 -10.97
N GLU D 561 6.08 2.71 -9.83
CA GLU D 561 6.42 3.76 -8.87
C GLU D 561 7.44 4.73 -9.46
N ILE D 562 7.18 6.03 -9.31
CA ILE D 562 8.19 7.05 -9.61
C ILE D 562 8.60 7.86 -8.37
N LEU D 563 7.93 7.59 -7.25
CA LEU D 563 8.25 8.17 -5.98
C LEU D 563 7.71 7.32 -4.82
N ASN D 564 8.55 7.06 -3.83
CA ASN D 564 8.14 6.27 -2.69
C ASN D 564 8.85 6.80 -1.46
N THR D 565 8.13 7.47 -0.58
CA THR D 565 8.79 8.02 0.59
C THR D 565 9.35 6.97 1.56
N ASP D 566 9.03 5.69 1.36
CA ASP D 566 9.54 4.63 2.22
C ASP D 566 10.81 3.99 1.68
N SER D 567 11.35 4.54 0.58
CA SER D 567 12.56 3.99 0.00
C SER D 567 13.76 3.98 0.95
N MET D 568 14.66 3.03 0.71
CA MET D 568 15.96 2.92 1.37
C MET D 568 16.71 4.24 1.28
N HIS D 569 16.60 4.87 0.09
CA HIS D 569 17.25 6.12 -0.23
C HIS D 569 16.94 7.21 0.81
N TYR D 570 15.77 7.15 1.43
CA TYR D 570 15.43 8.14 2.44
C TYR D 570 15.47 7.59 3.85
N HIS D 571 15.95 6.34 3.99
CA HIS D 571 16.00 5.60 5.26
C HIS D 571 14.62 5.12 5.71
N GLY D 572 13.77 4.88 4.72
CA GLY D 572 12.49 4.22 4.96
C GLY D 572 12.74 2.73 5.06
N SER D 573 11.69 1.93 5.17
CA SER D 573 11.93 0.50 5.42
C SER D 573 12.18 -0.22 4.10
N ASN D 574 12.08 0.53 3.01
CA ASN D 574 12.20 -0.03 1.65
C ASN D 574 11.10 -0.97 1.14
N ALA D 575 9.88 -0.79 1.66
CA ALA D 575 8.74 -1.52 1.14
C ALA D 575 8.23 -0.85 -0.12
N GLY D 576 7.73 -1.65 -1.05
CA GLY D 576 7.15 -1.15 -2.26
C GLY D 576 6.68 -2.25 -3.17
N ASN D 577 6.40 -1.87 -4.42
CA ASN D 577 5.85 -2.78 -5.40
C ASN D 577 6.89 -3.57 -6.22
N GLY D 578 8.14 -3.12 -6.18
CA GLY D 578 9.24 -3.90 -6.70
C GLY D 578 9.17 -4.14 -8.19
N GLY D 579 8.79 -3.11 -8.93
CA GLY D 579 8.73 -3.19 -10.37
C GLY D 579 7.34 -2.84 -10.86
N THR D 580 7.08 -3.12 -12.13
CA THR D 580 5.77 -2.87 -12.70
C THR D 580 4.67 -3.74 -12.08
N VAL D 581 3.51 -3.14 -11.88
CA VAL D 581 2.31 -3.90 -11.56
C VAL D 581 1.30 -3.72 -12.70
N HIS D 582 0.83 -4.82 -13.30
CA HIS D 582 -0.27 -4.73 -14.27
C HIS D 582 -1.63 -4.63 -13.56
N SER D 583 -2.55 -3.88 -14.16
CA SER D 583 -3.90 -3.78 -13.65
C SER D 583 -4.70 -5.02 -14.03
N ASP D 584 -5.74 -5.34 -13.26
CA ASP D 584 -6.54 -6.52 -13.57
C ASP D 584 -7.95 -6.09 -14.02
N GLU D 585 -8.66 -6.95 -14.74
CA GLU D 585 -10.05 -6.61 -15.04
C GLU D 585 -10.93 -7.20 -13.94
N ILE D 586 -10.87 -6.55 -12.79
CA ILE D 586 -11.68 -6.90 -11.65
C ILE D 586 -12.25 -5.57 -11.19
N ALA D 587 -13.58 -5.47 -11.11
CA ALA D 587 -14.20 -4.24 -10.64
C ALA D 587 -13.73 -3.86 -9.26
N SER D 588 -13.77 -2.56 -8.97
CA SER D 588 -13.40 -2.03 -7.66
C SER D 588 -13.76 -0.56 -7.54
N HIS D 589 -14.34 -0.21 -6.40
CA HIS D 589 -14.73 1.18 -6.10
C HIS D 589 -15.63 1.84 -7.16
N GLY D 590 -16.30 1.05 -7.99
CA GLY D 590 -17.25 1.58 -8.96
C GLY D 590 -16.67 1.66 -10.35
N ARG D 591 -15.53 1.01 -10.55
CA ARG D 591 -14.78 1.15 -11.79
C ARG D 591 -14.46 -0.22 -12.37
N GLN D 592 -14.55 -0.33 -13.69
CA GLN D 592 -13.99 -1.49 -14.35
C GLN D 592 -12.50 -1.32 -14.14
N HIS D 593 -11.77 -2.42 -13.98
CA HIS D 593 -10.31 -2.35 -13.79
C HIS D 593 -9.80 -1.80 -12.46
N SER D 594 -8.77 -2.46 -11.95
CA SER D 594 -8.23 -2.17 -10.64
C SER D 594 -6.75 -2.50 -10.60
N LEU D 595 -6.12 -2.02 -9.54
CA LEU D 595 -4.72 -2.29 -9.28
C LEU D 595 -4.67 -2.90 -7.90
N SER D 596 -3.85 -3.91 -7.72
CA SER D 596 -3.68 -4.45 -6.39
C SER D 596 -2.23 -4.29 -6.04
N LEU D 597 -1.95 -3.57 -4.96
CA LEU D 597 -0.57 -3.32 -4.67
C LEU D 597 -0.22 -3.12 -3.21
N THR D 598 1.06 -2.82 -2.99
CA THR D 598 1.58 -2.67 -1.65
C THR D 598 1.71 -1.20 -1.30
N LEU D 599 1.06 -0.80 -0.22
CA LEU D 599 1.23 0.53 0.34
C LEU D 599 2.14 0.41 1.56
N PRO D 600 3.37 0.89 1.43
CA PRO D 600 4.35 0.96 2.52
C PRO D 600 3.76 1.70 3.70
N PRO D 601 4.20 1.37 4.93
CA PRO D 601 3.67 2.01 6.14
C PRO D 601 4.15 3.46 6.31
N LEU D 602 3.29 4.36 6.81
CA LEU D 602 3.69 5.74 7.05
C LEU D 602 4.40 6.34 5.82
N ALA D 603 3.79 6.17 4.65
CA ALA D 603 4.42 6.54 3.41
C ALA D 603 3.48 6.98 2.28
N THR D 604 3.98 7.79 1.35
CA THR D 604 3.27 7.99 0.11
C THR D 604 4.04 7.61 -1.16
N ILE D 605 3.28 7.17 -2.16
CA ILE D 605 3.84 6.71 -3.42
C ILE D 605 3.11 7.28 -4.62
N TRP D 606 3.85 7.60 -5.68
CA TRP D 606 3.25 8.13 -6.91
C TRP D 606 3.51 7.08 -7.97
N LEU D 607 2.50 6.85 -8.82
CA LEU D 607 2.60 5.84 -9.87
C LEU D 607 2.34 6.42 -11.27
N VAL D 608 3.24 6.13 -12.19
CA VAL D 608 3.00 6.50 -13.57
C VAL D 608 2.63 5.26 -14.38
N ARG D 609 1.89 5.47 -15.46
CA ARG D 609 1.50 4.40 -16.37
C ARG D 609 2.52 4.29 -17.49
N GLU D 610 3.02 3.09 -17.75
CA GLU D 610 4.00 2.89 -18.80
C GLU D 610 3.28 2.78 -20.11
N ALA D 611 3.90 3.29 -21.17
CA ALA D 611 3.31 3.24 -22.51
C ALA D 611 3.56 1.89 -23.17
N GLU D 612 2.51 1.36 -23.80
CA GLU D 612 2.51 0.04 -24.43
C GLU D 612 3.19 -0.04 -25.81
#